data_6WSI
#
_entry.id   6WSI
#
_cell.length_a   79.170
_cell.length_b   134.205
_cell.length_c   161.036
_cell.angle_alpha   90.000
_cell.angle_beta   90.000
_cell.angle_gamma   90.000
#
_symmetry.space_group_name_H-M   'P 21 21 21'
#
loop_
_entity.id
_entity.type
_entity.pdbx_description
1 polymer 'Isocitrate lyase'
2 non-polymer 'MAGNESIUM ION'
3 non-polymer 'GLYOXYLIC ACID'
4 non-polymer '(2R,3S)-oxirane-2,3-dicarboxylic acid'
5 non-polymer GLYCEROL
6 non-polymer DI(HYDROXYETHYL)ETHER
7 water water
#
_entity_poly.entity_id   1
_entity_poly.type   'polypeptide(L)'
_entity_poly.pdbx_seq_one_letter_code
;MSVVGTPKSAEQIQQEWDTNPRWKDVTRTYSAEDVVALQGSVVEEHTLARRGAEVLWEQLHDLEWVNALGALTGNMAVQQ
VRAGLKAIYLSGWQVAGDANLSGHTYPDQSLYPANSVPQVVRRINNALQRADQIAKIEGDTSVENWLAPIVADGEAGFGG
ALNVYELQKALIAAGVAGSHWEDQLASEKKCGHLGGKVLIPTQQHIRTLTSARLAADVADVPTVVIARTDAEAATLITSD
VDERDQPFITGERTREGFYRTKNGIEPCIARAKAYAPFADLIWMETGTPDLEAARQFSEAVKAEYPDQMLAYNCSPSFNW
KKHLDDATIAKFQKELAAMGFKFQFITLAGFHALNYSMFDLAYGYAQNQMSAYVELQEREFAAEERGYTATKHQREVGAG
YFDRIATTVDPNSSTTALTGSTEEGQFH
;
_entity_poly.pdbx_strand_id   A,B,C,D
#
# COMPACT_ATOMS: atom_id res chain seq x y z
N MET A 1 -31.00 -10.19 3.91
CA MET A 1 -31.88 -11.22 3.36
C MET A 1 -31.10 -12.43 2.81
N SER A 2 -30.47 -13.19 3.72
CA SER A 2 -29.53 -14.24 3.36
C SER A 2 -29.20 -15.03 4.61
N VAL A 3 -28.73 -16.26 4.41
CA VAL A 3 -28.17 -17.07 5.49
C VAL A 3 -26.66 -17.29 5.32
N VAL A 4 -26.07 -16.78 4.25
CA VAL A 4 -24.63 -16.88 4.05
C VAL A 4 -23.91 -16.14 5.19
N GLY A 5 -23.05 -16.88 5.90
CA GLY A 5 -22.29 -16.27 6.98
C GLY A 5 -23.03 -16.01 8.27
N THR A 6 -24.21 -16.62 8.47
CA THR A 6 -24.93 -16.46 9.73
C THR A 6 -24.08 -16.90 10.91
N PRO A 7 -23.99 -16.10 11.97
CA PRO A 7 -23.18 -16.53 13.12
C PRO A 7 -23.81 -17.69 13.87
N LYS A 8 -22.96 -18.43 14.57
CA LYS A 8 -23.41 -19.47 15.49
C LYS A 8 -24.09 -18.84 16.70
N SER A 9 -24.90 -19.65 17.39
CA SER A 9 -25.43 -19.21 18.66
C SER A 9 -24.38 -19.37 19.77
N ALA A 10 -24.56 -18.61 20.85
CA ALA A 10 -23.67 -18.76 22.00
C ALA A 10 -23.68 -20.19 22.51
N GLU A 11 -24.83 -20.87 22.44
CA GLU A 11 -24.91 -22.24 22.93
C GLU A 11 -24.04 -23.17 22.08
N GLN A 12 -24.05 -23.00 20.76
CA GLN A 12 -23.21 -23.84 19.91
C GLN A 12 -21.73 -23.61 20.19
N ILE A 13 -21.34 -22.33 20.36
CA ILE A 13 -19.94 -22.02 20.64
C ILE A 13 -19.52 -22.61 21.97
N GLN A 14 -20.34 -22.39 23.00
CA GLN A 14 -20.06 -22.97 24.32
C GLN A 14 -19.94 -24.48 24.24
N GLN A 15 -20.84 -25.14 23.50
CA GLN A 15 -20.80 -26.60 23.38
C GLN A 15 -19.49 -27.06 22.76
N GLU A 16 -18.99 -26.33 21.75
CA GLU A 16 -17.69 -26.68 21.17
C GLU A 16 -16.57 -26.53 22.20
N TRP A 17 -16.54 -25.40 22.91
CA TRP A 17 -15.49 -25.17 23.91
C TRP A 17 -15.51 -26.28 24.96
N ASP A 18 -16.69 -26.77 25.33
CA ASP A 18 -16.83 -27.76 26.38
C ASP A 18 -16.41 -29.15 25.94
N THR A 19 -16.52 -29.48 24.65
CA THR A 19 -16.37 -30.86 24.22
C THR A 19 -15.24 -31.11 23.24
N ASN A 20 -14.81 -30.12 22.47
CA ASN A 20 -13.77 -30.34 21.48
C ASN A 20 -12.41 -30.49 22.17
N PRO A 21 -11.69 -31.58 21.94
CA PRO A 21 -10.37 -31.75 22.59
C PRO A 21 -9.38 -30.64 22.27
N ARG A 22 -9.57 -29.89 21.16
CA ARG A 22 -8.71 -28.75 20.85
C ARG A 22 -8.65 -27.75 22.01
N TRP A 23 -9.71 -27.68 22.81
CA TRP A 23 -9.82 -26.68 23.88
C TRP A 23 -9.62 -27.26 25.27
N LYS A 24 -9.08 -28.47 25.39
CA LYS A 24 -8.76 -29.00 26.70
C LYS A 24 -7.68 -28.13 27.34
N ASP A 25 -7.92 -27.72 28.59
CA ASP A 25 -6.95 -26.91 29.35
C ASP A 25 -6.69 -25.55 28.70
N VAL A 26 -7.67 -25.00 27.99
CA VAL A 26 -7.63 -23.63 27.48
C VAL A 26 -8.56 -22.80 28.34
N THR A 27 -8.03 -21.77 28.99
CA THR A 27 -8.86 -20.88 29.79
C THR A 27 -9.31 -19.68 28.97
N ARG A 28 -10.61 -19.42 28.98
CA ARG A 28 -11.19 -18.20 28.43
C ARG A 28 -11.91 -17.47 29.55
N THR A 29 -11.43 -16.28 29.89
CA THR A 29 -12.05 -15.53 30.99
C THR A 29 -13.26 -14.72 30.54
N TYR A 30 -13.58 -14.72 29.25
CA TYR A 30 -14.82 -14.15 28.72
C TYR A 30 -15.77 -15.29 28.36
N SER A 31 -16.99 -14.93 27.97
CA SER A 31 -18.05 -15.91 27.75
C SER A 31 -18.35 -16.09 26.26
N ALA A 32 -19.08 -17.17 25.96
CA ALA A 32 -19.55 -17.38 24.59
C ALA A 32 -20.50 -16.28 24.15
N GLU A 33 -21.33 -15.75 25.05
CA GLU A 33 -22.21 -14.65 24.67
C GLU A 33 -21.42 -13.39 24.33
N ASP A 34 -20.31 -13.16 25.05
CA ASP A 34 -19.43 -12.04 24.72
C ASP A 34 -18.91 -12.13 23.28
N VAL A 35 -18.56 -13.34 22.84
CA VAL A 35 -18.05 -13.51 21.48
C VAL A 35 -19.13 -13.16 20.46
N VAL A 36 -20.32 -13.74 20.63
CA VAL A 36 -21.41 -13.49 19.68
C VAL A 36 -21.74 -12.00 19.60
N ALA A 37 -21.71 -11.31 20.75
CA ALA A 37 -22.04 -9.89 20.79
C ALA A 37 -21.12 -9.05 19.90
N LEU A 38 -19.90 -9.53 19.65
CA LEU A 38 -18.94 -8.78 18.84
C LEU A 38 -18.94 -9.19 17.37
N GLN A 39 -19.73 -10.19 16.97
CA GLN A 39 -19.64 -10.74 15.63
C GLN A 39 -20.57 -10.07 14.61
N GLY A 40 -21.36 -9.07 15.02
CA GLY A 40 -22.23 -8.49 13.99
C GLY A 40 -23.23 -9.54 13.48
N SER A 41 -23.75 -9.31 12.26
CA SER A 41 -24.76 -10.20 11.72
CA SER A 41 -24.77 -10.16 11.68
C SER A 41 -24.23 -11.15 10.66
N VAL A 42 -22.97 -11.00 10.25
CA VAL A 42 -22.34 -11.86 9.26
C VAL A 42 -20.91 -12.12 9.72
N VAL A 43 -20.49 -13.38 9.66
CA VAL A 43 -19.14 -13.78 10.01
C VAL A 43 -18.45 -14.24 8.72
N GLU A 44 -17.42 -13.50 8.29
CA GLU A 44 -16.64 -13.93 7.13
C GLU A 44 -15.94 -15.24 7.43
N GLU A 45 -15.97 -16.18 6.48
CA GLU A 45 -15.17 -17.38 6.62
C GLU A 45 -13.72 -17.07 6.24
N HIS A 46 -12.79 -17.60 7.02
CA HIS A 46 -11.35 -17.41 6.76
C HIS A 46 -10.75 -18.80 6.45
N THR A 47 -10.89 -19.22 5.20
CA THR A 47 -10.60 -20.60 4.81
C THR A 47 -9.15 -20.99 5.12
N LEU A 48 -8.19 -20.17 4.68
CA LEU A 48 -6.79 -20.56 4.87
C LEU A 48 -6.38 -20.49 6.34
N ALA A 49 -6.90 -19.51 7.10
CA ALA A 49 -6.65 -19.48 8.54
C ALA A 49 -7.22 -20.70 9.24
N ARG A 50 -8.43 -21.13 8.87
CA ARG A 50 -9.02 -22.33 9.47
C ARG A 50 -8.20 -23.56 9.13
N ARG A 51 -7.96 -23.79 7.85
CA ARG A 51 -7.22 -24.97 7.42
C ARG A 51 -5.81 -24.99 8.00
N GLY A 52 -5.11 -23.85 7.93
CA GLY A 52 -3.75 -23.80 8.46
C GLY A 52 -3.68 -24.14 9.95
N ALA A 53 -4.57 -23.54 10.74
CA ALA A 53 -4.57 -23.82 12.17
C ALA A 53 -4.92 -25.27 12.46
N GLU A 54 -5.86 -25.84 11.70
CA GLU A 54 -6.20 -27.25 11.93
C GLU A 54 -5.03 -28.16 11.57
N VAL A 55 -4.38 -27.92 10.44
CA VAL A 55 -3.24 -28.73 10.03
C VAL A 55 -2.10 -28.61 11.04
N LEU A 56 -1.83 -27.39 11.51
CA LEU A 56 -0.75 -27.17 12.47
C LEU A 56 -1.00 -27.93 13.77
N TRP A 57 -2.21 -27.81 14.32
CA TRP A 57 -2.53 -28.51 15.56
C TRP A 57 -2.35 -30.02 15.40
N GLU A 58 -2.81 -30.59 14.27
CA GLU A 58 -2.63 -32.02 14.07
C GLU A 58 -1.16 -32.39 13.91
N GLN A 59 -0.39 -31.60 13.16
CA GLN A 59 1.03 -31.90 12.98
C GLN A 59 1.77 -31.86 14.31
N LEU A 60 1.41 -30.92 15.19
CA LEU A 60 2.08 -30.82 16.49
C LEU A 60 1.86 -32.06 17.34
N HIS A 61 0.80 -32.83 17.08
CA HIS A 61 0.58 -34.07 17.81
C HIS A 61 1.02 -35.30 17.04
N ASP A 62 1.03 -35.26 15.70
CA ASP A 62 1.35 -36.45 14.91
C ASP A 62 2.82 -36.60 14.58
N LEU A 63 3.56 -35.50 14.43
CA LEU A 63 4.97 -35.58 14.05
C LEU A 63 5.84 -35.53 15.29
N GLU A 64 7.06 -36.06 15.15
CA GLU A 64 8.00 -36.02 16.27
C GLU A 64 8.24 -34.58 16.70
N TRP A 65 8.38 -33.67 15.73
CA TRP A 65 8.31 -32.24 15.98
C TRP A 65 8.09 -31.56 14.63
N VAL A 66 7.70 -30.29 14.69
CA VAL A 66 7.48 -29.46 13.49
C VAL A 66 8.59 -28.42 13.46
N ASN A 67 9.31 -28.35 12.34
CA ASN A 67 10.33 -27.30 12.26
C ASN A 67 10.09 -26.42 11.04
N ALA A 68 10.79 -25.29 11.01
CA ALA A 68 10.51 -24.24 10.03
C ALA A 68 11.74 -23.36 9.89
N LEU A 69 11.75 -22.58 8.81
CA LEU A 69 12.75 -21.54 8.57
C LEU A 69 12.02 -20.22 8.33
N GLY A 70 12.64 -19.11 8.75
CA GLY A 70 12.09 -17.81 8.46
C GLY A 70 11.96 -17.52 6.97
N ALA A 71 10.82 -16.99 6.54
CA ALA A 71 10.59 -16.66 5.14
C ALA A 71 10.14 -15.21 5.03
N LEU A 72 10.77 -14.44 4.15
CA LEU A 72 10.36 -13.05 3.97
C LEU A 72 9.86 -12.73 2.57
N THR A 73 9.87 -13.69 1.64
CA THR A 73 9.24 -13.51 0.33
C THR A 73 8.40 -14.73 0.01
N GLY A 74 7.49 -14.57 -0.95
CA GLY A 74 6.65 -15.69 -1.34
C GLY A 74 7.43 -16.84 -1.95
N ASN A 75 8.37 -16.52 -2.86
CA ASN A 75 9.20 -17.57 -3.45
C ASN A 75 9.98 -18.34 -2.38
N MET A 76 10.41 -17.64 -1.32
CA MET A 76 11.14 -18.32 -0.24
C MET A 76 10.30 -19.42 0.38
N ALA A 77 9.04 -19.13 0.69
CA ALA A 77 8.17 -20.13 1.28
C ALA A 77 7.92 -21.29 0.32
N VAL A 78 7.77 -20.99 -0.98
CA VAL A 78 7.57 -22.04 -1.97
C VAL A 78 8.74 -23.03 -1.95
N GLN A 79 9.99 -22.52 -1.91
CA GLN A 79 11.12 -23.43 -1.90
C GLN A 79 11.18 -24.23 -0.61
N GLN A 80 10.76 -23.63 0.51
CA GLN A 80 10.78 -24.37 1.77
C GLN A 80 9.86 -25.57 1.72
N VAL A 81 8.67 -25.39 1.13
CA VAL A 81 7.71 -26.49 1.05
C VAL A 81 8.17 -27.51 0.00
N ARG A 82 8.68 -27.04 -1.12
CA ARG A 82 9.21 -27.93 -2.15
C ARG A 82 10.32 -28.82 -1.59
N ALA A 83 11.14 -28.28 -0.70
CA ALA A 83 12.23 -29.05 -0.10
C ALA A 83 11.77 -29.98 1.02
N GLY A 84 10.50 -29.98 1.39
CA GLY A 84 9.96 -30.95 2.34
C GLY A 84 9.49 -30.39 3.68
N LEU A 85 9.60 -29.08 3.92
CA LEU A 85 9.19 -28.53 5.21
C LEU A 85 7.66 -28.46 5.29
N LYS A 86 7.14 -28.54 6.50
CA LYS A 86 5.70 -28.64 6.71
C LYS A 86 5.12 -27.46 7.48
N ALA A 87 5.91 -26.41 7.68
CA ALA A 87 5.42 -25.17 8.27
C ALA A 87 6.34 -24.05 7.79
N ILE A 88 5.82 -22.82 7.82
CA ILE A 88 6.56 -21.61 7.47
C ILE A 88 6.63 -20.74 8.71
N TYR A 89 7.81 -20.18 8.98
CA TYR A 89 7.96 -19.21 10.07
C TYR A 89 8.07 -17.81 9.49
N LEU A 90 7.25 -16.88 10.01
CA LEU A 90 7.25 -15.49 9.54
C LEU A 90 7.87 -14.59 10.61
N SER A 91 9.14 -14.24 10.41
CA SER A 91 9.94 -13.47 11.35
C SER A 91 9.64 -11.96 11.28
N GLY A 92 9.29 -11.36 12.42
CA GLY A 92 9.18 -9.91 12.49
C GLY A 92 10.51 -9.21 12.25
N TRP A 93 11.61 -9.80 12.76
CA TRP A 93 12.95 -9.28 12.51
C TRP A 93 13.21 -9.12 11.01
N GLN A 94 12.93 -10.18 10.23
CA GLN A 94 13.20 -10.12 8.79
C GLN A 94 12.31 -9.10 8.10
N VAL A 95 11.07 -8.97 8.56
CA VAL A 95 10.16 -7.97 8.03
C VAL A 95 10.70 -6.57 8.31
N ALA A 96 11.21 -6.35 9.52
CA ALA A 96 11.84 -5.06 9.82
C ALA A 96 13.03 -4.80 8.89
N GLY A 97 13.86 -5.81 8.66
CA GLY A 97 15.09 -5.61 7.91
C GLY A 97 14.93 -5.49 6.40
N ASP A 98 13.88 -6.10 5.82
CA ASP A 98 13.85 -6.19 4.36
C ASP A 98 12.47 -6.39 3.74
N ALA A 99 11.39 -6.25 4.50
CA ALA A 99 10.08 -6.52 3.90
C ALA A 99 8.91 -5.88 4.64
N ASN A 100 8.97 -4.60 4.92
CA ASN A 100 7.87 -3.98 5.64
C ASN A 100 7.32 -2.80 4.86
N LEU A 101 6.13 -2.35 5.26
CA LEU A 101 5.36 -1.40 4.46
C LEU A 101 5.89 0.04 4.52
N SER A 102 6.85 0.33 5.38
CA SER A 102 7.48 1.66 5.29
C SER A 102 8.46 1.76 4.13
N GLY A 103 8.96 0.62 3.63
CA GLY A 103 10.01 0.63 2.63
C GLY A 103 11.41 0.85 3.17
N HIS A 104 11.57 0.99 4.49
CA HIS A 104 12.86 1.24 5.10
C HIS A 104 13.45 -0.03 5.69
N THR A 105 14.78 -0.01 5.84
CA THR A 105 15.51 -1.03 6.59
C THR A 105 15.52 -0.65 8.07
N TYR A 106 14.99 -1.53 8.92
CA TYR A 106 14.94 -1.24 10.35
C TYR A 106 15.57 -2.35 11.17
N PRO A 107 16.18 -2.01 12.30
CA PRO A 107 16.44 -3.02 13.34
C PRO A 107 15.14 -3.44 14.03
N ASP A 108 15.26 -4.48 14.86
CA ASP A 108 14.10 -5.24 15.34
C ASP A 108 13.54 -4.61 16.61
N GLN A 109 12.83 -3.49 16.42
CA GLN A 109 12.38 -2.64 17.52
C GLN A 109 10.94 -2.14 17.35
N SER A 110 10.10 -2.93 16.66
CA SER A 110 8.70 -2.57 16.36
C SER A 110 8.59 -1.16 15.77
N LEU A 111 9.45 -0.89 14.77
CA LEU A 111 9.48 0.41 14.10
C LEU A 111 8.57 0.47 12.87
N TYR A 112 8.25 -0.68 12.25
CA TYR A 112 7.54 -0.71 10.99
C TYR A 112 6.02 -0.63 11.19
N PRO A 113 5.26 -0.35 10.14
CA PRO A 113 3.80 -0.24 10.28
C PRO A 113 3.15 -1.57 10.65
N ALA A 114 2.17 -1.51 11.55
CA ALA A 114 1.70 -2.71 12.22
C ALA A 114 0.95 -3.67 11.32
N ASN A 115 0.59 -3.30 10.09
CA ASN A 115 -0.01 -4.26 9.18
C ASN A 115 1.02 -4.92 8.26
N SER A 116 2.31 -4.78 8.55
CA SER A 116 3.33 -5.32 7.64
C SER A 116 3.36 -6.84 7.68
N VAL A 117 3.32 -7.45 8.87
CA VAL A 117 3.38 -8.91 8.91
C VAL A 117 2.12 -9.53 8.29
N PRO A 118 0.91 -9.02 8.56
CA PRO A 118 -0.27 -9.56 7.84
C PRO A 118 -0.12 -9.52 6.32
N GLN A 119 0.47 -8.44 5.77
CA GLN A 119 0.66 -8.38 4.31
C GLN A 119 1.59 -9.48 3.82
N VAL A 120 2.64 -9.81 4.60
CA VAL A 120 3.55 -10.88 4.20
C VAL A 120 2.88 -12.25 4.37
N VAL A 121 2.01 -12.41 5.38
CA VAL A 121 1.24 -13.66 5.50
C VAL A 121 0.42 -13.89 4.25
N ARG A 122 -0.28 -12.85 3.79
CA ARG A 122 -1.13 -12.97 2.60
C ARG A 122 -0.28 -13.28 1.37
N ARG A 123 0.88 -12.62 1.25
CA ARG A 123 1.80 -12.88 0.14
C ARG A 123 2.27 -14.33 0.14
N ILE A 124 2.69 -14.85 1.29
CA ILE A 124 3.17 -16.23 1.33
C ILE A 124 2.05 -17.19 0.93
N ASN A 125 0.83 -16.97 1.43
CA ASN A 125 -0.28 -17.85 1.06
C ASN A 125 -0.56 -17.76 -0.44
N ASN A 126 -0.52 -16.55 -1.02
CA ASN A 126 -0.71 -16.42 -2.46
C ASN A 126 0.34 -17.21 -3.23
N ALA A 127 1.60 -17.16 -2.78
CA ALA A 127 2.67 -17.84 -3.50
C ALA A 127 2.54 -19.36 -3.40
N LEU A 128 2.13 -19.85 -2.23
CA LEU A 128 1.88 -21.29 -2.08
C LEU A 128 0.67 -21.72 -2.92
N GLN A 129 -0.36 -20.87 -2.99
CA GLN A 129 -1.52 -21.19 -3.82
C GLN A 129 -1.15 -21.30 -5.28
N ARG A 130 -0.28 -20.40 -5.76
CA ARG A 130 0.19 -20.52 -7.14
C ARG A 130 0.98 -21.80 -7.38
N ALA A 131 1.88 -22.16 -6.45
CA ALA A 131 2.60 -23.42 -6.59
C ALA A 131 1.65 -24.59 -6.66
N ASP A 132 0.59 -24.56 -5.85
CA ASP A 132 -0.42 -25.61 -5.84
C ASP A 132 -1.20 -25.66 -7.15
N GLN A 133 -1.57 -24.48 -7.68
CA GLN A 133 -2.24 -24.40 -8.98
C GLN A 133 -1.39 -24.99 -10.08
N ILE A 134 -0.10 -24.62 -10.11
CA ILE A 134 0.80 -25.13 -11.15
C ILE A 134 0.94 -26.64 -11.04
N ALA A 135 1.16 -27.14 -9.82
CA ALA A 135 1.33 -28.58 -9.63
C ALA A 135 0.12 -29.35 -10.15
N LYS A 136 -1.09 -28.82 -9.93
CA LYS A 136 -2.32 -29.50 -10.34
C LYS A 136 -2.39 -29.65 -11.86
N ILE A 137 -2.11 -28.58 -12.61
CA ILE A 137 -2.16 -28.70 -14.06
C ILE A 137 -0.97 -29.48 -14.61
N GLU A 138 0.13 -29.58 -13.87
CA GLU A 138 1.28 -30.37 -14.31
C GLU A 138 1.18 -31.83 -13.88
N GLY A 139 0.17 -32.19 -13.09
CA GLY A 139 0.10 -33.55 -12.54
C GLY A 139 1.23 -33.88 -11.59
N ASP A 140 1.71 -32.89 -10.84
CA ASP A 140 2.84 -33.07 -9.93
C ASP A 140 2.29 -33.39 -8.55
N THR A 141 2.53 -34.61 -8.06
CA THR A 141 2.03 -35.07 -6.77
C THR A 141 3.13 -35.16 -5.72
N SER A 142 4.32 -34.62 -6.00
CA SER A 142 5.46 -34.81 -5.10
C SER A 142 5.30 -34.07 -3.77
N VAL A 143 4.51 -32.99 -3.73
CA VAL A 143 4.24 -32.27 -2.49
C VAL A 143 2.81 -32.57 -2.06
N GLU A 144 2.64 -33.13 -0.87
CA GLU A 144 1.30 -33.49 -0.42
C GLU A 144 0.48 -32.28 0.02
N ASN A 145 1.10 -31.27 0.64
CA ASN A 145 0.36 -30.11 1.14
C ASN A 145 1.14 -28.84 0.81
N TRP A 146 0.72 -28.14 -0.25
CA TRP A 146 1.41 -26.89 -0.60
C TRP A 146 1.09 -25.80 0.41
N LEU A 147 -0.09 -25.83 1.01
CA LEU A 147 -0.51 -24.79 1.95
C LEU A 147 -0.04 -25.15 3.35
N ALA A 148 1.27 -25.06 3.54
CA ALA A 148 1.87 -25.30 4.85
C ALA A 148 1.39 -24.24 5.83
N PRO A 149 1.14 -24.61 7.09
CA PRO A 149 0.73 -23.60 8.08
C PRO A 149 1.81 -22.55 8.31
N ILE A 150 1.37 -21.30 8.46
CA ILE A 150 2.24 -20.16 8.72
C ILE A 150 2.12 -19.79 10.19
N VAL A 151 3.25 -19.76 10.89
CA VAL A 151 3.34 -19.19 12.24
C VAL A 151 4.00 -17.83 12.13
N ALA A 152 3.31 -16.77 12.60
CA ALA A 152 3.73 -15.40 12.37
C ALA A 152 3.97 -14.63 13.66
N ASP A 153 4.80 -13.60 13.54
CA ASP A 153 5.32 -12.81 14.66
C ASP A 153 4.36 -11.66 14.96
N GLY A 154 3.74 -11.69 16.14
CA GLY A 154 2.88 -10.61 16.62
C GLY A 154 3.60 -9.59 17.47
N GLU A 155 4.91 -9.74 17.64
CA GLU A 155 5.78 -8.85 18.41
C GLU A 155 5.14 -8.59 19.77
N ALA A 156 5.15 -7.35 20.28
CA ALA A 156 4.52 -7.00 21.54
C ALA A 156 3.15 -6.36 21.33
N GLY A 157 2.54 -6.59 20.16
CA GLY A 157 1.19 -6.11 19.88
C GLY A 157 1.08 -4.68 19.36
N PHE A 158 2.18 -3.93 19.27
CA PHE A 158 2.16 -2.54 18.76
C PHE A 158 1.23 -1.64 19.56
N GLY A 159 1.17 -1.86 20.87
CA GLY A 159 0.40 -0.98 21.73
C GLY A 159 -0.31 -1.73 22.83
N GLY A 160 -1.61 -1.43 23.02
CA GLY A 160 -2.39 -2.05 24.07
C GLY A 160 -3.19 -3.23 23.56
N ALA A 161 -4.14 -3.66 24.40
CA ALA A 161 -4.93 -4.86 24.11
C ALA A 161 -5.71 -4.72 22.80
N LEU A 162 -6.11 -3.50 22.46
CA LEU A 162 -6.85 -3.30 21.20
C LEU A 162 -5.94 -3.37 19.98
N ASN A 163 -4.69 -2.92 20.11
CA ASN A 163 -3.73 -3.11 19.02
C ASN A 163 -3.42 -4.60 18.82
N VAL A 164 -3.30 -5.36 19.92
CA VAL A 164 -3.14 -6.81 19.81
C VAL A 164 -4.32 -7.42 19.05
N TYR A 165 -5.54 -7.04 19.45
CA TYR A 165 -6.74 -7.61 18.84
C TYR A 165 -6.76 -7.38 17.33
N GLU A 166 -6.46 -6.16 16.90
CA GLU A 166 -6.51 -5.84 15.47
C GLU A 166 -5.40 -6.55 14.70
N LEU A 167 -4.22 -6.70 15.31
CA LEU A 167 -3.15 -7.44 14.63
C LEU A 167 -3.51 -8.91 14.47
N GLN A 168 -4.05 -9.53 15.53
CA GLN A 168 -4.48 -10.92 15.39
C GLN A 168 -5.57 -11.06 14.32
N LYS A 169 -6.55 -10.16 14.34
CA LYS A 169 -7.60 -10.19 13.32
C LYS A 169 -7.01 -10.09 11.91
N ALA A 170 -6.06 -9.17 11.70
CA ALA A 170 -5.47 -9.00 10.38
C ALA A 170 -4.63 -10.22 9.98
N LEU A 171 -3.91 -10.84 10.93
CA LEU A 171 -3.16 -12.05 10.59
C LEU A 171 -4.11 -13.16 10.13
N ILE A 172 -5.25 -13.30 10.81
CA ILE A 172 -6.22 -14.31 10.45
C ILE A 172 -6.84 -14.03 9.08
N ALA A 173 -7.19 -12.77 8.81
CA ALA A 173 -7.75 -12.44 7.50
C ALA A 173 -6.76 -12.82 6.39
N ALA A 174 -5.47 -12.70 6.66
CA ALA A 174 -4.43 -13.05 5.69
C ALA A 174 -4.18 -14.54 5.59
N GLY A 175 -4.69 -15.36 6.52
CA GLY A 175 -4.53 -16.80 6.46
C GLY A 175 -3.51 -17.41 7.40
N VAL A 176 -3.18 -16.74 8.51
CA VAL A 176 -2.17 -17.28 9.43
C VAL A 176 -2.73 -18.52 10.13
N ALA A 177 -1.83 -19.44 10.49
CA ALA A 177 -2.17 -20.61 11.28
C ALA A 177 -1.91 -20.43 12.78
N GLY A 178 -0.87 -19.68 13.13
CA GLY A 178 -0.54 -19.43 14.53
C GLY A 178 0.17 -18.11 14.65
N SER A 179 0.17 -17.57 15.86
CA SER A 179 0.83 -16.27 16.09
C SER A 179 1.45 -16.26 17.48
N HIS A 180 2.55 -15.52 17.63
CA HIS A 180 3.23 -15.46 18.92
C HIS A 180 3.35 -14.03 19.43
N TRP A 181 3.31 -13.91 20.77
CA TRP A 181 3.13 -12.65 21.49
C TRP A 181 4.09 -12.66 22.68
N GLU A 182 4.87 -11.58 22.83
CA GLU A 182 5.96 -11.55 23.81
C GLU A 182 5.69 -10.51 24.90
N ASP A 183 6.26 -10.75 26.08
CA ASP A 183 5.93 -9.92 27.25
C ASP A 183 6.85 -8.71 27.37
N GLN A 184 7.13 -8.04 26.26
CA GLN A 184 7.91 -6.80 26.25
C GLN A 184 6.99 -5.59 26.14
N LEU A 185 7.49 -4.45 26.62
CA LEU A 185 6.84 -3.18 26.39
C LEU A 185 6.97 -2.83 24.92
N ALA A 186 5.84 -2.58 24.24
CA ALA A 186 5.88 -2.42 22.78
C ALA A 186 6.71 -1.21 22.37
N SER A 187 6.64 -0.12 23.14
CA SER A 187 7.37 1.10 22.78
C SER A 187 8.88 0.93 22.87
N GLU A 188 9.37 -0.11 23.54
CA GLU A 188 10.80 -0.36 23.66
C GLU A 188 11.17 -1.77 23.21
N LYS A 189 10.38 -2.34 22.30
CA LYS A 189 10.56 -3.73 21.88
C LYS A 189 11.95 -3.96 21.31
N LYS A 190 12.52 -5.12 21.62
CA LYS A 190 13.81 -5.53 21.06
C LYS A 190 13.72 -6.96 20.56
N CYS A 191 14.57 -7.28 19.58
CA CYS A 191 14.92 -8.68 19.36
C CYS A 191 15.37 -9.28 20.68
N GLY A 192 15.04 -10.55 20.92
CA GLY A 192 15.36 -11.15 22.20
C GLY A 192 16.84 -11.22 22.48
N HIS A 193 17.67 -11.11 21.44
CA HIS A 193 19.12 -11.19 21.59
C HIS A 193 19.78 -9.83 21.46
N LEU A 194 18.99 -8.76 21.52
CA LEU A 194 19.50 -7.41 21.73
C LEU A 194 19.32 -7.02 23.19
N GLY A 195 20.10 -6.02 23.61
CA GLY A 195 19.97 -5.51 24.96
C GLY A 195 18.86 -4.47 25.09
N GLY A 196 18.71 -3.96 26.30
CA GLY A 196 17.74 -2.89 26.54
C GLY A 196 16.29 -3.34 26.53
N LYS A 197 16.00 -4.52 27.06
CA LYS A 197 14.64 -5.04 27.04
C LYS A 197 13.91 -4.64 28.33
N VAL A 198 12.64 -4.30 28.17
CA VAL A 198 11.75 -3.91 29.27
C VAL A 198 10.55 -4.84 29.26
N LEU A 199 10.35 -5.59 30.35
CA LEU A 199 9.18 -6.46 30.46
C LEU A 199 7.95 -5.65 30.89
N ILE A 200 6.78 -6.23 30.65
CA ILE A 200 5.52 -5.71 31.21
C ILE A 200 5.04 -6.67 32.30
N PRO A 201 4.12 -6.26 33.18
CA PRO A 201 3.66 -7.16 34.25
C PRO A 201 3.08 -8.46 33.72
N THR A 202 3.20 -9.53 34.53
CA THR A 202 2.66 -10.84 34.13
C THR A 202 1.20 -10.71 33.72
N GLN A 203 0.39 -9.99 34.50
CA GLN A 203 -1.04 -9.93 34.17
C GLN A 203 -1.28 -9.17 32.87
N GLN A 204 -0.42 -8.21 32.54
CA GLN A 204 -0.57 -7.50 31.28
C GLN A 204 -0.37 -8.45 30.09
N HIS A 205 0.57 -9.40 30.21
CA HIS A 205 0.73 -10.32 29.09
C HIS A 205 -0.42 -11.34 29.02
N ILE A 206 -0.98 -11.72 30.17
CA ILE A 206 -2.19 -12.55 30.15
C ILE A 206 -3.32 -11.83 29.42
N ARG A 207 -3.42 -10.50 29.62
CA ARG A 207 -4.39 -9.71 28.86
CA ARG A 207 -4.39 -9.71 28.86
C ARG A 207 -4.09 -9.77 27.37
N THR A 208 -2.83 -9.65 26.98
CA THR A 208 -2.46 -9.77 25.57
C THR A 208 -2.87 -11.14 25.02
N LEU A 209 -2.55 -12.21 25.76
CA LEU A 209 -2.89 -13.54 25.27
C LEU A 209 -4.39 -13.74 25.22
N THR A 210 -5.12 -13.12 26.15
CA THR A 210 -6.58 -13.21 26.12
C THR A 210 -7.14 -12.46 24.92
N SER A 211 -6.56 -11.30 24.61
CA SER A 211 -7.02 -10.52 23.47
C SER A 211 -6.77 -11.26 22.15
N ALA A 212 -5.63 -11.95 22.04
CA ALA A 212 -5.34 -12.73 20.85
C ALA A 212 -6.32 -13.89 20.69
N ARG A 213 -6.64 -14.58 21.79
CA ARG A 213 -7.63 -15.65 21.71
C ARG A 213 -9.01 -15.11 21.35
N LEU A 214 -9.39 -13.97 21.94
CA LEU A 214 -10.68 -13.37 21.65
C LEU A 214 -10.82 -13.03 20.17
N ALA A 215 -9.78 -12.42 19.58
CA ALA A 215 -9.86 -12.09 18.15
C ALA A 215 -10.05 -13.34 17.31
N ALA A 216 -9.38 -14.43 17.67
CA ALA A 216 -9.53 -15.68 16.94
C ALA A 216 -10.93 -16.26 17.13
N ASP A 217 -11.49 -16.13 18.34
CA ASP A 217 -12.85 -16.63 18.57
C ASP A 217 -13.87 -15.81 17.77
N VAL A 218 -13.73 -14.48 17.79
CA VAL A 218 -14.67 -13.65 17.03
C VAL A 218 -14.55 -13.93 15.54
N ALA A 219 -13.34 -14.21 15.07
CA ALA A 219 -13.14 -14.61 13.68
C ALA A 219 -13.51 -16.06 13.42
N ASP A 220 -13.92 -16.82 14.44
CA ASP A 220 -14.42 -18.20 14.29
C ASP A 220 -13.35 -19.16 13.72
N VAL A 221 -12.08 -18.98 14.12
CA VAL A 221 -11.03 -19.92 13.71
C VAL A 221 -10.17 -20.36 14.89
N PRO A 222 -9.66 -21.61 14.92
CA PRO A 222 -8.92 -22.11 16.09
C PRO A 222 -7.41 -21.83 16.03
N THR A 223 -7.05 -20.55 15.83
CA THR A 223 -5.67 -20.12 15.69
C THR A 223 -4.80 -20.63 16.85
N VAL A 224 -3.59 -21.07 16.52
CA VAL A 224 -2.63 -21.53 17.52
C VAL A 224 -1.98 -20.31 18.16
N VAL A 225 -2.10 -20.17 19.48
CA VAL A 225 -1.62 -18.98 20.19
C VAL A 225 -0.36 -19.36 20.97
N ILE A 226 0.73 -18.62 20.74
CA ILE A 226 2.05 -18.92 21.31
C ILE A 226 2.46 -17.76 22.21
N ALA A 227 2.85 -18.08 23.45
CA ALA A 227 3.33 -17.08 24.39
C ALA A 227 4.84 -17.14 24.48
N ARG A 228 5.49 -15.99 24.33
CA ARG A 228 6.94 -15.86 24.45
C ARG A 228 7.29 -14.98 25.65
N THR A 229 8.27 -15.42 26.44
CA THR A 229 8.77 -14.62 27.54
C THR A 229 10.21 -14.19 27.27
N ASP A 230 10.51 -12.94 27.59
CA ASP A 230 11.83 -12.36 27.39
C ASP A 230 12.56 -12.15 28.72
N ALA A 231 12.19 -12.89 29.76
CA ALA A 231 12.71 -12.63 31.11
C ALA A 231 14.10 -13.23 31.37
N GLU A 232 14.64 -14.04 30.46
CA GLU A 232 15.96 -14.59 30.70
C GLU A 232 17.01 -13.49 30.75
N ALA A 233 16.88 -12.47 29.89
CA ALA A 233 17.88 -11.41 29.76
C ALA A 233 17.40 -10.04 30.21
N ALA A 234 16.08 -9.77 30.21
CA ALA A 234 15.59 -8.45 30.53
C ALA A 234 15.85 -8.09 31.98
N THR A 235 16.39 -6.88 32.23
CA THR A 235 16.66 -6.42 33.60
C THR A 235 15.79 -5.25 34.00
N LEU A 236 14.76 -4.92 33.21
CA LEU A 236 13.83 -3.84 33.51
C LEU A 236 12.41 -4.36 33.36
N ILE A 237 11.50 -3.75 34.12
CA ILE A 237 10.07 -4.02 34.03
C ILE A 237 9.34 -2.71 34.29
N THR A 238 8.16 -2.56 33.68
CA THR A 238 7.50 -1.25 33.72
C THR A 238 6.95 -0.94 35.10
N SER A 239 6.57 -1.95 35.87
CA SER A 239 5.85 -1.71 37.12
C SER A 239 6.01 -2.93 38.03
N ASP A 240 5.90 -2.70 39.34
CA ASP A 240 5.96 -3.76 40.33
C ASP A 240 4.56 -4.16 40.84
N VAL A 241 3.51 -3.81 40.09
CA VAL A 241 2.15 -3.94 40.59
C VAL A 241 1.74 -5.40 40.75
N ASP A 242 2.32 -6.31 39.97
CA ASP A 242 1.89 -7.71 39.97
C ASP A 242 2.68 -8.50 41.02
N GLU A 243 1.96 -9.14 41.95
CA GLU A 243 2.63 -9.85 43.05
C GLU A 243 3.51 -10.98 42.52
N ARG A 244 3.19 -11.56 41.36
CA ARG A 244 4.02 -12.62 40.82
C ARG A 244 5.38 -12.12 40.34
N ASP A 245 5.49 -10.82 40.04
CA ASP A 245 6.77 -10.27 39.59
C ASP A 245 7.59 -9.70 40.74
N GLN A 246 6.96 -9.46 41.88
CA GLN A 246 7.64 -8.80 42.99
C GLN A 246 8.83 -9.57 43.56
N PRO A 247 8.90 -10.91 43.55
CA PRO A 247 10.11 -11.57 44.06
C PRO A 247 11.39 -11.15 43.35
N PHE A 248 11.31 -10.79 42.07
CA PHE A 248 12.49 -10.47 41.28
C PHE A 248 12.79 -8.97 41.25
N ILE A 249 11.92 -8.14 41.81
CA ILE A 249 12.07 -6.70 41.82
C ILE A 249 13.07 -6.31 42.91
N THR A 250 14.06 -5.49 42.56
CA THR A 250 15.09 -5.09 43.51
C THR A 250 14.79 -3.79 44.23
N GLY A 251 13.70 -3.10 43.89
CA GLY A 251 13.37 -1.80 44.48
C GLY A 251 13.95 -0.61 43.76
N GLU A 252 15.08 -0.78 43.07
CA GLU A 252 15.69 0.32 42.34
C GLU A 252 14.86 0.70 41.12
N ARG A 253 14.77 2.00 40.84
CA ARG A 253 14.08 2.53 39.66
C ARG A 253 15.02 3.33 38.79
N THR A 254 14.74 3.37 37.48
CA THR A 254 15.50 4.20 36.56
C THR A 254 14.86 5.58 36.43
N ARG A 255 15.60 6.49 35.79
CA ARG A 255 15.10 7.85 35.58
C ARG A 255 13.90 7.89 34.65
N GLU A 256 13.73 6.87 33.80
CA GLU A 256 12.52 6.74 33.00
C GLU A 256 11.34 6.27 33.82
N GLY A 257 11.57 5.75 35.04
CA GLY A 257 10.52 5.20 35.85
C GLY A 257 10.38 3.69 35.79
N PHE A 258 11.29 3.00 35.11
CA PHE A 258 11.29 1.54 35.07
C PHE A 258 11.85 0.99 36.38
N TYR A 259 11.47 -0.26 36.68
CA TYR A 259 11.98 -0.98 37.84
C TYR A 259 13.04 -1.98 37.39
N ARG A 260 14.17 -2.03 38.11
CA ARG A 260 15.18 -3.04 37.84
CA ARG A 260 15.17 -3.04 37.83
C ARG A 260 14.72 -4.39 38.39
N THR A 261 14.99 -5.45 37.63
CA THR A 261 14.50 -6.79 37.99
C THR A 261 15.60 -7.81 37.73
N LYS A 262 15.55 -8.90 38.50
CA LYS A 262 16.54 -9.97 38.42
C LYS A 262 16.17 -10.96 37.31
N ASN A 263 17.00 -11.05 36.29
CA ASN A 263 16.73 -11.88 35.11
C ASN A 263 17.23 -13.31 35.32
N GLY A 264 16.78 -14.20 34.46
CA GLY A 264 17.31 -15.55 34.41
C GLY A 264 16.22 -16.56 34.16
N ILE A 265 16.53 -17.83 34.41
CA ILE A 265 15.56 -18.88 34.10
C ILE A 265 14.40 -18.90 35.09
N GLU A 266 14.64 -18.44 36.31
CA GLU A 266 13.57 -18.44 37.30
C GLU A 266 12.37 -17.59 37.01
N PRO A 267 12.53 -16.32 36.66
CA PRO A 267 11.35 -15.57 36.20
C PRO A 267 10.73 -16.14 34.94
N CYS A 268 11.52 -16.77 34.07
CA CYS A 268 10.99 -17.41 32.88
C CYS A 268 10.03 -18.55 33.24
N ILE A 269 10.45 -19.39 34.20
CA ILE A 269 9.62 -20.52 34.60
C ILE A 269 8.34 -20.02 35.26
N ALA A 270 8.44 -19.00 36.11
CA ALA A 270 7.26 -18.45 36.76
C ALA A 270 6.28 -17.88 35.74
N ARG A 271 6.80 -17.12 34.77
CA ARG A 271 5.90 -16.53 33.77
C ARG A 271 5.30 -17.59 32.87
N ALA A 272 6.10 -18.59 32.48
CA ALA A 272 5.58 -19.69 31.67
C ALA A 272 4.41 -20.38 32.36
N LYS A 273 4.52 -20.62 33.67
CA LYS A 273 3.41 -21.26 34.37
C LYS A 273 2.18 -20.37 34.38
N ALA A 274 2.37 -19.05 34.53
CA ALA A 274 1.24 -18.14 34.56
C ALA A 274 0.57 -18.04 33.18
N TYR A 275 1.37 -18.18 32.11
CA TYR A 275 0.85 -18.08 30.74
C TYR A 275 0.21 -19.37 30.25
N ALA A 276 0.55 -20.50 30.85
CA ALA A 276 0.16 -21.80 30.31
C ALA A 276 -1.34 -21.98 30.07
N PRO A 277 -2.25 -21.53 30.95
CA PRO A 277 -3.68 -21.66 30.64
C PRO A 277 -4.13 -20.84 29.46
N PHE A 278 -3.29 -19.89 29.01
CA PHE A 278 -3.64 -18.93 27.97
C PHE A 278 -2.84 -19.13 26.69
N ALA A 279 -2.10 -20.23 26.57
CA ALA A 279 -1.26 -20.40 25.39
C ALA A 279 -1.17 -21.86 24.98
N ASP A 280 -1.22 -22.10 23.67
CA ASP A 280 -1.07 -23.43 23.12
C ASP A 280 0.38 -23.90 23.13
N LEU A 281 1.35 -22.96 23.01
CA LEU A 281 2.76 -23.26 23.16
C LEU A 281 3.43 -22.12 23.91
N ILE A 282 4.50 -22.45 24.64
CA ILE A 282 5.26 -21.46 25.40
C ILE A 282 6.70 -21.48 24.93
N TRP A 283 7.30 -20.29 24.82
CA TRP A 283 8.63 -20.09 24.25
C TRP A 283 9.42 -19.16 25.15
N MET A 284 10.59 -19.64 25.61
CA MET A 284 11.58 -18.87 26.36
C MET A 284 12.73 -18.47 25.44
N GLU A 285 12.96 -17.17 25.27
CA GLU A 285 14.19 -16.72 24.60
C GLU A 285 15.39 -17.04 25.47
N THR A 286 16.49 -17.44 24.85
CA THR A 286 17.71 -17.81 25.58
C THR A 286 18.92 -17.13 24.95
N GLY A 287 20.00 -17.04 25.72
CA GLY A 287 21.20 -16.38 25.25
C GLY A 287 22.20 -17.26 24.55
N THR A 288 22.05 -18.58 24.67
CA THR A 288 22.93 -19.56 24.06
C THR A 288 22.11 -20.77 23.66
N PRO A 289 22.57 -21.55 22.68
CA PRO A 289 21.92 -22.84 22.39
C PRO A 289 22.41 -23.93 23.35
N ASP A 290 21.65 -24.20 24.39
CA ASP A 290 22.12 -25.00 25.53
C ASP A 290 21.06 -26.04 25.85
N LEU A 291 21.33 -27.31 25.50
CA LEU A 291 20.34 -28.37 25.73
C LEU A 291 20.03 -28.55 27.21
N GLU A 292 21.01 -28.33 28.09
CA GLU A 292 20.78 -28.52 29.52
C GLU A 292 19.86 -27.45 30.08
N ALA A 293 20.03 -26.20 29.63
CA ALA A 293 19.15 -25.13 30.08
C ALA A 293 17.73 -25.34 29.54
N ALA A 294 17.61 -25.85 28.31
CA ALA A 294 16.29 -26.13 27.77
C ALA A 294 15.59 -27.22 28.57
N ARG A 295 16.34 -28.25 29.00
CA ARG A 295 15.72 -29.31 29.80
C ARG A 295 15.25 -28.77 31.15
N GLN A 296 16.04 -27.90 31.77
CA GLN A 296 15.66 -27.33 33.05
C GLN A 296 14.35 -26.56 32.95
N PHE A 297 14.19 -25.79 31.87
CA PHE A 297 12.94 -25.06 31.65
C PHE A 297 11.79 -26.01 31.39
N SER A 298 11.98 -26.96 30.47
CA SER A 298 10.94 -27.92 30.11
C SER A 298 10.45 -28.69 31.34
N GLU A 299 11.38 -29.29 32.09
CA GLU A 299 10.99 -30.10 33.23
C GLU A 299 10.28 -29.27 34.30
N ALA A 300 10.69 -28.00 34.47
CA ALA A 300 10.03 -27.16 35.48
C ALA A 300 8.59 -26.83 35.08
N VAL A 301 8.35 -26.54 33.79
CA VAL A 301 7.00 -26.22 33.35
C VAL A 301 6.12 -27.47 33.36
N LYS A 302 6.67 -28.59 32.89
CA LYS A 302 5.89 -29.83 32.80
C LYS A 302 5.64 -30.46 34.17
N ALA A 303 6.42 -30.09 35.19
CA ALA A 303 6.10 -30.52 36.55
C ALA A 303 4.71 -30.08 36.97
N GLU A 304 4.26 -28.92 36.51
CA GLU A 304 2.90 -28.50 36.79
C GLU A 304 1.94 -28.66 35.61
N TYR A 305 2.43 -28.58 34.37
CA TYR A 305 1.59 -28.73 33.18
C TYR A 305 2.23 -29.77 32.27
N PRO A 306 2.05 -31.07 32.58
CA PRO A 306 2.82 -32.11 31.87
C PRO A 306 2.58 -32.15 30.37
N ASP A 307 1.42 -31.70 29.90
CA ASP A 307 1.08 -31.77 28.49
C ASP A 307 1.37 -30.48 27.73
N GLN A 308 1.95 -29.49 28.38
CA GLN A 308 2.22 -28.20 27.73
C GLN A 308 3.32 -28.37 26.67
N MET A 309 3.01 -27.98 25.43
CA MET A 309 3.99 -28.00 24.35
C MET A 309 4.78 -26.69 24.37
N LEU A 310 6.03 -26.77 23.92
CA LEU A 310 6.98 -25.67 24.00
C LEU A 310 7.52 -25.37 22.61
N ALA A 311 8.06 -24.17 22.44
CA ALA A 311 8.67 -23.77 21.19
C ALA A 311 10.09 -23.29 21.46
N TYR A 312 10.96 -23.41 20.46
CA TYR A 312 12.37 -23.07 20.63
C TYR A 312 12.92 -22.35 19.40
N ASN A 313 13.57 -21.20 19.64
CA ASN A 313 14.23 -20.41 18.60
C ASN A 313 15.66 -20.89 18.42
N CYS A 314 15.94 -21.60 17.32
CA CYS A 314 17.31 -21.96 16.94
C CYS A 314 17.93 -20.78 16.21
N SER A 315 18.40 -19.80 16.99
CA SER A 315 18.61 -18.44 16.47
C SER A 315 19.94 -18.33 15.72
N PRO A 316 19.96 -17.70 14.54
CA PRO A 316 21.23 -17.29 13.92
C PRO A 316 22.00 -16.24 14.71
N SER A 317 21.41 -15.65 15.76
CA SER A 317 22.15 -14.76 16.64
C SER A 317 23.14 -15.49 17.51
N PHE A 318 23.07 -16.82 17.58
CA PHE A 318 24.08 -17.65 18.22
C PHE A 318 25.20 -17.96 17.23
N ASN A 319 26.43 -17.98 17.72
CA ASN A 319 27.57 -18.53 16.97
C ASN A 319 27.65 -20.01 17.29
N TRP A 320 27.08 -20.84 16.41
CA TRP A 320 26.74 -22.21 16.78
C TRP A 320 27.98 -23.05 17.10
N LYS A 321 29.00 -23.01 16.23
CA LYS A 321 30.20 -23.81 16.43
C LYS A 321 31.13 -23.25 17.51
N LYS A 322 30.93 -22.00 17.93
CA LYS A 322 31.66 -21.50 19.09
C LYS A 322 31.14 -22.12 20.38
N HIS A 323 29.88 -22.55 20.40
CA HIS A 323 29.26 -23.11 21.60
C HIS A 323 29.17 -24.64 21.58
N LEU A 324 29.02 -25.26 20.41
CA LEU A 324 28.70 -26.68 20.33
C LEU A 324 29.60 -27.39 19.34
N ASP A 325 29.83 -28.68 19.58
CA ASP A 325 30.54 -29.50 18.60
C ASP A 325 29.57 -30.03 17.55
N ASP A 326 30.12 -30.68 16.51
CA ASP A 326 29.31 -31.09 15.37
C ASP A 326 28.29 -32.17 15.73
N ALA A 327 28.64 -33.07 16.66
CA ALA A 327 27.70 -34.12 17.05
C ALA A 327 26.50 -33.55 17.81
N THR A 328 26.75 -32.56 18.67
CA THR A 328 25.65 -31.95 19.40
C THR A 328 24.77 -31.13 18.47
N ILE A 329 25.38 -30.44 17.50
CA ILE A 329 24.61 -29.71 16.50
C ILE A 329 23.70 -30.66 15.72
N ALA A 330 24.22 -31.85 15.37
CA ALA A 330 23.44 -32.79 14.57
C ALA A 330 22.23 -33.32 15.32
N LYS A 331 22.33 -33.48 16.63
CA LYS A 331 21.24 -34.03 17.42
C LYS A 331 20.38 -32.96 18.08
N PHE A 332 20.72 -31.67 17.90
CA PHE A 332 20.14 -30.59 18.70
C PHE A 332 18.61 -30.59 18.66
N GLN A 333 18.03 -30.53 17.46
CA GLN A 333 16.57 -30.48 17.37
C GLN A 333 15.92 -31.77 17.86
N LYS A 334 16.55 -32.93 17.57
CA LYS A 334 15.97 -34.20 18.01
C LYS A 334 15.91 -34.27 19.53
N GLU A 335 16.94 -33.77 20.21
CA GLU A 335 16.95 -33.79 21.67
C GLU A 335 15.90 -32.84 22.24
N LEU A 336 15.79 -31.64 21.67
CA LEU A 336 14.75 -30.70 22.12
C LEU A 336 13.35 -31.30 21.97
N ALA A 337 13.10 -31.98 20.85
CA ALA A 337 11.78 -32.55 20.62
C ALA A 337 11.40 -33.55 21.71
N ALA A 338 12.38 -34.34 22.17
CA ALA A 338 12.11 -35.30 23.24
C ALA A 338 11.77 -34.62 24.55
N MET A 339 12.16 -33.36 24.72
CA MET A 339 11.84 -32.60 25.91
C MET A 339 10.50 -31.89 25.82
N GLY A 340 9.83 -31.94 24.67
CA GLY A 340 8.55 -31.29 24.52
C GLY A 340 8.56 -30.01 23.68
N PHE A 341 9.69 -29.67 23.06
CA PHE A 341 9.76 -28.52 22.15
C PHE A 341 9.30 -29.00 20.78
N LYS A 342 7.99 -28.83 20.54
CA LYS A 342 7.34 -29.40 19.36
C LYS A 342 7.31 -28.46 18.17
N PHE A 343 7.65 -27.18 18.35
CA PHE A 343 7.80 -26.26 17.22
C PHE A 343 9.16 -25.60 17.35
N GLN A 344 10.02 -25.78 16.34
CA GLN A 344 11.38 -25.28 16.36
C GLN A 344 11.66 -24.57 15.04
N PHE A 345 12.40 -23.46 15.08
CA PHE A 345 12.48 -22.61 13.90
C PHE A 345 13.78 -21.82 13.92
N ILE A 346 14.30 -21.55 12.71
CA ILE A 346 15.46 -20.69 12.53
C ILE A 346 14.92 -19.35 12.04
N THR A 347 14.85 -18.38 12.96
CA THR A 347 14.20 -17.09 12.70
C THR A 347 14.74 -16.39 11.45
N LEU A 348 16.06 -16.18 11.39
CA LEU A 348 16.66 -15.33 10.35
C LEU A 348 17.28 -16.12 9.21
N ALA A 349 16.78 -17.33 8.95
CA ALA A 349 17.33 -18.14 7.86
C ALA A 349 17.22 -17.43 6.52
N GLY A 350 16.08 -16.76 6.27
CA GLY A 350 15.87 -16.10 4.99
C GLY A 350 16.79 -14.92 4.78
N PHE A 351 16.96 -14.08 5.81
CA PHE A 351 17.89 -12.97 5.74
C PHE A 351 19.28 -13.46 5.34
N HIS A 352 19.76 -14.51 6.02
CA HIS A 352 21.14 -14.94 5.78
C HIS A 352 21.29 -15.65 4.43
N ALA A 353 20.32 -16.49 4.05
CA ALA A 353 20.41 -17.11 2.73
C ALA A 353 20.38 -16.07 1.62
N LEU A 354 19.50 -15.08 1.75
CA LEU A 354 19.37 -14.04 0.72
C LEU A 354 20.61 -13.17 0.66
N ASN A 355 21.10 -12.70 1.83
CA ASN A 355 22.22 -11.79 1.82
C ASN A 355 23.51 -12.50 1.39
N TYR A 356 23.73 -13.72 1.89
CA TYR A 356 24.95 -14.43 1.51
C TYR A 356 24.96 -14.79 0.02
N SER A 357 23.84 -15.32 -0.48
CA SER A 357 23.84 -15.81 -1.87
C SER A 357 24.04 -14.65 -2.84
N MET A 358 23.46 -13.48 -2.57
CA MET A 358 23.67 -12.36 -3.48
C MET A 358 25.08 -11.78 -3.34
N PHE A 359 25.62 -11.74 -2.13
CA PHE A 359 26.99 -11.26 -2.00
C PHE A 359 27.94 -12.15 -2.80
N ASP A 360 27.80 -13.47 -2.62
CA ASP A 360 28.69 -14.43 -3.27
C ASP A 360 28.60 -14.31 -4.79
N LEU A 361 27.37 -14.25 -5.33
CA LEU A 361 27.21 -14.09 -6.77
C LEU A 361 27.77 -12.76 -7.26
N ALA A 362 27.44 -11.67 -6.58
CA ALA A 362 27.88 -10.35 -7.06
C ALA A 362 29.39 -10.20 -6.98
N TYR A 363 30.00 -10.75 -5.95
CA TYR A 363 31.45 -10.69 -5.83
C TYR A 363 32.10 -11.42 -7.00
N GLY A 364 31.62 -12.63 -7.32
CA GLY A 364 32.18 -13.35 -8.45
C GLY A 364 31.94 -12.64 -9.76
N TYR A 365 30.74 -12.07 -9.91
CA TYR A 365 30.38 -11.33 -11.12
C TYR A 365 31.25 -10.10 -11.31
N ALA A 366 31.58 -9.43 -10.20
CA ALA A 366 32.46 -8.27 -10.29
C ALA A 366 33.86 -8.67 -10.79
N GLN A 367 34.31 -9.88 -10.48
CA GLN A 367 35.63 -10.35 -10.89
C GLN A 367 35.61 -11.06 -12.24
N ASN A 368 34.65 -11.94 -12.48
CA ASN A 368 34.67 -12.83 -13.64
C ASN A 368 33.44 -12.70 -14.55
N GLN A 369 32.52 -11.77 -14.27
CA GLN A 369 31.32 -11.59 -15.08
C GLN A 369 30.55 -12.88 -15.31
N MET A 370 30.29 -13.26 -16.58
CA MET A 370 29.36 -14.37 -16.83
C MET A 370 29.82 -15.68 -16.23
N SER A 371 31.13 -15.89 -16.07
CA SER A 371 31.60 -17.13 -15.45
C SER A 371 30.94 -17.36 -14.09
N ALA A 372 30.80 -16.32 -13.28
CA ALA A 372 30.23 -16.49 -11.95
C ALA A 372 28.75 -16.89 -12.03
N TYR A 373 28.01 -16.33 -12.98
CA TYR A 373 26.59 -16.68 -13.05
C TYR A 373 26.39 -18.11 -13.53
N VAL A 374 27.21 -18.55 -14.49
CA VAL A 374 27.07 -19.90 -15.01
C VAL A 374 27.33 -20.93 -13.92
N GLU A 375 28.21 -20.63 -12.96
CA GLU A 375 28.41 -21.53 -11.84
C GLU A 375 27.11 -21.75 -11.08
N LEU A 376 26.34 -20.67 -10.86
CA LEU A 376 25.05 -20.81 -10.18
C LEU A 376 24.06 -21.59 -11.04
N GLN A 377 23.94 -21.25 -12.33
CA GLN A 377 22.98 -21.96 -13.18
C GLN A 377 23.31 -23.45 -13.24
N GLU A 378 24.59 -23.79 -13.27
CA GLU A 378 24.97 -25.19 -13.29
C GLU A 378 24.62 -25.88 -11.97
N ARG A 379 24.78 -25.19 -10.83
CA ARG A 379 24.36 -25.76 -9.56
C ARG A 379 22.84 -25.94 -9.51
N GLU A 380 22.10 -25.00 -10.09
CA GLU A 380 20.65 -25.17 -10.20
C GLU A 380 20.30 -26.43 -11.01
N PHE A 381 20.92 -26.60 -12.18
CA PHE A 381 20.65 -27.79 -12.98
C PHE A 381 20.91 -29.06 -12.17
N ALA A 382 22.00 -29.08 -11.40
CA ALA A 382 22.33 -30.26 -10.62
C ALA A 382 21.29 -30.52 -9.54
N ALA A 383 20.73 -29.45 -8.96
CA ALA A 383 19.73 -29.60 -7.90
C ALA A 383 18.40 -30.19 -8.39
N GLU A 384 18.18 -30.27 -9.71
CA GLU A 384 16.92 -30.86 -10.17
C GLU A 384 16.80 -32.32 -9.74
N GLU A 385 17.92 -33.01 -9.57
CA GLU A 385 17.91 -34.38 -9.05
C GLU A 385 17.27 -34.44 -7.67
N ARG A 386 17.40 -33.37 -6.88
CA ARG A 386 16.84 -33.31 -5.53
C ARG A 386 15.41 -32.76 -5.51
N GLY A 387 14.85 -32.38 -6.65
CA GLY A 387 13.48 -31.89 -6.70
C GLY A 387 13.34 -30.42 -7.03
N TYR A 388 14.45 -29.69 -7.14
CA TYR A 388 14.41 -28.27 -7.49
C TYR A 388 13.77 -28.07 -8.87
N THR A 389 12.87 -27.08 -8.98
CA THR A 389 12.19 -26.81 -10.23
C THR A 389 12.41 -25.40 -10.79
N ALA A 390 13.01 -24.48 -10.02
CA ALA A 390 13.03 -23.08 -10.42
C ALA A 390 14.00 -22.76 -11.55
N THR A 391 14.84 -23.71 -11.98
CA THR A 391 15.65 -23.44 -13.16
CA THR A 391 15.64 -23.52 -13.19
C THR A 391 14.77 -23.09 -14.36
N LYS A 392 13.60 -23.71 -14.47
CA LYS A 392 12.61 -23.35 -15.49
C LYS A 392 11.75 -22.26 -14.90
N HIS A 393 12.25 -21.03 -14.96
CA HIS A 393 11.66 -19.95 -14.16
C HIS A 393 10.30 -19.52 -14.70
N GLN A 394 10.04 -19.66 -16.00
CA GLN A 394 8.75 -19.22 -16.54
C GLN A 394 7.60 -20.05 -15.97
N ARG A 395 7.70 -21.39 -16.05
CA ARG A 395 6.66 -22.22 -15.45
C ARG A 395 6.61 -22.04 -13.94
N GLU A 396 7.76 -21.77 -13.30
CA GLU A 396 7.81 -21.64 -11.85
C GLU A 396 6.92 -20.51 -11.33
N VAL A 397 6.79 -19.41 -12.10
CA VAL A 397 5.96 -18.29 -11.68
C VAL A 397 4.58 -18.32 -12.35
N GLY A 398 4.25 -19.40 -13.06
CA GLY A 398 2.91 -19.60 -13.55
C GLY A 398 2.65 -19.28 -15.01
N ALA A 399 3.69 -19.25 -15.85
CA ALA A 399 3.46 -18.99 -17.27
C ALA A 399 2.52 -20.03 -17.87
N GLY A 400 2.68 -21.30 -17.47
CA GLY A 400 1.82 -22.34 -18.01
C GLY A 400 0.41 -22.26 -17.46
N TYR A 401 0.28 -21.89 -16.19
CA TYR A 401 -1.04 -21.73 -15.59
C TYR A 401 -1.81 -20.60 -16.27
N PHE A 402 -1.16 -19.45 -16.49
CA PHE A 402 -1.87 -18.37 -17.18
C PHE A 402 -2.09 -18.69 -18.66
N ASP A 403 -1.24 -19.52 -19.27
CA ASP A 403 -1.53 -20.02 -20.62
C ASP A 403 -2.85 -20.79 -20.61
N ARG A 404 -3.06 -21.59 -19.57
CA ARG A 404 -4.29 -22.37 -19.46
CA ARG A 404 -4.29 -22.37 -19.46
C ARG A 404 -5.50 -21.48 -19.27
N ILE A 405 -5.36 -20.39 -18.50
CA ILE A 405 -6.49 -19.46 -18.40
C ILE A 405 -6.78 -18.86 -19.77
N ALA A 406 -5.73 -18.41 -20.47
CA ALA A 406 -5.92 -17.79 -21.76
C ALA A 406 -6.61 -18.74 -22.75
N THR A 407 -6.19 -20.01 -22.80
CA THR A 407 -6.83 -20.93 -23.75
C THR A 407 -8.21 -21.38 -23.29
N THR A 408 -8.51 -21.27 -21.99
CA THR A 408 -9.88 -21.52 -21.52
C THR A 408 -10.82 -20.41 -21.99
N VAL A 409 -10.37 -19.17 -21.93
CA VAL A 409 -11.15 -18.05 -22.42
C VAL A 409 -11.26 -18.07 -23.94
N ASP A 410 -10.15 -18.38 -24.62
CA ASP A 410 -10.10 -18.32 -26.08
C ASP A 410 -9.13 -19.36 -26.59
N PRO A 411 -9.63 -20.57 -26.91
CA PRO A 411 -8.74 -21.64 -27.37
C PRO A 411 -7.91 -21.29 -28.61
N ASN A 412 -8.33 -20.31 -29.40
CA ASN A 412 -7.62 -19.95 -30.62
C ASN A 412 -6.67 -18.76 -30.44
N SER A 413 -6.39 -18.36 -29.20
CA SER A 413 -5.51 -17.23 -28.93
C SER A 413 -4.18 -17.35 -29.67
N SER A 414 -3.75 -16.26 -30.29
CA SER A 414 -2.45 -16.19 -30.95
C SER A 414 -1.33 -15.68 -30.03
N THR A 415 -1.62 -15.38 -28.76
CA THR A 415 -0.65 -14.69 -27.92
C THR A 415 -0.34 -15.45 -26.63
N THR A 416 -0.32 -16.78 -26.66
CA THR A 416 0.11 -17.52 -25.48
C THR A 416 1.64 -17.50 -25.37
N ALA A 417 2.14 -17.83 -24.16
CA ALA A 417 3.50 -17.48 -23.76
C ALA A 417 4.51 -18.62 -23.90
N LEU A 418 4.17 -19.86 -23.52
CA LEU A 418 5.20 -20.90 -23.45
C LEU A 418 5.56 -21.47 -24.82
N THR A 419 4.60 -21.57 -25.75
CA THR A 419 4.94 -22.00 -27.11
C THR A 419 5.80 -20.93 -27.78
N GLY A 420 6.99 -21.33 -28.23
CA GLY A 420 7.95 -20.40 -28.80
C GLY A 420 8.97 -19.85 -27.82
N SER A 421 8.85 -20.15 -26.53
CA SER A 421 9.74 -19.58 -25.53
C SER A 421 11.11 -20.27 -25.55
N THR A 422 12.12 -19.56 -25.06
CA THR A 422 13.45 -20.15 -24.95
C THR A 422 13.47 -21.25 -23.88
N GLU A 423 12.59 -21.18 -22.88
CA GLU A 423 12.52 -22.25 -21.90
C GLU A 423 12.12 -23.56 -22.56
N GLU A 424 11.07 -23.52 -23.40
CA GLU A 424 10.68 -24.69 -24.18
C GLU A 424 11.79 -25.12 -25.14
N GLY A 425 12.54 -24.15 -25.70
CA GLY A 425 13.56 -24.48 -26.69
C GLY A 425 14.89 -24.94 -26.11
N GLN A 426 15.21 -24.55 -24.87
CA GLN A 426 16.56 -24.78 -24.33
C GLN A 426 16.60 -25.47 -22.97
N PHE A 427 15.47 -25.72 -22.32
CA PHE A 427 15.46 -26.27 -20.96
C PHE A 427 14.71 -27.60 -20.87
N MET B 1 4.91 34.20 -2.51
CA MET B 1 5.04 33.24 -1.43
C MET B 1 6.51 32.91 -1.04
N SER B 2 7.28 32.30 -1.92
CA SER B 2 8.54 31.65 -1.53
C SER B 2 9.19 31.61 -2.80
N VAL B 3 10.49 31.50 -2.80
CA VAL B 3 11.13 31.10 -3.97
C VAL B 3 11.53 29.66 -3.92
N VAL B 4 11.10 28.91 -2.92
CA VAL B 4 11.55 27.53 -2.91
C VAL B 4 10.90 26.77 -4.06
N GLY B 5 11.72 26.11 -4.88
CA GLY B 5 11.18 25.33 -6.00
C GLY B 5 10.72 26.12 -7.20
N THR B 6 11.18 27.35 -7.38
CA THR B 6 10.76 28.17 -8.50
C THR B 6 11.18 27.53 -9.82
N PRO B 7 10.29 27.39 -10.80
CA PRO B 7 10.68 26.77 -12.06
C PRO B 7 11.61 27.66 -12.88
N LYS B 8 12.45 27.03 -13.70
CA LYS B 8 13.27 27.75 -14.65
C LYS B 8 12.42 28.39 -15.74
N SER B 9 12.99 29.40 -16.39
CA SER B 9 12.35 29.96 -17.57
C SER B 9 12.52 29.03 -18.75
N ALA B 10 11.63 29.18 -19.74
CA ALA B 10 11.80 28.45 -20.99
C ALA B 10 13.14 28.76 -21.64
N GLU B 11 13.60 30.02 -21.52
CA GLU B 11 14.89 30.41 -22.07
C GLU B 11 16.03 29.63 -21.41
N GLN B 12 15.97 29.47 -20.09
CA GLN B 12 17.02 28.73 -19.38
CA GLN B 12 17.03 28.73 -19.41
C GLN B 12 17.06 27.27 -19.82
N ILE B 13 15.88 26.65 -19.92
CA ILE B 13 15.83 25.24 -20.33
C ILE B 13 16.38 25.07 -21.74
N GLN B 14 15.94 25.93 -22.66
CA GLN B 14 16.42 25.86 -24.04
C GLN B 14 17.93 26.01 -24.12
N GLN B 15 18.49 26.96 -23.35
CA GLN B 15 19.93 27.17 -23.38
C GLN B 15 20.68 25.93 -22.92
N GLU B 16 20.11 25.20 -21.94
CA GLU B 16 20.70 23.94 -21.50
C GLU B 16 20.66 22.89 -22.60
N TRP B 17 19.49 22.71 -23.22
CA TRP B 17 19.36 21.78 -24.35
C TRP B 17 20.35 22.10 -25.46
N ASP B 18 20.61 23.39 -25.70
CA ASP B 18 21.47 23.81 -26.81
C ASP B 18 22.95 23.63 -26.52
N THR B 19 23.36 23.66 -25.26
CA THR B 19 24.79 23.75 -24.94
C THR B 19 25.34 22.60 -24.11
N ASN B 20 24.51 21.88 -23.36
CA ASN B 20 25.01 20.83 -22.49
C ASN B 20 25.30 19.58 -23.30
N PRO B 21 26.53 19.03 -23.22
CA PRO B 21 26.86 17.82 -23.98
C PRO B 21 25.97 16.63 -23.70
N ARG B 22 25.30 16.62 -22.53
CA ARG B 22 24.34 15.56 -22.22
C ARG B 22 23.31 15.40 -23.32
N TRP B 23 22.96 16.49 -24.00
CA TRP B 23 21.85 16.49 -24.95
C TRP B 23 22.30 16.47 -26.39
N LYS B 24 23.61 16.28 -26.63
CA LYS B 24 24.13 16.04 -27.97
C LYS B 24 23.35 14.91 -28.65
N ASP B 25 22.82 15.20 -29.83
CA ASP B 25 22.07 14.19 -30.61
C ASP B 25 20.85 13.63 -29.85
N VAL B 26 20.23 14.44 -28.98
CA VAL B 26 18.93 14.11 -28.40
C VAL B 26 17.87 14.94 -29.13
N THR B 27 16.91 14.27 -29.76
CA THR B 27 15.80 14.95 -30.42
C THR B 27 14.64 15.11 -29.45
N ARG B 28 14.12 16.34 -29.34
CA ARG B 28 12.87 16.63 -28.64
C ARG B 28 11.91 17.29 -29.64
N THR B 29 10.79 16.62 -29.93
CA THR B 29 9.84 17.19 -30.88
C THR B 29 8.90 18.21 -30.25
N TYR B 30 8.98 18.43 -28.93
CA TYR B 30 8.24 19.48 -28.26
C TYR B 30 9.21 20.61 -27.88
N SER B 31 8.67 21.70 -27.36
CA SER B 31 9.46 22.90 -27.09
C SER B 31 9.72 23.11 -25.59
N ALA B 32 10.69 23.97 -25.31
CA ALA B 32 10.97 24.35 -23.93
C ALA B 32 9.76 25.00 -23.28
N GLU B 33 9.00 25.81 -24.04
CA GLU B 33 7.79 26.41 -23.49
C GLU B 33 6.75 25.35 -23.17
N ASP B 34 6.67 24.29 -23.98
CA ASP B 34 5.76 23.17 -23.69
C ASP B 34 6.04 22.58 -22.32
N VAL B 35 7.32 22.41 -21.98
CA VAL B 35 7.70 21.85 -20.69
C VAL B 35 7.31 22.78 -19.56
N VAL B 36 7.60 24.07 -19.70
CA VAL B 36 7.28 25.02 -18.63
C VAL B 36 5.79 25.07 -18.38
N ALA B 37 4.98 24.99 -19.45
CA ALA B 37 3.52 25.03 -19.30
C ALA B 37 2.98 23.90 -18.43
N LEU B 38 3.72 22.79 -18.31
CA LEU B 38 3.27 21.62 -17.56
C LEU B 38 3.79 21.59 -16.13
N GLN B 39 4.62 22.56 -15.73
CA GLN B 39 5.31 22.46 -14.44
C GLN B 39 4.59 23.15 -13.29
N GLY B 40 3.43 23.76 -13.54
CA GLY B 40 2.81 24.46 -12.41
C GLY B 40 3.69 25.59 -11.89
N SER B 41 3.55 25.91 -10.61
CA SER B 41 4.24 27.02 -9.99
CA SER B 41 4.26 27.03 -10.03
C SER B 41 5.44 26.61 -9.15
N VAL B 42 5.57 25.32 -8.84
CA VAL B 42 6.63 24.79 -7.99
C VAL B 42 7.09 23.48 -8.58
N VAL B 43 8.41 23.30 -8.67
CA VAL B 43 9.01 22.06 -9.15
C VAL B 43 9.70 21.38 -7.98
N GLU B 44 9.22 20.18 -7.63
CA GLU B 44 9.89 19.41 -6.59
C GLU B 44 11.27 18.96 -7.06
N GLU B 45 12.26 19.07 -6.17
CA GLU B 45 13.59 18.55 -6.46
C GLU B 45 13.62 17.04 -6.20
N HIS B 46 14.21 16.29 -7.12
CA HIS B 46 14.32 14.84 -7.01
C HIS B 46 15.81 14.50 -6.88
N THR B 47 16.32 14.59 -5.64
CA THR B 47 17.76 14.49 -5.40
C THR B 47 18.32 13.17 -5.90
N LEU B 48 17.69 12.05 -5.52
CA LEU B 48 18.29 10.76 -5.88
C LEU B 48 18.17 10.49 -7.38
N ALA B 49 17.07 10.91 -8.03
CA ALA B 49 16.98 10.72 -9.47
C ALA B 49 17.99 11.57 -10.22
N ARG B 50 18.22 12.81 -9.77
CA ARG B 50 19.22 13.65 -10.43
C ARG B 50 20.63 13.09 -10.23
N ARG B 51 21.00 12.81 -8.99
CA ARG B 51 22.33 12.26 -8.73
C ARG B 51 22.55 10.95 -9.46
N GLY B 52 21.58 10.05 -9.38
CA GLY B 52 21.75 8.75 -10.01
C GLY B 52 21.93 8.86 -11.51
N ALA B 53 21.08 9.68 -12.15
CA ALA B 53 21.18 9.84 -13.61
C ALA B 53 22.51 10.48 -14.01
N GLU B 54 23.01 11.43 -13.21
CA GLU B 54 24.29 12.04 -13.51
C GLU B 54 25.43 11.04 -13.35
N VAL B 55 25.41 10.27 -12.26
CA VAL B 55 26.46 9.27 -12.03
C VAL B 55 26.42 8.21 -13.14
N LEU B 56 25.22 7.74 -13.48
CA LEU B 56 25.10 6.73 -14.53
C LEU B 56 25.68 7.23 -15.86
N TRP B 57 25.31 8.45 -16.27
CA TRP B 57 25.78 8.99 -17.54
C TRP B 57 27.31 9.12 -17.57
N GLU B 58 27.89 9.58 -16.47
CA GLU B 58 29.35 9.68 -16.43
C GLU B 58 29.99 8.29 -16.46
N GLN B 59 29.45 7.34 -15.70
CA GLN B 59 29.99 5.98 -15.70
C GLN B 59 29.93 5.36 -17.10
N LEU B 60 28.85 5.61 -17.85
CA LEU B 60 28.76 5.06 -19.19
C LEU B 60 29.86 5.57 -20.10
N HIS B 61 30.46 6.72 -19.77
CA HIS B 61 31.54 7.28 -20.59
C HIS B 61 32.93 7.10 -19.99
N ASP B 62 33.03 6.79 -18.70
CA ASP B 62 34.33 6.62 -18.05
C ASP B 62 34.76 5.17 -17.92
N LEU B 63 33.82 4.27 -17.66
CA LEU B 63 34.14 2.86 -17.44
C LEU B 63 34.13 2.10 -18.76
N GLU B 64 34.89 0.99 -18.80
CA GLU B 64 34.92 0.15 -19.99
C GLU B 64 33.51 -0.32 -20.35
N TRP B 65 32.75 -0.73 -19.33
CA TRP B 65 31.30 -0.88 -19.42
C TRP B 65 30.75 -0.88 -18.00
N VAL B 66 29.44 -0.76 -17.90
CA VAL B 66 28.73 -0.75 -16.63
C VAL B 66 27.92 -2.04 -16.58
N ASN B 67 28.14 -2.88 -15.58
CA ASN B 67 27.34 -4.09 -15.52
C ASN B 67 26.56 -4.18 -14.20
N ALA B 68 25.53 -5.01 -14.21
CA ALA B 68 24.59 -5.02 -13.10
C ALA B 68 23.90 -6.38 -13.01
N LEU B 69 23.29 -6.62 -11.85
CA LEU B 69 22.47 -7.80 -11.60
C LEU B 69 21.07 -7.37 -11.18
N GLY B 70 20.07 -8.19 -11.49
CA GLY B 70 18.71 -7.86 -11.08
C GLY B 70 18.55 -7.96 -9.56
N ALA B 71 17.86 -6.96 -8.99
CA ALA B 71 17.63 -6.91 -7.55
C ALA B 71 16.14 -6.71 -7.29
N LEU B 72 15.56 -7.54 -6.40
CA LEU B 72 14.15 -7.43 -6.04
C LEU B 72 13.88 -7.13 -4.58
N THR B 73 14.92 -7.05 -3.72
CA THR B 73 14.75 -6.55 -2.37
C THR B 73 15.86 -5.54 -2.10
N GLY B 74 15.66 -4.73 -1.07
CA GLY B 74 16.68 -3.74 -0.72
C GLY B 74 17.99 -4.39 -0.30
N ASN B 75 17.90 -5.42 0.54
CA ASN B 75 19.11 -6.12 0.98
C ASN B 75 19.91 -6.66 -0.21
N MET B 76 19.21 -7.16 -1.23
CA MET B 76 19.89 -7.63 -2.44
C MET B 76 20.76 -6.55 -3.05
N ALA B 77 20.21 -5.35 -3.20
CA ALA B 77 20.97 -4.26 -3.81
C ALA B 77 22.16 -3.86 -2.95
N VAL B 78 21.98 -3.89 -1.62
CA VAL B 78 23.08 -3.58 -0.69
C VAL B 78 24.27 -4.50 -0.93
N GLN B 79 24.01 -5.81 -1.03
CA GLN B 79 25.11 -6.77 -1.26
C GLN B 79 25.75 -6.57 -2.63
N GLN B 80 24.96 -6.25 -3.65
CA GLN B 80 25.54 -5.98 -4.97
C GLN B 80 26.55 -4.85 -4.91
N VAL B 81 26.19 -3.78 -4.19
CA VAL B 81 27.10 -2.64 -4.06
C VAL B 81 28.28 -2.98 -3.16
N ARG B 82 28.04 -3.71 -2.06
CA ARG B 82 29.14 -4.08 -1.18
C ARG B 82 30.16 -4.95 -1.89
N ALA B 83 29.70 -5.79 -2.81
CA ALA B 83 30.61 -6.66 -3.56
C ALA B 83 31.31 -5.96 -4.72
N GLY B 84 31.00 -4.68 -4.97
CA GLY B 84 31.75 -3.89 -5.93
C GLY B 84 31.00 -3.41 -7.15
N LEU B 85 29.72 -3.76 -7.30
CA LEU B 85 29.01 -3.36 -8.51
C LEU B 85 28.62 -1.89 -8.44
N LYS B 86 28.53 -1.26 -9.62
CA LYS B 86 28.36 0.19 -9.69
C LYS B 86 27.02 0.61 -10.28
N ALA B 87 26.07 -0.32 -10.41
CA ALA B 87 24.72 -0.02 -10.87
C ALA B 87 23.81 -1.16 -10.43
N ILE B 88 22.53 -0.87 -10.34
CA ILE B 88 21.53 -1.87 -9.96
C ILE B 88 20.51 -1.98 -11.08
N TYR B 89 20.15 -3.22 -11.43
CA TYR B 89 19.13 -3.47 -12.43
C TYR B 89 17.83 -3.88 -11.74
N LEU B 90 16.73 -3.22 -12.07
CA LEU B 90 15.42 -3.50 -11.47
C LEU B 90 14.55 -4.19 -12.51
N SER B 91 14.50 -5.52 -12.41
CA SER B 91 13.76 -6.35 -13.35
C SER B 91 12.26 -6.34 -13.11
N GLY B 92 11.49 -6.05 -14.18
CA GLY B 92 10.04 -6.21 -14.08
C GLY B 92 9.61 -7.66 -13.96
N TRP B 93 10.35 -8.57 -14.62
CA TRP B 93 10.06 -10.00 -14.48
C TRP B 93 10.10 -10.41 -13.01
N GLN B 94 11.16 -9.98 -12.31
CA GLN B 94 11.32 -10.34 -10.91
C GLN B 94 10.22 -9.75 -10.05
N VAL B 95 9.83 -8.51 -10.34
CA VAL B 95 8.72 -7.89 -9.62
C VAL B 95 7.43 -8.68 -9.83
N ALA B 96 7.15 -9.10 -11.06
CA ALA B 96 5.98 -9.92 -11.34
C ALA B 96 6.02 -11.22 -10.53
N GLY B 97 7.19 -11.85 -10.44
CA GLY B 97 7.27 -13.15 -9.80
C GLY B 97 7.27 -13.16 -8.28
N ASP B 98 7.68 -12.06 -7.64
CA ASP B 98 7.96 -12.13 -6.20
C ASP B 98 8.01 -10.78 -5.49
N ALA B 99 7.67 -9.66 -6.14
CA ALA B 99 7.83 -8.37 -5.47
C ALA B 99 6.90 -7.28 -6.01
N ASN B 100 5.60 -7.58 -6.15
CA ASN B 100 4.67 -6.58 -6.69
C ASN B 100 3.51 -6.34 -5.73
N LEU B 101 2.82 -5.22 -5.96
CA LEU B 101 1.84 -4.70 -5.02
C LEU B 101 0.51 -5.45 -5.00
N SER B 102 0.30 -6.41 -5.91
CA SER B 102 -0.88 -7.27 -5.79
C SER B 102 -0.71 -8.36 -4.75
N GLY B 103 0.53 -8.65 -4.36
CA GLY B 103 0.79 -9.80 -3.51
C GLY B 103 0.81 -11.15 -4.23
N HIS B 104 0.53 -11.19 -5.53
CA HIS B 104 0.48 -12.46 -6.25
C HIS B 104 1.77 -12.74 -7.01
N THR B 105 1.97 -14.03 -7.30
CA THR B 105 3.02 -14.50 -8.19
C THR B 105 2.51 -14.47 -9.62
N TYR B 106 3.20 -13.75 -10.51
CA TYR B 106 2.76 -13.63 -11.89
C TYR B 106 3.88 -13.96 -12.86
N PRO B 107 3.54 -14.53 -14.02
CA PRO B 107 4.47 -14.55 -15.15
C PRO B 107 4.59 -13.13 -15.74
N ASP B 108 5.51 -12.99 -16.69
CA ASP B 108 6.02 -11.67 -17.06
C ASP B 108 5.15 -11.09 -18.18
N GLN B 109 3.94 -10.61 -17.81
CA GLN B 109 2.95 -10.23 -18.80
C GLN B 109 2.22 -8.93 -18.44
N SER B 110 2.89 -8.02 -17.73
CA SER B 110 2.32 -6.74 -17.32
C SER B 110 1.00 -6.92 -16.60
N LEU B 111 0.98 -7.87 -15.67
CA LEU B 111 -0.22 -8.21 -14.90
C LEU B 111 -0.31 -7.46 -13.57
N TYR B 112 0.82 -7.00 -13.04
CA TYR B 112 0.86 -6.39 -11.71
C TYR B 112 0.52 -4.89 -11.76
N PRO B 113 0.20 -4.29 -10.60
CA PRO B 113 -0.15 -2.87 -10.59
C PRO B 113 1.01 -1.98 -11.03
N ALA B 114 0.68 -0.95 -11.82
CA ALA B 114 1.70 -0.17 -12.52
C ALA B 114 2.59 0.65 -11.62
N ASN B 115 2.26 0.81 -10.34
CA ASN B 115 3.17 1.50 -9.43
C ASN B 115 4.10 0.53 -8.67
N SER B 116 4.15 -0.75 -9.06
CA SER B 116 4.98 -1.72 -8.35
C SER B 116 6.48 -1.47 -8.52
N VAL B 117 6.94 -1.21 -9.75
CA VAL B 117 8.37 -1.01 -9.94
C VAL B 117 8.82 0.27 -9.24
N PRO B 118 8.10 1.40 -9.33
CA PRO B 118 8.49 2.59 -8.53
C PRO B 118 8.62 2.31 -7.04
N GLN B 119 7.72 1.52 -6.45
CA GLN B 119 7.85 1.20 -5.03
C GLN B 119 9.14 0.44 -4.75
N VAL B 120 9.54 -0.46 -5.65
CA VAL B 120 10.79 -1.19 -5.42
C VAL B 120 12.00 -0.27 -5.65
N VAL B 121 11.92 0.68 -6.60
CA VAL B 121 12.98 1.69 -6.72
C VAL B 121 13.18 2.42 -5.40
N ARG B 122 12.07 2.90 -4.81
CA ARG B 122 12.18 3.63 -3.55
C ARG B 122 12.75 2.75 -2.44
N ARG B 123 12.37 1.46 -2.44
CA ARG B 123 12.89 0.53 -1.42
C ARG B 123 14.40 0.35 -1.55
N ILE B 124 14.88 0.13 -2.77
CA ILE B 124 16.31 -0.04 -2.98
C ILE B 124 17.07 1.22 -2.56
N ASN B 125 16.57 2.39 -2.91
CA ASN B 125 17.25 3.60 -2.49
C ASN B 125 17.27 3.72 -0.96
N ASN B 126 16.14 3.41 -0.31
CA ASN B 126 16.08 3.41 1.16
C ASN B 126 17.12 2.46 1.75
N ALA B 127 17.26 1.26 1.17
CA ALA B 127 18.22 0.30 1.70
C ALA B 127 19.66 0.79 1.52
N LEU B 128 19.97 1.34 0.35
CA LEU B 128 21.31 1.87 0.11
C LEU B 128 21.61 3.06 1.00
N GLN B 129 20.60 3.91 1.24
CA GLN B 129 20.79 5.04 2.15
C GLN B 129 21.13 4.56 3.55
N ARG B 130 20.48 3.47 4.01
CA ARG B 130 20.79 2.95 5.34
C ARG B 130 22.20 2.38 5.40
N ALA B 131 22.61 1.65 4.37
CA ALA B 131 23.99 1.16 4.33
C ALA B 131 24.98 2.32 4.39
N ASP B 132 24.69 3.39 3.64
CA ASP B 132 25.51 4.59 3.66
C ASP B 132 25.56 5.22 5.06
N GLN B 133 24.39 5.35 5.70
CA GLN B 133 24.35 5.91 7.06
C GLN B 133 25.18 5.07 8.02
N ILE B 134 25.06 3.74 7.94
CA ILE B 134 25.81 2.84 8.81
C ILE B 134 27.31 2.96 8.55
N ALA B 135 27.72 2.96 7.27
CA ALA B 135 29.13 3.11 6.94
C ALA B 135 29.71 4.40 7.53
N LYS B 136 28.96 5.50 7.48
CA LYS B 136 29.49 6.78 7.98
C LYS B 136 29.77 6.74 9.47
N ILE B 137 28.80 6.26 10.28
CA ILE B 137 29.05 6.21 11.71
C ILE B 137 30.08 5.15 12.07
N GLU B 138 30.28 4.14 11.22
CA GLU B 138 31.29 3.12 11.46
C GLU B 138 32.68 3.50 10.94
N GLY B 139 32.81 4.62 10.22
CA GLY B 139 34.08 4.95 9.60
C GLY B 139 34.49 4.02 8.48
N ASP B 140 33.53 3.39 7.81
CA ASP B 140 33.80 2.43 6.75
C ASP B 140 33.89 3.18 5.42
N THR B 141 35.09 3.23 4.85
CA THR B 141 35.30 3.89 3.57
C THR B 141 35.48 2.91 2.42
N SER B 142 35.14 1.63 2.64
CA SER B 142 35.44 0.61 1.65
C SER B 142 34.60 0.78 0.38
N VAL B 143 33.40 1.33 0.49
CA VAL B 143 32.55 1.56 -0.68
C VAL B 143 32.56 3.04 -1.00
N GLU B 144 32.91 3.38 -2.25
CA GLU B 144 33.00 4.78 -2.64
C GLU B 144 31.62 5.41 -2.83
N ASN B 145 30.68 4.68 -3.43
CA ASN B 145 29.35 5.24 -3.71
C ASN B 145 28.27 4.22 -3.35
N TRP B 146 27.62 4.40 -2.19
CA TRP B 146 26.55 3.47 -1.83
C TRP B 146 25.33 3.67 -2.72
N LEU B 147 25.09 4.90 -3.17
CA LEU B 147 23.93 5.23 -3.98
C LEU B 147 24.22 4.95 -5.46
N ALA B 148 24.35 3.66 -5.77
CA ALA B 148 24.56 3.25 -7.15
C ALA B 148 23.32 3.58 -7.99
N PRO B 149 23.50 3.95 -9.25
CA PRO B 149 22.35 4.27 -10.10
C PRO B 149 21.48 3.04 -10.34
N ILE B 150 20.16 3.27 -10.34
CA ILE B 150 19.17 2.23 -10.59
C ILE B 150 18.63 2.38 -12.00
N VAL B 151 18.72 1.31 -12.80
CA VAL B 151 18.06 1.26 -14.11
C VAL B 151 16.85 0.34 -13.95
N ALA B 152 15.65 0.88 -14.22
CA ALA B 152 14.41 0.15 -13.92
C ALA B 152 13.56 -0.09 -15.16
N ASP B 153 12.72 -1.12 -15.06
CA ASP B 153 11.91 -1.65 -16.15
C ASP B 153 10.59 -0.90 -16.24
N GLY B 154 10.37 -0.18 -17.35
CA GLY B 154 9.10 0.44 -17.68
C GLY B 154 8.16 -0.42 -18.50
N GLU B 155 8.57 -1.65 -18.81
CA GLU B 155 7.80 -2.61 -19.63
C GLU B 155 7.32 -1.90 -20.89
N ALA B 156 6.04 -2.03 -21.25
CA ALA B 156 5.46 -1.36 -22.39
C ALA B 156 4.57 -0.19 -21.97
N GLY B 157 4.78 0.31 -20.76
CA GLY B 157 4.12 1.51 -20.27
C GLY B 157 2.74 1.33 -19.70
N PHE B 158 2.21 0.10 -19.66
CA PHE B 158 0.90 -0.16 -19.03
C PHE B 158 -0.23 0.66 -19.66
N GLY B 159 -0.16 0.91 -20.95
CA GLY B 159 -1.28 1.57 -21.58
C GLY B 159 -0.83 2.50 -22.67
N GLY B 160 -1.36 3.73 -22.67
CA GLY B 160 -1.03 4.70 -23.69
C GLY B 160 0.12 5.61 -23.28
N ALA B 161 0.34 6.65 -24.08
CA ALA B 161 1.43 7.58 -23.81
C ALA B 161 1.26 8.27 -22.44
N LEU B 162 0.03 8.43 -21.96
CA LEU B 162 -0.17 9.01 -20.64
C LEU B 162 0.20 8.04 -19.53
N ASN B 163 -0.04 6.75 -19.71
CA ASN B 163 0.42 5.77 -18.74
C ASN B 163 1.94 5.73 -18.69
N VAL B 164 2.58 5.82 -19.85
CA VAL B 164 4.04 5.92 -19.90
C VAL B 164 4.50 7.13 -19.08
N TYR B 165 3.90 8.30 -19.35
CA TYR B 165 4.25 9.53 -18.65
C TYR B 165 4.21 9.32 -17.13
N GLU B 166 3.08 8.83 -16.64
CA GLU B 166 2.89 8.65 -15.21
C GLU B 166 3.86 7.64 -14.63
N LEU B 167 4.21 6.59 -15.37
CA LEU B 167 5.16 5.63 -14.84
C LEU B 167 6.55 6.24 -14.74
N GLN B 168 6.98 6.96 -15.78
CA GLN B 168 8.27 7.64 -15.74
C GLN B 168 8.32 8.65 -14.59
N LYS B 169 7.24 9.40 -14.39
CA LYS B 169 7.22 10.38 -13.30
C LYS B 169 7.34 9.68 -11.94
N ALA B 170 6.67 8.54 -11.77
CA ALA B 170 6.75 7.82 -10.50
C ALA B 170 8.12 7.22 -10.28
N LEU B 171 8.75 6.69 -11.34
CA LEU B 171 10.10 6.17 -11.22
C LEU B 171 11.06 7.26 -10.78
N ILE B 172 10.90 8.47 -11.34
CA ILE B 172 11.76 9.58 -10.96
C ILE B 172 11.52 9.98 -9.50
N ALA B 173 10.25 10.06 -9.08
CA ALA B 173 9.97 10.43 -7.69
C ALA B 173 10.65 9.46 -6.73
N ALA B 174 10.72 8.18 -7.10
CA ALA B 174 11.35 7.15 -6.29
C ALA B 174 12.87 7.19 -6.35
N GLY B 175 13.46 7.92 -7.28
CA GLY B 175 14.90 8.03 -7.37
C GLY B 175 15.58 7.20 -8.44
N VAL B 176 14.88 6.84 -9.52
CA VAL B 176 15.51 6.06 -10.59
C VAL B 176 16.54 6.90 -11.32
N ALA B 177 17.55 6.23 -11.89
CA ALA B 177 18.56 6.88 -12.73
C ALA B 177 18.31 6.69 -14.21
N GLY B 178 17.73 5.54 -14.59
CA GLY B 178 17.40 5.25 -15.97
C GLY B 178 16.21 4.32 -16.02
N SER B 179 15.53 4.33 -17.16
CA SER B 179 14.36 3.48 -17.38
C SER B 179 14.33 3.00 -18.82
N HIS B 180 13.85 1.78 -19.04
CA HIS B 180 13.76 1.21 -20.38
C HIS B 180 12.32 0.89 -20.77
N TRP B 181 12.06 0.97 -22.07
CA TRP B 181 10.73 1.00 -22.66
C TRP B 181 10.73 0.18 -23.95
N GLU B 182 9.81 -0.79 -24.07
CA GLU B 182 9.86 -1.77 -25.17
C GLU B 182 8.68 -1.60 -26.13
N ASP B 183 8.90 -1.98 -27.39
CA ASP B 183 7.93 -1.73 -28.46
C ASP B 183 6.89 -2.86 -28.60
N GLN B 184 6.39 -3.38 -27.48
CA GLN B 184 5.33 -4.37 -27.46
C GLN B 184 3.99 -3.73 -27.12
N LEU B 185 2.92 -4.42 -27.47
CA LEU B 185 1.58 -4.02 -27.07
C LEU B 185 1.38 -4.32 -25.59
N ALA B 186 1.07 -3.29 -24.79
CA ALA B 186 1.01 -3.48 -23.33
C ALA B 186 0.04 -4.59 -22.94
N SER B 187 -1.14 -4.62 -23.57
CA SER B 187 -2.15 -5.61 -23.19
C SER B 187 -1.73 -7.05 -23.46
N GLU B 188 -0.69 -7.28 -24.28
CA GLU B 188 -0.20 -8.63 -24.54
C GLU B 188 1.30 -8.75 -24.26
N LYS B 189 1.81 -7.95 -23.32
CA LYS B 189 3.25 -7.89 -23.06
C LYS B 189 3.79 -9.25 -22.65
N LYS B 190 5.02 -9.55 -23.09
CA LYS B 190 5.71 -10.78 -22.70
C LYS B 190 7.16 -10.48 -22.36
N CYS B 191 7.71 -11.34 -21.50
CA CYS B 191 9.16 -11.46 -21.41
C CYS B 191 9.71 -11.67 -22.81
N GLY B 192 10.87 -11.04 -23.09
CA GLY B 192 11.46 -11.15 -24.41
C GLY B 192 11.71 -12.58 -24.86
N HIS B 193 11.80 -13.52 -23.91
CA HIS B 193 12.12 -14.91 -24.22
C HIS B 193 10.92 -15.83 -24.05
N LEU B 194 9.73 -15.26 -23.97
CA LEU B 194 8.47 -15.99 -24.11
C LEU B 194 7.91 -15.76 -25.50
N GLY B 195 7.03 -16.67 -25.93
CA GLY B 195 6.32 -16.53 -27.18
C GLY B 195 5.12 -15.60 -27.07
N GLY B 196 4.41 -15.47 -28.19
CA GLY B 196 3.19 -14.69 -28.24
C GLY B 196 3.39 -13.18 -28.17
N LYS B 197 4.51 -12.68 -28.70
CA LYS B 197 4.79 -11.25 -28.62
C LYS B 197 4.14 -10.50 -29.77
N VAL B 198 3.63 -9.30 -29.47
CA VAL B 198 2.95 -8.44 -30.44
C VAL B 198 3.62 -7.08 -30.43
N LEU B 199 4.15 -6.66 -31.58
CA LEU B 199 4.79 -5.35 -31.67
C LEU B 199 3.75 -4.25 -31.90
N ILE B 200 4.12 -3.02 -31.57
CA ILE B 200 3.34 -1.85 -31.97
C ILE B 200 4.13 -1.13 -33.09
N PRO B 201 3.50 -0.20 -33.80
CA PRO B 201 4.20 0.45 -34.92
C PRO B 201 5.38 1.29 -34.45
N THR B 202 6.36 1.44 -35.36
CA THR B 202 7.57 2.21 -35.05
C THR B 202 7.23 3.57 -34.46
N GLN B 203 6.32 4.31 -35.09
CA GLN B 203 6.00 5.65 -34.61
C GLN B 203 5.33 5.62 -33.24
N GLN B 204 4.59 4.55 -32.93
CA GLN B 204 3.98 4.48 -31.60
C GLN B 204 5.05 4.33 -30.52
N HIS B 205 6.13 3.61 -30.81
CA HIS B 205 7.18 3.53 -29.79
C HIS B 205 7.98 4.83 -29.71
N ILE B 206 8.12 5.57 -30.81
CA ILE B 206 8.74 6.89 -30.71
C ILE B 206 7.89 7.78 -29.81
N ARG B 207 6.57 7.64 -29.88
CA ARG B 207 5.68 8.39 -28.99
CA ARG B 207 5.68 8.40 -28.99
C ARG B 207 5.92 8.03 -27.53
N THR B 208 6.12 6.75 -27.25
CA THR B 208 6.45 6.31 -25.90
C THR B 208 7.78 6.91 -25.44
N LEU B 209 8.80 6.85 -26.30
CA LEU B 209 10.10 7.41 -25.90
C LEU B 209 10.02 8.92 -25.73
N THR B 210 9.20 9.60 -26.54
CA THR B 210 9.01 11.04 -26.38
C THR B 210 8.31 11.34 -25.06
N SER B 211 7.33 10.52 -24.69
CA SER B 211 6.60 10.78 -23.47
C SER B 211 7.49 10.55 -22.25
N ALA B 212 8.38 9.56 -22.30
CA ALA B 212 9.30 9.32 -21.20
C ALA B 212 10.34 10.43 -21.07
N ARG B 213 10.82 10.97 -22.19
CA ARG B 213 11.68 12.14 -22.10
C ARG B 213 10.90 13.34 -21.57
N LEU B 214 9.65 13.51 -22.01
CA LEU B 214 8.86 14.65 -21.57
C LEU B 214 8.66 14.62 -20.06
N ALA B 215 8.33 13.44 -19.49
CA ALA B 215 8.14 13.37 -18.05
C ALA B 215 9.42 13.71 -17.30
N ALA B 216 10.58 13.29 -17.83
CA ALA B 216 11.83 13.60 -17.17
C ALA B 216 12.13 15.10 -17.23
N ASP B 217 11.86 15.73 -18.39
CA ASP B 217 12.04 17.18 -18.53
C ASP B 217 11.12 17.94 -17.58
N VAL B 218 9.85 17.53 -17.48
CA VAL B 218 8.92 18.22 -16.58
C VAL B 218 9.37 18.06 -15.13
N ALA B 219 9.89 16.88 -14.77
CA ALA B 219 10.49 16.66 -13.45
C ALA B 219 11.90 17.24 -13.30
N ASP B 220 12.44 17.88 -14.34
CA ASP B 220 13.72 18.61 -14.28
C ASP B 220 14.88 17.69 -13.87
N VAL B 221 14.91 16.46 -14.40
CA VAL B 221 16.05 15.57 -14.17
C VAL B 221 16.51 14.91 -15.47
N PRO B 222 17.81 14.65 -15.62
CA PRO B 222 18.36 14.15 -16.89
C PRO B 222 18.36 12.62 -17.00
N THR B 223 17.19 12.01 -16.76
CA THR B 223 17.06 10.55 -16.70
C THR B 223 17.60 9.88 -17.97
N VAL B 224 18.28 8.75 -17.79
CA VAL B 224 18.77 7.97 -18.93
C VAL B 224 17.61 7.17 -19.50
N VAL B 225 17.33 7.32 -20.80
CA VAL B 225 16.18 6.67 -21.45
C VAL B 225 16.69 5.59 -22.39
N ILE B 226 16.18 4.36 -22.21
CA ILE B 226 16.64 3.19 -22.96
C ILE B 226 15.48 2.67 -23.80
N ALA B 227 15.72 2.48 -25.09
CA ALA B 227 14.72 1.90 -25.99
C ALA B 227 15.06 0.43 -26.24
N ARG B 228 14.07 -0.44 -26.07
CA ARG B 228 14.22 -1.86 -26.30
C ARG B 228 13.33 -2.30 -27.44
N THR B 229 13.86 -3.12 -28.36
CA THR B 229 13.04 -3.69 -29.41
C THR B 229 12.93 -5.20 -29.24
N ASP B 230 11.72 -5.70 -29.46
CA ASP B 230 11.40 -7.11 -29.38
C ASP B 230 11.19 -7.72 -30.75
N ALA B 231 11.70 -7.08 -31.79
CA ALA B 231 11.40 -7.52 -33.15
C ALA B 231 12.20 -8.73 -33.60
N GLU B 232 13.17 -9.20 -32.82
CA GLU B 232 13.95 -10.36 -33.25
C GLU B 232 13.09 -11.62 -33.28
N ALA B 233 12.20 -11.77 -32.29
CA ALA B 233 11.33 -12.96 -32.18
C ALA B 233 9.86 -12.71 -32.48
N ALA B 234 9.35 -11.48 -32.31
CA ALA B 234 7.91 -11.24 -32.49
C ALA B 234 7.49 -11.45 -33.94
N THR B 235 6.39 -12.18 -34.15
CA THR B 235 5.85 -12.39 -35.49
C THR B 235 4.49 -11.74 -35.68
N LEU B 236 4.06 -10.88 -34.76
CA LEU B 236 2.81 -10.15 -34.86
C LEU B 236 3.08 -8.66 -34.63
N ILE B 237 2.25 -7.83 -35.26
CA ILE B 237 2.23 -6.39 -35.02
C ILE B 237 0.77 -5.92 -35.06
N THR B 238 0.49 -4.82 -34.38
CA THR B 238 -0.92 -4.43 -34.25
C THR B 238 -1.48 -3.81 -35.52
N SER B 239 -0.65 -3.19 -36.36
CA SER B 239 -1.19 -2.45 -37.49
C SER B 239 -0.09 -2.29 -38.52
N ASP B 240 -0.49 -2.07 -39.77
CA ASP B 240 0.43 -1.85 -40.87
C ASP B 240 0.56 -0.37 -41.25
N VAL B 241 0.16 0.53 -40.35
CA VAL B 241 0.02 1.94 -40.72
C VAL B 241 1.37 2.60 -41.00
N ASP B 242 2.46 2.13 -40.39
CA ASP B 242 3.75 2.80 -40.45
C ASP B 242 4.54 2.27 -41.64
N GLU B 243 4.92 3.16 -42.56
CA GLU B 243 5.63 2.73 -43.76
C GLU B 243 6.97 2.06 -43.45
N ARG B 244 7.59 2.37 -42.29
CA ARG B 244 8.83 1.71 -41.93
C ARG B 244 8.63 0.25 -41.54
N ASP B 245 7.42 -0.13 -41.14
CA ASP B 245 7.10 -1.49 -40.77
C ASP B 245 6.59 -2.33 -41.95
N GLN B 246 6.04 -1.68 -42.96
CA GLN B 246 5.43 -2.41 -44.07
C GLN B 246 6.37 -3.36 -44.81
N PRO B 247 7.68 -3.10 -44.97
CA PRO B 247 8.53 -4.09 -45.64
C PRO B 247 8.52 -5.49 -45.01
N PHE B 248 8.15 -5.62 -43.74
CA PHE B 248 8.17 -6.91 -43.06
C PHE B 248 6.78 -7.52 -42.91
N ILE B 249 5.75 -6.80 -43.31
CA ILE B 249 4.38 -7.27 -43.14
C ILE B 249 4.03 -8.21 -44.27
N THR B 250 3.54 -9.40 -43.91
CA THR B 250 3.27 -10.43 -44.91
C THR B 250 1.89 -10.31 -45.55
N GLY B 251 0.97 -9.66 -44.89
CA GLY B 251 -0.40 -9.59 -45.28
C GLY B 251 -1.33 -10.59 -44.60
N GLU B 252 -0.81 -11.58 -43.94
CA GLU B 252 -1.61 -12.42 -43.09
C GLU B 252 -2.15 -11.68 -41.84
N ARG B 253 -3.29 -12.13 -41.37
CA ARG B 253 -3.87 -11.63 -40.15
C ARG B 253 -4.05 -12.70 -39.08
N THR B 254 -4.59 -12.27 -37.97
CA THR B 254 -5.08 -13.19 -37.01
C THR B 254 -6.55 -12.86 -36.74
N ARG B 255 -7.23 -13.75 -36.07
CA ARG B 255 -8.58 -13.54 -35.70
C ARG B 255 -8.74 -12.29 -34.88
N GLU B 256 -7.77 -12.00 -34.03
CA GLU B 256 -7.78 -10.81 -33.20
C GLU B 256 -7.55 -9.53 -34.01
N GLY B 257 -7.12 -9.65 -35.26
CA GLY B 257 -6.85 -8.49 -36.07
C GLY B 257 -5.40 -8.08 -36.14
N PHE B 258 -4.49 -8.85 -35.56
CA PHE B 258 -3.07 -8.57 -35.68
C PHE B 258 -2.57 -8.91 -37.08
N TYR B 259 -1.43 -8.31 -37.45
CA TYR B 259 -0.79 -8.57 -38.73
C TYR B 259 0.44 -9.45 -38.50
N ARG B 260 0.59 -10.49 -39.31
CA ARG B 260 1.83 -11.25 -39.25
CA ARG B 260 1.83 -11.27 -39.29
C ARG B 260 2.97 -10.45 -39.84
N THR B 261 4.16 -10.59 -39.25
CA THR B 261 5.32 -9.80 -39.68
C THR B 261 6.57 -10.67 -39.58
N LYS B 262 7.55 -10.40 -40.44
CA LYS B 262 8.77 -11.22 -40.51
C LYS B 262 9.80 -10.72 -39.51
N ASN B 263 10.20 -11.62 -38.62
CA ASN B 263 11.08 -11.32 -37.50
C ASN B 263 12.54 -11.53 -37.90
N GLY B 264 13.44 -11.03 -37.05
CA GLY B 264 14.86 -11.26 -37.16
C GLY B 264 15.63 -10.00 -36.91
N ILE B 265 16.92 -10.03 -37.27
CA ILE B 265 17.78 -8.90 -36.96
C ILE B 265 17.45 -7.70 -37.85
N GLU B 266 16.89 -7.94 -39.05
CA GLU B 266 16.65 -6.82 -39.96
C GLU B 266 15.64 -5.81 -39.43
N PRO B 267 14.42 -6.19 -39.02
CA PRO B 267 13.53 -5.18 -38.41
C PRO B 267 14.09 -4.60 -37.12
N CYS B 268 14.95 -5.35 -36.42
CA CYS B 268 15.61 -4.83 -35.22
C CYS B 268 16.54 -3.67 -35.56
N ILE B 269 17.33 -3.83 -36.62
CA ILE B 269 18.25 -2.78 -37.04
C ILE B 269 17.46 -1.57 -37.51
N ALA B 270 16.38 -1.81 -38.24
CA ALA B 270 15.54 -0.72 -38.75
C ALA B 270 14.90 0.05 -37.60
N ARG B 271 14.33 -0.67 -36.65
CA ARG B 271 13.71 -0.02 -35.49
C ARG B 271 14.74 0.72 -34.65
N ALA B 272 15.91 0.12 -34.43
CA ALA B 272 16.95 0.77 -33.64
C ALA B 272 17.37 2.11 -34.25
N LYS B 273 17.57 2.15 -35.57
CA LYS B 273 17.88 3.42 -36.23
C LYS B 273 16.75 4.43 -36.05
N ALA B 274 15.50 3.98 -36.11
CA ALA B 274 14.40 4.91 -35.92
C ALA B 274 14.34 5.42 -34.49
N TYR B 275 14.70 4.58 -33.51
CA TYR B 275 14.62 4.98 -32.10
C TYR B 275 15.81 5.81 -31.67
N ALA B 276 16.92 5.75 -32.41
CA ALA B 276 18.17 6.30 -31.92
C ALA B 276 18.10 7.78 -31.57
N PRO B 277 17.45 8.66 -32.34
CA PRO B 277 17.37 10.07 -31.89
C PRO B 277 16.61 10.25 -30.60
N PHE B 278 15.88 9.24 -30.14
CA PHE B 278 15.00 9.33 -28.98
C PHE B 278 15.44 8.46 -27.80
N ALA B 279 16.63 7.86 -27.86
CA ALA B 279 17.09 6.97 -26.80
C ALA B 279 18.56 7.18 -26.49
N ASP B 280 18.92 7.20 -25.20
CA ASP B 280 20.32 7.25 -24.79
C ASP B 280 21.03 5.91 -25.00
N LEU B 281 20.32 4.79 -24.86
CA LEU B 281 20.86 3.48 -25.21
C LEU B 281 19.78 2.69 -25.94
N ILE B 282 20.22 1.75 -26.77
CA ILE B 282 19.30 0.87 -27.51
C ILE B 282 19.64 -0.57 -27.19
N TRP B 283 18.59 -1.39 -27.04
CA TRP B 283 18.71 -2.78 -26.60
C TRP B 283 17.87 -3.65 -27.51
N MET B 284 18.48 -4.70 -28.06
CA MET B 284 17.79 -5.68 -28.89
C MET B 284 17.71 -6.99 -28.13
N GLU B 285 16.49 -7.46 -27.83
CA GLU B 285 16.36 -8.80 -27.25
C GLU B 285 16.77 -9.83 -28.28
N THR B 286 17.45 -10.88 -27.83
CA THR B 286 17.92 -11.93 -28.72
C THR B 286 17.51 -13.29 -28.16
N GLY B 287 17.56 -14.30 -29.03
CA GLY B 287 17.13 -15.62 -28.65
C GLY B 287 18.23 -16.51 -28.06
N THR B 288 19.48 -16.14 -28.31
CA THR B 288 20.65 -16.86 -27.84
C THR B 288 21.74 -15.86 -27.50
N PRO B 289 22.70 -16.25 -26.66
CA PRO B 289 23.85 -15.37 -26.40
C PRO B 289 24.92 -15.52 -27.48
N ASP B 290 24.91 -14.66 -28.49
CA ASP B 290 25.65 -14.85 -29.72
C ASP B 290 26.47 -13.60 -30.01
N LEU B 291 27.79 -13.68 -29.82
CA LEU B 291 28.64 -12.50 -30.03
C LEU B 291 28.63 -12.06 -31.48
N GLU B 292 28.46 -12.98 -32.42
CA GLU B 292 28.47 -12.60 -33.83
C GLU B 292 27.20 -11.87 -34.22
N ALA B 293 26.04 -12.34 -33.72
CA ALA B 293 24.80 -11.61 -33.97
C ALA B 293 24.81 -10.24 -33.30
N ALA B 294 25.39 -10.15 -32.11
CA ALA B 294 25.52 -8.86 -31.44
C ALA B 294 26.40 -7.92 -32.25
N ARG B 295 27.44 -8.46 -32.87
CA ARG B 295 28.32 -7.64 -33.70
C ARG B 295 27.57 -7.08 -34.90
N GLN B 296 26.76 -7.92 -35.56
CA GLN B 296 26.02 -7.47 -36.73
C GLN B 296 25.05 -6.35 -36.39
N PHE B 297 24.37 -6.46 -35.25
CA PHE B 297 23.48 -5.39 -34.79
C PHE B 297 24.27 -4.12 -34.51
N SER B 298 25.32 -4.23 -33.68
CA SER B 298 26.15 -3.09 -33.34
C SER B 298 26.67 -2.37 -34.59
N GLU B 299 27.29 -3.12 -35.51
CA GLU B 299 27.92 -2.48 -36.66
C GLU B 299 26.90 -1.82 -37.56
N ALA B 300 25.74 -2.45 -37.74
CA ALA B 300 24.71 -1.86 -38.60
C ALA B 300 24.17 -0.56 -38.01
N VAL B 301 24.01 -0.50 -36.67
CA VAL B 301 23.46 0.71 -36.06
C VAL B 301 24.49 1.82 -36.09
N LYS B 302 25.74 1.50 -35.75
CA LYS B 302 26.81 2.49 -35.70
C LYS B 302 27.27 2.93 -37.08
N ALA B 303 26.91 2.19 -38.13
CA ALA B 303 27.17 2.68 -39.48
C ALA B 303 26.49 4.02 -39.69
N GLU B 304 25.31 4.21 -39.10
CA GLU B 304 24.61 5.48 -39.21
C GLU B 304 24.75 6.35 -37.97
N TYR B 305 24.89 5.77 -36.78
CA TYR B 305 25.01 6.51 -35.53
C TYR B 305 26.23 6.00 -34.78
N PRO B 306 27.42 6.45 -35.18
CA PRO B 306 28.66 5.87 -34.63
C PRO B 306 28.77 5.94 -33.12
N ASP B 307 28.21 6.97 -32.49
CA ASP B 307 28.36 7.19 -31.06
C ASP B 307 27.23 6.60 -30.22
N GLN B 308 26.28 5.89 -30.84
CA GLN B 308 25.13 5.36 -30.12
C GLN B 308 25.54 4.20 -29.22
N MET B 309 25.32 4.36 -27.91
CA MET B 309 25.58 3.29 -26.94
C MET B 309 24.45 2.27 -26.96
N LEU B 310 24.81 1.02 -26.64
CA LEU B 310 23.86 -0.09 -26.69
C LEU B 310 23.84 -0.80 -25.35
N ALA B 311 22.79 -1.61 -25.13
CA ALA B 311 22.68 -2.39 -23.91
C ALA B 311 22.38 -3.83 -24.28
N TYR B 312 22.77 -4.76 -23.40
CA TYR B 312 22.63 -6.19 -23.69
C TYR B 312 22.14 -6.98 -22.47
N ASN B 313 21.10 -7.79 -22.67
CA ASN B 313 20.54 -8.66 -21.64
C ASN B 313 21.31 -9.98 -21.62
N CYS B 314 22.10 -10.21 -20.56
CA CYS B 314 22.76 -11.51 -20.36
C CYS B 314 21.81 -12.41 -19.59
N SER B 315 20.90 -13.02 -20.33
CA SER B 315 19.66 -13.56 -19.75
C SER B 315 19.85 -14.94 -19.13
N PRO B 316 19.34 -15.18 -17.92
CA PRO B 316 19.21 -16.55 -17.41
C PRO B 316 18.24 -17.40 -18.22
N SER B 317 17.45 -16.82 -19.13
CA SER B 317 16.59 -17.62 -19.99
C SER B 317 17.39 -18.40 -21.04
N PHE B 318 18.69 -18.10 -21.19
CA PHE B 318 19.58 -18.89 -22.03
C PHE B 318 20.18 -20.02 -21.20
N ASN B 319 20.31 -21.20 -21.80
CA ASN B 319 21.13 -22.26 -21.22
C ASN B 319 22.55 -22.02 -21.70
N TRP B 320 23.38 -21.44 -20.83
CA TRP B 320 24.63 -20.83 -21.30
C TRP B 320 25.60 -21.89 -21.82
N LYS B 321 25.82 -22.96 -21.07
CA LYS B 321 26.79 -23.98 -21.50
C LYS B 321 26.26 -24.91 -22.59
N LYS B 322 24.96 -24.88 -22.91
CA LYS B 322 24.52 -25.54 -24.13
C LYS B 322 24.91 -24.74 -25.37
N HIS B 323 25.22 -23.45 -25.23
CA HIS B 323 25.53 -22.60 -26.36
C HIS B 323 26.99 -22.26 -26.49
N LEU B 324 27.72 -22.09 -25.38
CA LEU B 324 29.05 -21.52 -25.40
C LEU B 324 29.99 -22.35 -24.53
N ASP B 325 31.27 -22.38 -24.92
CA ASP B 325 32.27 -23.00 -24.07
C ASP B 325 32.73 -22.03 -22.99
N ASP B 326 33.51 -22.53 -22.04
CA ASP B 326 33.88 -21.74 -20.87
C ASP B 326 34.72 -20.52 -21.24
N ALA B 327 35.55 -20.62 -22.28
CA ALA B 327 36.39 -19.49 -22.64
C ALA B 327 35.57 -18.36 -23.24
N THR B 328 34.56 -18.70 -24.06
CA THR B 328 33.70 -17.65 -24.59
C THR B 328 32.86 -17.03 -23.50
N ILE B 329 32.40 -17.85 -22.54
CA ILE B 329 31.65 -17.33 -21.41
C ILE B 329 32.47 -16.30 -20.64
N ALA B 330 33.75 -16.59 -20.42
CA ALA B 330 34.59 -15.73 -19.62
C ALA B 330 34.87 -14.39 -20.30
N LYS B 331 34.88 -14.36 -21.63
CA LYS B 331 35.17 -13.13 -22.36
C LYS B 331 33.92 -12.40 -22.82
N PHE B 332 32.73 -12.92 -22.49
CA PHE B 332 31.51 -12.52 -23.15
C PHE B 332 31.24 -11.02 -22.97
N GLN B 333 31.19 -10.55 -21.72
CA GLN B 333 30.91 -9.14 -21.48
C GLN B 333 32.02 -8.22 -22.02
N LYS B 334 33.28 -8.63 -21.90
CA LYS B 334 34.37 -7.79 -22.38
C LYS B 334 34.27 -7.59 -23.89
N GLU B 335 33.95 -8.64 -24.63
CA GLU B 335 33.79 -8.53 -26.08
C GLU B 335 32.60 -7.66 -26.44
N LEU B 336 31.47 -7.83 -25.75
CA LEU B 336 30.32 -6.97 -26.00
C LEU B 336 30.68 -5.50 -25.78
N ALA B 337 31.44 -5.21 -24.72
CA ALA B 337 31.77 -3.82 -24.42
C ALA B 337 32.55 -3.17 -25.55
N ALA B 338 33.43 -3.93 -26.20
CA ALA B 338 34.20 -3.41 -27.33
C ALA B 338 33.31 -3.11 -28.55
N MET B 339 32.15 -3.74 -28.65
CA MET B 339 31.17 -3.46 -29.69
C MET B 339 30.26 -2.29 -29.36
N GLY B 340 30.41 -1.71 -28.17
CA GLY B 340 29.61 -0.57 -27.77
C GLY B 340 28.41 -0.90 -26.89
N PHE B 341 28.33 -2.13 -26.37
CA PHE B 341 27.31 -2.48 -25.37
C PHE B 341 27.82 -2.05 -24.01
N LYS B 342 27.45 -0.83 -23.61
CA LYS B 342 28.00 -0.19 -22.42
C LYS B 342 27.22 -0.47 -21.15
N PHE B 343 25.99 -0.97 -21.26
CA PHE B 343 25.22 -1.39 -20.10
C PHE B 343 24.82 -2.84 -20.28
N GLN B 344 25.29 -3.70 -19.39
CA GLN B 344 25.05 -5.13 -19.49
C GLN B 344 24.53 -5.65 -18.15
N PHE B 345 23.58 -6.58 -18.20
CA PHE B 345 22.88 -6.90 -16.97
C PHE B 345 22.32 -8.31 -17.04
N ILE B 346 22.34 -9.02 -15.91
CA ILE B 346 21.70 -10.32 -15.77
C ILE B 346 20.35 -10.09 -15.10
N THR B 347 19.28 -10.16 -15.90
CA THR B 347 17.94 -9.75 -15.47
C THR B 347 17.45 -10.49 -14.24
N LEU B 348 17.49 -11.83 -14.26
CA LEU B 348 16.85 -12.64 -13.24
C LEU B 348 17.83 -13.19 -12.22
N ALA B 349 18.97 -12.52 -12.02
CA ALA B 349 19.96 -12.99 -11.05
C ALA B 349 19.38 -13.12 -9.65
N GLY B 350 18.57 -12.14 -9.24
CA GLY B 350 18.00 -12.19 -7.88
C GLY B 350 17.03 -13.34 -7.68
N PHE B 351 16.16 -13.58 -8.67
CA PHE B 351 15.24 -14.71 -8.57
C PHE B 351 16.01 -16.01 -8.41
N HIS B 352 17.06 -16.19 -9.20
CA HIS B 352 17.76 -17.47 -9.14
C HIS B 352 18.62 -17.60 -7.89
N ALA B 353 19.29 -16.53 -7.47
CA ALA B 353 20.05 -16.60 -6.22
C ALA B 353 19.12 -16.87 -5.03
N LEU B 354 17.97 -16.19 -4.99
CA LEU B 354 17.04 -16.36 -3.86
C LEU B 354 16.40 -17.75 -3.86
N ASN B 355 15.90 -18.20 -5.02
CA ASN B 355 15.21 -19.49 -5.04
C ASN B 355 16.17 -20.64 -4.83
N TYR B 356 17.37 -20.58 -5.42
CA TYR B 356 18.30 -21.70 -5.25
C TYR B 356 18.84 -21.76 -3.82
N SER B 357 19.21 -20.61 -3.25
CA SER B 357 19.81 -20.66 -1.92
C SER B 357 18.82 -21.12 -0.85
N MET B 358 17.53 -20.78 -0.99
CA MET B 358 16.55 -21.29 -0.02
C MET B 358 16.22 -22.77 -0.26
N PHE B 359 16.12 -23.21 -1.52
CA PHE B 359 15.93 -24.64 -1.74
C PHE B 359 17.09 -25.43 -1.15
N ASP B 360 18.32 -25.00 -1.45
CA ASP B 360 19.49 -25.71 -0.96
C ASP B 360 19.50 -25.77 0.57
N LEU B 361 19.24 -24.64 1.23
CA LEU B 361 19.23 -24.64 2.69
C LEU B 361 18.07 -25.46 3.25
N ALA B 362 16.87 -25.27 2.70
CA ALA B 362 15.69 -25.98 3.25
C ALA B 362 15.80 -27.49 3.05
N TYR B 363 16.40 -27.92 1.94
CA TYR B 363 16.53 -29.35 1.70
C TYR B 363 17.46 -29.99 2.74
N GLY B 364 18.62 -29.36 2.99
CA GLY B 364 19.52 -29.84 4.02
C GLY B 364 18.91 -29.79 5.41
N TYR B 365 18.16 -28.72 5.71
CA TYR B 365 17.47 -28.60 6.99
C TYR B 365 16.44 -29.71 7.17
N ALA B 366 15.67 -30.00 6.13
CA ALA B 366 14.70 -31.08 6.20
C ALA B 366 15.36 -32.41 6.51
N GLN B 367 16.58 -32.62 6.03
CA GLN B 367 17.28 -33.89 6.23
C GLN B 367 18.08 -33.93 7.53
N ASN B 368 18.79 -32.86 7.86
CA ASN B 368 19.78 -32.87 8.93
C ASN B 368 19.65 -31.71 9.92
N GLN B 369 18.59 -30.91 9.82
CA GLN B 369 18.30 -29.83 10.76
C GLN B 369 19.48 -28.86 10.95
N MET B 370 19.96 -28.66 12.18
CA MET B 370 20.87 -27.55 12.45
C MET B 370 22.19 -27.68 11.68
N SER B 371 22.62 -28.90 11.37
CA SER B 371 23.88 -29.07 10.65
C SER B 371 23.86 -28.32 9.32
N ALA B 372 22.71 -28.31 8.64
CA ALA B 372 22.62 -27.61 7.36
C ALA B 372 22.73 -26.11 7.54
N TYR B 373 22.13 -25.55 8.59
CA TYR B 373 22.25 -24.11 8.78
C TYR B 373 23.68 -23.73 9.17
N VAL B 374 24.33 -24.54 10.00
CA VAL B 374 25.66 -24.20 10.46
C VAL B 374 26.63 -24.14 9.28
N GLU B 375 26.42 -25.01 8.29
CA GLU B 375 27.23 -24.96 7.08
CA GLU B 375 27.23 -24.97 7.08
C GLU B 375 27.12 -23.61 6.40
N LEU B 376 25.91 -23.02 6.39
CA LEU B 376 25.74 -21.70 5.79
C LEU B 376 26.42 -20.62 6.64
N GLN B 377 26.20 -20.67 7.97
CA GLN B 377 26.81 -19.68 8.85
C GLN B 377 28.33 -19.69 8.71
N GLU B 378 28.92 -20.87 8.54
CA GLU B 378 30.38 -20.94 8.41
C GLU B 378 30.84 -20.37 7.07
N ARG B 379 30.08 -20.59 5.99
CA ARG B 379 30.41 -19.93 4.74
C ARG B 379 30.35 -18.42 4.88
N GLU B 380 29.41 -17.92 5.68
CA GLU B 380 29.31 -16.49 5.93
C GLU B 380 30.54 -15.97 6.69
N PHE B 381 30.96 -16.68 7.75
CA PHE B 381 32.17 -16.26 8.44
C PHE B 381 33.36 -16.24 7.50
N ALA B 382 33.44 -17.23 6.62
CA ALA B 382 34.55 -17.30 5.67
C ALA B 382 34.51 -16.15 4.68
N ALA B 383 33.32 -15.67 4.31
CA ALA B 383 33.21 -14.59 3.34
C ALA B 383 33.60 -13.24 3.91
N GLU B 384 33.79 -13.11 5.22
CA GLU B 384 34.19 -11.83 5.79
C GLU B 384 35.53 -11.34 5.23
N GLU B 385 36.44 -12.26 4.90
CA GLU B 385 37.72 -11.81 4.35
C GLU B 385 37.58 -11.25 2.95
N ARG B 386 36.46 -11.50 2.27
CA ARG B 386 36.12 -10.87 1.00
C ARG B 386 35.34 -9.57 1.16
N GLY B 387 35.01 -9.18 2.39
CA GLY B 387 34.27 -7.94 2.63
C GLY B 387 32.83 -8.12 3.05
N TYR B 388 32.33 -9.35 3.14
CA TYR B 388 30.97 -9.60 3.61
C TYR B 388 30.80 -9.14 5.06
N THR B 389 29.67 -8.48 5.35
CA THR B 389 29.41 -7.96 6.69
C THR B 389 28.11 -8.45 7.33
N ALA B 390 27.21 -9.11 6.60
CA ALA B 390 25.88 -9.36 7.14
C ALA B 390 25.84 -10.51 8.14
N THR B 391 26.95 -11.24 8.33
CA THR B 391 27.06 -12.15 9.46
C THR B 391 26.62 -11.47 10.76
N LYS B 392 27.05 -10.23 10.97
CA LYS B 392 26.58 -9.40 12.09
C LYS B 392 25.28 -8.72 11.66
N HIS B 393 24.18 -9.47 11.78
CA HIS B 393 22.92 -9.02 11.18
C HIS B 393 22.33 -7.80 11.89
N GLN B 394 22.61 -7.60 13.18
CA GLN B 394 22.01 -6.47 13.90
C GLN B 394 22.56 -5.14 13.38
N ARG B 395 23.89 -5.01 13.32
CA ARG B 395 24.43 -3.77 12.76
C ARG B 395 24.10 -3.65 11.28
N GLU B 396 23.90 -4.78 10.58
CA GLU B 396 23.67 -4.71 9.14
C GLU B 396 22.34 -4.02 8.81
N VAL B 397 21.34 -4.14 9.68
CA VAL B 397 20.06 -3.48 9.45
C VAL B 397 19.92 -2.20 10.26
N GLY B 398 20.98 -1.73 10.90
CA GLY B 398 20.96 -0.42 11.50
C GLY B 398 20.79 -0.34 13.01
N ALA B 399 20.98 -1.43 13.75
CA ALA B 399 20.84 -1.36 15.20
C ALA B 399 21.79 -0.30 15.79
N GLY B 400 23.00 -0.20 15.25
CA GLY B 400 23.94 0.80 15.76
C GLY B 400 23.54 2.21 15.36
N TYR B 401 22.99 2.37 14.16
CA TYR B 401 22.55 3.68 13.72
C TYR B 401 21.39 4.20 14.56
N PHE B 402 20.41 3.32 14.86
CA PHE B 402 19.30 3.77 15.71
C PHE B 402 19.72 3.91 17.17
N ASP B 403 20.72 3.15 17.62
CA ASP B 403 21.31 3.43 18.94
C ASP B 403 21.86 4.85 18.99
N ARG B 404 22.46 5.32 17.90
CA ARG B 404 23.03 6.67 17.86
C ARG B 404 21.92 7.72 17.90
N ILE B 405 20.81 7.50 17.15
CA ILE B 405 19.66 8.38 17.27
C ILE B 405 19.17 8.43 18.71
N ALA B 406 19.03 7.24 19.33
CA ALA B 406 18.49 7.16 20.69
C ALA B 406 19.35 7.93 21.68
N THR B 407 20.67 7.76 21.62
CA THR B 407 21.53 8.48 22.55
C THR B 407 21.71 9.95 22.19
N THR B 408 21.46 10.33 20.93
CA THR B 408 21.42 11.75 20.59
C THR B 408 20.22 12.44 21.24
N VAL B 409 19.07 11.76 21.23
CA VAL B 409 17.87 12.32 21.84
C VAL B 409 18.00 12.31 23.37
N ASP B 410 18.56 11.25 23.93
CA ASP B 410 18.65 11.09 25.39
C ASP B 410 19.91 10.31 25.70
N PRO B 411 21.02 11.01 25.99
CA PRO B 411 22.29 10.30 26.24
C PRO B 411 22.25 9.35 27.45
N ASN B 412 21.24 9.45 28.31
CA ASN B 412 21.14 8.58 29.48
C ASN B 412 20.14 7.43 29.31
N SER B 413 19.72 7.15 28.08
CA SER B 413 18.68 6.16 27.86
C SER B 413 19.10 4.79 28.40
N SER B 414 18.17 4.11 29.07
CA SER B 414 18.40 2.78 29.61
C SER B 414 18.06 1.66 28.63
N THR B 415 17.62 1.98 27.41
CA THR B 415 17.01 0.99 26.54
C THR B 415 17.66 0.98 25.14
N THR B 416 18.98 1.17 25.06
CA THR B 416 19.62 0.99 23.75
C THR B 416 19.89 -0.50 23.49
N ALA B 417 20.13 -0.84 22.22
CA ALA B 417 20.01 -2.21 21.74
C ALA B 417 21.33 -2.98 21.67
N LEU B 418 22.44 -2.37 21.23
CA LEU B 418 23.62 -3.18 20.91
C LEU B 418 24.39 -3.59 22.16
N THR B 419 24.51 -2.72 23.16
CA THR B 419 25.16 -3.12 24.40
C THR B 419 24.36 -4.21 25.10
N GLY B 420 25.03 -5.31 25.44
CA GLY B 420 24.35 -6.46 26.00
C GLY B 420 23.72 -7.41 25.00
N SER B 421 23.91 -7.18 23.70
CA SER B 421 23.38 -8.09 22.69
C SER B 421 24.32 -9.28 22.51
N THR B 422 23.75 -10.41 22.05
CA THR B 422 24.56 -11.57 21.74
C THR B 422 25.47 -11.32 20.53
N GLU B 423 25.14 -10.32 19.70
CA GLU B 423 26.05 -9.94 18.63
C GLU B 423 27.34 -9.36 19.18
N GLU B 424 27.21 -8.49 20.19
CA GLU B 424 28.39 -7.95 20.87
C GLU B 424 29.16 -9.05 21.60
N GLY B 425 28.45 -10.02 22.16
CA GLY B 425 29.11 -11.04 22.98
C GLY B 425 29.70 -12.20 22.20
N GLN B 426 29.08 -12.58 21.08
CA GLN B 426 29.48 -13.80 20.38
C GLN B 426 30.00 -13.57 18.97
N PHE B 427 29.91 -12.35 18.44
CA PHE B 427 30.40 -12.05 17.10
C PHE B 427 31.48 -10.98 17.16
N MET C 1 -3.31 -32.07 4.80
CA MET C 1 -4.31 -33.14 4.70
C MET C 1 -5.55 -32.84 5.56
N SER C 2 -6.47 -32.07 4.99
CA SER C 2 -7.68 -31.62 5.66
C SER C 2 -8.76 -31.49 4.60
N VAL C 3 -10.03 -31.38 5.04
CA VAL C 3 -11.12 -31.24 4.08
C VAL C 3 -11.61 -29.80 3.95
N VAL C 4 -11.06 -28.86 4.72
CA VAL C 4 -11.49 -27.47 4.63
C VAL C 4 -11.17 -26.93 3.24
N GLY C 5 -12.18 -26.34 2.60
CA GLY C 5 -11.99 -25.75 1.28
C GLY C 5 -11.87 -26.74 0.12
N THR C 6 -12.35 -27.97 0.28
CA THR C 6 -12.21 -28.91 -0.83
C THR C 6 -13.02 -28.42 -2.04
N PRO C 7 -12.46 -28.42 -3.24
CA PRO C 7 -13.23 -28.00 -4.41
C PRO C 7 -14.36 -28.97 -4.71
N LYS C 8 -15.40 -28.45 -5.36
CA LYS C 8 -16.46 -29.31 -5.86
C LYS C 8 -15.95 -30.13 -7.04
N SER C 9 -16.67 -31.21 -7.33
CA SER C 9 -16.41 -31.97 -8.54
C SER C 9 -16.95 -31.23 -9.76
N ALA C 10 -16.39 -31.54 -10.93
CA ALA C 10 -16.95 -31.01 -12.17
C ALA C 10 -18.41 -31.40 -12.31
N GLU C 11 -18.77 -32.60 -11.87
CA GLU C 11 -20.16 -33.04 -11.97
C GLU C 11 -21.08 -32.16 -11.16
N GLN C 12 -20.66 -31.79 -9.94
CA GLN C 12 -21.47 -30.88 -9.13
C GLN C 12 -21.61 -29.53 -9.81
N ILE C 13 -20.51 -28.99 -10.35
CA ILE C 13 -20.58 -27.68 -10.98
C ILE C 13 -21.53 -27.69 -12.17
N GLN C 14 -21.38 -28.70 -13.02
CA GLN C 14 -22.24 -28.84 -14.20
C GLN C 14 -23.70 -28.94 -13.80
N GLN C 15 -24.01 -29.69 -12.73
CA GLN C 15 -25.40 -29.84 -12.31
C GLN C 15 -25.99 -28.48 -11.89
N GLU C 16 -25.18 -27.65 -11.23
CA GLU C 16 -25.61 -26.31 -10.86
C GLU C 16 -25.84 -25.44 -12.10
N TRP C 17 -24.89 -25.46 -13.04
CA TRP C 17 -25.07 -24.69 -14.29
C TRP C 17 -26.32 -25.13 -15.03
N ASP C 18 -26.60 -26.43 -15.03
CA ASP C 18 -27.69 -27.00 -15.83
C ASP C 18 -29.06 -26.72 -15.20
N THR C 19 -29.14 -26.62 -13.87
CA THR C 19 -30.44 -26.61 -13.20
C THR C 19 -30.75 -25.38 -12.35
N ASN C 20 -29.74 -24.63 -11.91
CA ASN C 20 -30.04 -23.46 -11.07
C ASN C 20 -30.58 -22.31 -11.91
N PRO C 21 -31.74 -21.73 -11.54
CA PRO C 21 -32.31 -20.64 -12.35
C PRO C 21 -31.40 -19.43 -12.48
N ARG C 22 -30.44 -19.25 -11.55
CA ARG C 22 -29.44 -18.18 -11.67
C ARG C 22 -28.77 -18.21 -13.03
N TRP C 23 -28.58 -19.39 -13.60
CA TRP C 23 -27.82 -19.54 -14.83
C TRP C 23 -28.70 -19.74 -16.06
N LYS C 24 -30.01 -19.49 -15.96
CA LYS C 24 -30.87 -19.51 -17.12
C LYS C 24 -30.38 -18.52 -18.17
N ASP C 25 -30.24 -18.98 -19.41
CA ASP C 25 -29.78 -18.15 -20.52
C ASP C 25 -28.41 -17.50 -20.27
N VAL C 26 -27.53 -18.19 -19.56
CA VAL C 26 -26.13 -17.76 -19.40
C VAL C 26 -25.26 -18.70 -20.22
N THR C 27 -24.54 -18.15 -21.22
CA THR C 27 -23.65 -18.96 -22.04
C THR C 27 -22.25 -18.97 -21.44
N ARG C 28 -21.71 -20.17 -21.26
CA ARG C 28 -20.30 -20.38 -20.94
C ARG C 28 -19.67 -21.20 -22.05
N THR C 29 -18.66 -20.63 -22.72
CA THR C 29 -17.99 -21.33 -23.82
C THR C 29 -16.85 -22.23 -23.36
N TYR C 30 -16.58 -22.31 -22.06
CA TYR C 30 -15.66 -23.27 -21.47
C TYR C 30 -16.45 -24.31 -20.67
N SER C 31 -15.76 -25.34 -20.19
CA SER C 31 -16.41 -26.45 -19.53
C SER C 31 -16.24 -26.41 -18.01
N ALA C 32 -17.06 -27.23 -17.34
CA ALA C 32 -16.94 -27.39 -15.89
C ALA C 32 -15.59 -28.00 -15.51
N GLU C 33 -15.08 -28.94 -16.34
CA GLU C 33 -13.75 -29.47 -16.08
C GLU C 33 -12.67 -28.40 -16.22
N ASP C 34 -12.84 -27.45 -17.15
CA ASP C 34 -11.90 -26.34 -17.27
C ASP C 34 -11.81 -25.54 -15.98
N VAL C 35 -12.95 -25.32 -15.32
CA VAL C 35 -12.98 -24.56 -14.07
C VAL C 35 -12.26 -25.33 -12.97
N VAL C 36 -12.56 -26.62 -12.82
CA VAL C 36 -11.92 -27.41 -11.78
C VAL C 36 -10.40 -27.43 -11.97
N ALA C 37 -9.95 -27.49 -13.23
CA ALA C 37 -8.51 -27.59 -13.51
C ALA C 37 -7.75 -26.36 -13.02
N LEU C 38 -8.43 -25.22 -12.89
CA LEU C 38 -7.78 -23.97 -12.50
C LEU C 38 -7.87 -23.71 -11.00
N GLN C 39 -8.55 -24.58 -10.23
CA GLN C 39 -8.88 -24.29 -8.84
C GLN C 39 -7.87 -24.82 -7.84
N GLY C 40 -6.84 -25.56 -8.28
CA GLY C 40 -5.90 -26.05 -7.28
C GLY C 40 -6.57 -27.08 -6.37
N SER C 41 -6.02 -27.20 -5.15
CA SER C 41 -6.49 -28.19 -4.19
C SER C 41 -7.40 -27.62 -3.11
N VAL C 42 -7.44 -26.31 -2.97
CA VAL C 42 -8.20 -25.63 -1.93
C VAL C 42 -8.85 -24.40 -2.56
N VAL C 43 -10.14 -24.20 -2.30
CA VAL C 43 -10.87 -23.02 -2.78
C VAL C 43 -11.20 -22.15 -1.57
N GLU C 44 -10.67 -20.94 -1.55
CA GLU C 44 -11.02 -20.01 -0.47
C GLU C 44 -12.49 -19.61 -0.58
N GLU C 45 -13.17 -19.58 0.56
CA GLU C 45 -14.53 -19.06 0.59
C GLU C 45 -14.48 -17.53 0.57
N HIS C 46 -15.38 -16.91 -0.20
CA HIS C 46 -15.49 -15.45 -0.29
C HIS C 46 -16.88 -15.08 0.21
N THR C 47 -17.03 -15.01 1.54
CA THR C 47 -18.35 -14.84 2.15
C THR C 47 -19.08 -13.60 1.63
N LEU C 48 -18.41 -12.43 1.70
CA LEU C 48 -19.11 -11.19 1.33
C LEU C 48 -19.40 -11.14 -0.16
N ALA C 49 -18.52 -11.69 -1.00
CA ALA C 49 -18.82 -11.75 -2.44
C ALA C 49 -20.03 -12.65 -2.70
N ARG C 50 -20.10 -13.78 -1.99
CA ARG C 50 -21.21 -14.70 -2.20
C ARG C 50 -22.52 -14.08 -1.71
N ARG C 51 -22.54 -13.60 -0.47
CA ARG C 51 -23.75 -13.00 0.08
C ARG C 51 -24.19 -11.79 -0.75
N GLY C 52 -23.25 -10.93 -1.12
CA GLY C 52 -23.61 -9.73 -1.85
C GLY C 52 -24.19 -10.03 -3.22
N ALA C 53 -23.55 -10.93 -3.97
CA ALA C 53 -24.08 -11.31 -5.27
C ALA C 53 -25.46 -11.95 -5.15
N GLU C 54 -25.66 -12.78 -4.13
CA GLU C 54 -26.96 -13.43 -3.97
C GLU C 54 -28.04 -12.40 -3.63
N VAL C 55 -27.72 -11.47 -2.74
CA VAL C 55 -28.67 -10.43 -2.36
C VAL C 55 -28.99 -9.53 -3.55
N LEU C 56 -27.97 -9.14 -4.31
CA LEU C 56 -28.19 -8.29 -5.48
C LEU C 56 -29.09 -8.99 -6.51
N TRP C 57 -28.83 -10.27 -6.80
CA TRP C 57 -29.66 -10.98 -7.76
C TRP C 57 -31.12 -11.04 -7.29
N GLU C 58 -31.34 -11.34 -6.01
CA GLU C 58 -32.71 -11.37 -5.52
C GLU C 58 -33.36 -9.99 -5.59
N GLN C 59 -32.62 -8.94 -5.21
CA GLN C 59 -33.18 -7.59 -5.25
C GLN C 59 -33.58 -7.19 -6.68
N LEU C 60 -32.76 -7.51 -7.68
CA LEU C 60 -33.07 -7.14 -9.05
C LEU C 60 -34.37 -7.76 -9.54
N HIS C 61 -34.81 -8.85 -8.91
CA HIS C 61 -36.07 -9.50 -9.27
C HIS C 61 -37.23 -9.15 -8.36
N ASP C 62 -36.96 -8.78 -7.09
CA ASP C 62 -38.04 -8.48 -6.16
C ASP C 62 -38.41 -7.00 -6.08
N LEU C 63 -37.45 -6.09 -6.27
CA LEU C 63 -37.75 -4.68 -6.17
C LEU C 63 -38.18 -4.13 -7.52
N GLU C 64 -38.95 -3.02 -7.49
CA GLU C 64 -39.32 -2.36 -8.73
C GLU C 64 -38.08 -1.97 -9.52
N TRP C 65 -37.06 -1.44 -8.83
CA TRP C 65 -35.72 -1.32 -9.37
C TRP C 65 -34.77 -1.12 -8.21
N VAL C 66 -33.47 -1.28 -8.49
CA VAL C 66 -32.40 -1.07 -7.52
C VAL C 66 -31.64 0.18 -7.92
N ASN C 67 -31.53 1.14 -7.01
CA ASN C 67 -30.79 2.36 -7.33
C ASN C 67 -29.68 2.59 -6.32
N ALA C 68 -28.67 3.35 -6.76
CA ALA C 68 -27.48 3.54 -5.95
C ALA C 68 -26.83 4.87 -6.27
N LEU C 69 -25.91 5.28 -5.41
CA LEU C 69 -25.09 6.47 -5.60
C LEU C 69 -23.62 6.06 -5.52
N GLY C 70 -22.78 6.74 -6.29
CA GLY C 70 -21.35 6.48 -6.22
C GLY C 70 -20.76 6.78 -4.86
N ALA C 71 -19.96 5.86 -4.32
CA ALA C 71 -19.30 6.05 -3.03
C ALA C 71 -17.79 5.91 -3.21
N LEU C 72 -17.02 6.87 -2.71
CA LEU C 72 -15.55 6.74 -2.75
C LEU C 72 -14.88 6.61 -1.40
N THR C 73 -15.62 6.71 -0.27
CA THR C 73 -15.06 6.43 1.05
C THR C 73 -16.02 5.50 1.81
N GLY C 74 -15.48 4.85 2.84
CA GLY C 74 -16.30 3.94 3.63
C GLY C 74 -17.47 4.65 4.31
N ASN C 75 -17.21 5.80 4.94
CA ASN C 75 -18.27 6.57 5.59
C ASN C 75 -19.36 6.95 4.59
N MET C 76 -18.98 7.23 3.33
CA MET C 76 -19.98 7.56 2.32
C MET C 76 -20.98 6.43 2.16
N ALA C 77 -20.47 5.19 2.03
CA ALA C 77 -21.34 4.03 1.89
C ALA C 77 -22.20 3.83 3.12
N VAL C 78 -21.65 4.05 4.30
CA VAL C 78 -22.43 3.89 5.54
C VAL C 78 -23.63 4.84 5.52
N GLN C 79 -23.43 6.09 5.11
CA GLN C 79 -24.54 7.04 5.11
C GLN C 79 -25.59 6.66 4.05
N GLN C 80 -25.14 6.14 2.90
CA GLN C 80 -26.08 5.71 1.88
C GLN C 80 -27.01 4.61 2.41
N VAL C 81 -26.46 3.66 3.17
CA VAL C 81 -27.28 2.57 3.69
C VAL C 81 -28.15 3.04 4.86
N ARG C 82 -27.57 3.88 5.75
CA ARG C 82 -28.36 4.48 6.83
C ARG C 82 -29.54 5.25 6.27
N ALA C 83 -29.37 5.92 5.13
CA ALA C 83 -30.45 6.69 4.53
C ALA C 83 -31.48 5.83 3.80
N GLY C 84 -31.23 4.53 3.64
CA GLY C 84 -32.22 3.62 3.10
C GLY C 84 -31.88 3.00 1.76
N LEU C 85 -30.71 3.27 1.18
CA LEU C 85 -30.34 2.67 -0.10
C LEU C 85 -29.96 1.21 0.09
N LYS C 86 -30.16 0.42 -0.98
CA LYS C 86 -30.01 -1.03 -0.92
C LYS C 86 -28.88 -1.54 -1.80
N ALA C 87 -28.08 -0.66 -2.37
CA ALA C 87 -26.88 -1.07 -3.07
C ALA C 87 -25.92 0.11 -3.07
N ILE C 88 -24.66 -0.18 -3.32
CA ILE C 88 -23.61 0.84 -3.41
C ILE C 88 -22.98 0.77 -4.78
N TYR C 89 -22.75 1.92 -5.39
CA TYR C 89 -22.08 1.95 -6.69
C TYR C 89 -20.64 2.44 -6.48
N LEU C 90 -19.68 1.69 -7.02
CA LEU C 90 -18.26 2.05 -6.87
C LEU C 90 -17.73 2.54 -8.21
N SER C 91 -17.61 3.86 -8.33
CA SER C 91 -17.26 4.53 -9.58
C SER C 91 -15.74 4.55 -9.78
N GLY C 92 -15.28 4.08 -10.95
CA GLY C 92 -13.86 4.22 -11.26
C GLY C 92 -13.44 5.65 -11.50
N TRP C 93 -14.35 6.46 -12.06
CA TRP C 93 -14.12 7.90 -12.21
C TRP C 93 -13.75 8.53 -10.87
N GLN C 94 -14.55 8.26 -9.84
CA GLN C 94 -14.29 8.84 -8.53
C GLN C 94 -12.99 8.33 -7.94
N VAL C 95 -12.67 7.05 -8.18
CA VAL C 95 -11.41 6.49 -7.72
C VAL C 95 -10.23 7.20 -8.39
N ALA C 96 -10.33 7.42 -9.71
CA ALA C 96 -9.30 8.18 -10.40
C ALA C 96 -9.14 9.59 -9.83
N GLY C 97 -10.27 10.26 -9.54
CA GLY C 97 -10.22 11.64 -9.09
C GLY C 97 -9.77 11.83 -7.65
N ASP C 98 -10.01 10.87 -6.75
CA ASP C 98 -9.79 11.17 -5.34
C ASP C 98 -9.57 9.97 -4.42
N ALA C 99 -9.42 8.75 -4.96
CA ALA C 99 -9.31 7.58 -4.08
C ALA C 99 -8.56 6.42 -4.73
N ASN C 100 -7.36 6.67 -5.29
CA ASN C 100 -6.62 5.59 -5.91
C ASN C 100 -5.21 5.46 -5.33
N LEU C 101 -4.57 4.32 -5.60
CA LEU C 101 -3.35 3.93 -4.89
C LEU C 101 -2.09 4.63 -5.39
N SER C 102 -2.18 5.45 -6.43
CA SER C 102 -1.04 6.31 -6.79
C SER C 102 -0.95 7.55 -5.93
N GLY C 103 -2.03 7.92 -5.25
CA GLY C 103 -2.09 9.16 -4.51
C GLY C 103 -2.35 10.39 -5.37
N HIS C 104 -2.45 10.23 -6.68
CA HIS C 104 -2.62 11.35 -7.59
C HIS C 104 -4.08 11.54 -7.99
N THR C 105 -4.38 12.78 -8.36
CA THR C 105 -5.65 13.15 -8.97
C THR C 105 -5.58 12.91 -10.47
N TYR C 106 -6.46 12.07 -11.00
CA TYR C 106 -6.44 11.73 -12.41
C TYR C 106 -7.80 11.96 -13.05
N PRO C 107 -7.82 12.32 -14.33
CA PRO C 107 -9.05 12.18 -15.12
C PRO C 107 -9.30 10.70 -15.44
N ASP C 108 -10.47 10.44 -16.02
CA ASP C 108 -11.03 9.08 -16.06
C ASP C 108 -10.53 8.35 -17.31
N GLN C 109 -9.26 7.93 -17.26
CA GLN C 109 -8.58 7.38 -18.44
C GLN C 109 -7.73 6.15 -18.13
N SER C 110 -8.12 5.39 -17.09
CA SER C 110 -7.44 4.16 -16.69
C SER C 110 -5.96 4.41 -16.40
N LEU C 111 -5.67 5.51 -15.68
CA LEU C 111 -4.32 5.90 -15.33
C LEU C 111 -3.84 5.34 -14.00
N TYR C 112 -4.75 4.94 -13.10
CA TYR C 112 -4.38 4.56 -11.74
C TYR C 112 -4.02 3.07 -11.67
N PRO C 113 -3.37 2.63 -10.58
CA PRO C 113 -3.01 1.21 -10.46
C PRO C 113 -4.22 0.29 -10.40
N ALA C 114 -4.14 -0.85 -11.11
CA ALA C 114 -5.29 -1.70 -11.36
C ALA C 114 -5.90 -2.34 -10.12
N ASN C 115 -5.21 -2.35 -8.97
CA ASN C 115 -5.83 -2.89 -7.75
C ASN C 115 -6.54 -1.80 -6.93
N SER C 116 -6.74 -0.62 -7.52
CA SER C 116 -7.29 0.51 -6.76
C SER C 116 -8.76 0.29 -6.42
N VAL C 117 -9.56 -0.13 -7.39
CA VAL C 117 -10.99 -0.34 -7.10
C VAL C 117 -11.16 -1.52 -6.13
N PRO C 118 -10.46 -2.66 -6.28
CA PRO C 118 -10.57 -3.70 -5.24
C PRO C 118 -10.30 -3.18 -3.84
N GLN C 119 -9.28 -2.32 -3.67
CA GLN C 119 -9.00 -1.79 -2.34
C GLN C 119 -10.18 -1.00 -1.79
N VAL C 120 -10.87 -0.23 -2.65
CA VAL C 120 -12.01 0.54 -2.16
C VAL C 120 -13.23 -0.37 -1.91
N VAL C 121 -13.38 -1.47 -2.66
CA VAL C 121 -14.42 -2.46 -2.33
C VAL C 121 -14.20 -2.99 -0.94
N ARG C 122 -12.96 -3.38 -0.62
CA ARG C 122 -12.67 -3.91 0.71
C ARG C 122 -12.91 -2.87 1.79
N ARG C 123 -12.52 -1.62 1.55
CA ARG C 123 -12.76 -0.54 2.52
C ARG C 123 -14.26 -0.35 2.76
N ILE C 124 -15.05 -0.31 1.68
CA ILE C 124 -16.49 -0.11 1.85
C ILE C 124 -17.09 -1.27 2.65
N ASN C 125 -16.70 -2.52 2.34
CA ASN C 125 -17.21 -3.64 3.12
C ASN C 125 -16.78 -3.54 4.57
N ASN C 126 -15.53 -3.16 4.83
CA ASN C 126 -15.08 -2.95 6.22
C ASN C 126 -15.94 -1.90 6.94
N ALA C 127 -16.27 -0.81 6.24
CA ALA C 127 -17.03 0.27 6.89
C ALA C 127 -18.46 -0.17 7.18
N LEU C 128 -19.07 -0.91 6.25
CA LEU C 128 -20.41 -1.42 6.50
C LEU C 128 -20.41 -2.45 7.63
N GLN C 129 -19.35 -3.26 7.71
CA GLN C 129 -19.25 -4.24 8.79
C GLN C 129 -19.17 -3.55 10.15
N ARG C 130 -18.43 -2.45 10.24
CA ARG C 130 -18.37 -1.71 11.49
C ARG C 130 -19.73 -1.12 11.87
N ALA C 131 -20.44 -0.56 10.89
CA ALA C 131 -21.78 -0.05 11.18
C ALA C 131 -22.68 -1.16 11.66
N ASP C 132 -22.56 -2.35 11.08
CA ASP C 132 -23.31 -3.52 11.49
C ASP C 132 -22.95 -3.94 12.92
N GLN C 133 -21.64 -3.97 13.23
CA GLN C 133 -21.20 -4.33 14.58
C GLN C 133 -21.73 -3.36 15.62
N ILE C 134 -21.67 -2.05 15.33
CA ILE C 134 -22.16 -1.03 16.27
C ILE C 134 -23.66 -1.18 16.47
N ALA C 135 -24.40 -1.37 15.37
CA ALA C 135 -25.84 -1.50 15.48
C ALA C 135 -26.23 -2.69 16.35
N LYS C 136 -25.49 -3.80 16.24
CA LYS C 136 -25.83 -4.98 17.04
C LYS C 136 -25.67 -4.72 18.53
N ILE C 137 -24.54 -4.14 18.95
CA ILE C 137 -24.38 -3.88 20.38
C ILE C 137 -25.30 -2.76 20.87
N GLU C 138 -25.77 -1.90 19.97
CA GLU C 138 -26.69 -0.83 20.37
C GLU C 138 -28.16 -1.26 20.32
N GLY C 139 -28.45 -2.47 19.83
CA GLY C 139 -29.82 -2.89 19.65
C GLY C 139 -30.57 -2.16 18.57
N ASP C 140 -29.87 -1.61 17.59
CA ASP C 140 -30.49 -0.80 16.54
C ASP C 140 -30.87 -1.72 15.39
N THR C 141 -32.18 -1.88 15.17
CA THR C 141 -32.68 -2.74 14.10
C THR C 141 -33.28 -1.91 12.95
N SER C 142 -32.98 -0.61 12.89
CA SER C 142 -33.63 0.23 11.90
C SER C 142 -33.17 -0.09 10.48
N VAL C 143 -31.97 -0.64 10.30
CA VAL C 143 -31.45 -1.01 8.99
C VAL C 143 -31.44 -2.53 8.88
N GLU C 144 -32.15 -3.07 7.90
CA GLU C 144 -32.28 -4.51 7.81
C GLU C 144 -31.02 -5.18 7.26
N ASN C 145 -30.33 -4.53 6.33
CA ASN C 145 -29.12 -5.11 5.73
C ASN C 145 -28.04 -4.05 5.61
N TRP C 146 -27.09 -4.03 6.55
CA TRP C 146 -25.96 -3.10 6.44
C TRP C 146 -25.03 -3.49 5.30
N LEU C 147 -24.91 -4.78 5.02
CA LEU C 147 -24.01 -5.27 3.97
C LEU C 147 -24.71 -5.23 2.61
N ALA C 148 -25.02 -4.01 2.18
CA ALA C 148 -25.61 -3.78 0.87
C ALA C 148 -24.65 -4.23 -0.22
N PRO C 149 -25.18 -4.77 -1.32
CA PRO C 149 -24.29 -5.25 -2.39
C PRO C 149 -23.57 -4.10 -3.08
N ILE C 150 -22.31 -4.33 -3.43
CA ILE C 150 -21.48 -3.35 -4.12
C ILE C 150 -21.35 -3.73 -5.58
N VAL C 151 -21.66 -2.80 -6.47
CA VAL C 151 -21.42 -2.95 -7.91
C VAL C 151 -20.22 -2.09 -8.26
N ALA C 152 -19.15 -2.69 -8.79
CA ALA C 152 -17.88 -1.99 -8.96
C ALA C 152 -17.46 -1.91 -10.42
N ASP C 153 -16.62 -0.91 -10.70
CA ASP C 153 -16.18 -0.54 -12.04
C ASP C 153 -14.93 -1.35 -12.41
N GLY C 154 -15.05 -2.25 -13.39
CA GLY C 154 -13.89 -2.90 -13.96
C GLY C 154 -13.28 -2.20 -15.16
N GLU C 155 -13.82 -1.03 -15.53
CA GLU C 155 -13.34 -0.20 -16.65
C GLU C 155 -13.18 -1.08 -17.89
N ALA C 156 -12.08 -0.98 -18.63
CA ALA C 156 -11.82 -1.80 -19.81
C ALA C 156 -10.86 -2.94 -19.51
N GLY C 157 -10.68 -3.28 -18.23
CA GLY C 157 -9.87 -4.42 -17.86
C GLY C 157 -8.38 -4.19 -17.67
N PHE C 158 -7.89 -2.96 -17.93
CA PHE C 158 -6.47 -2.63 -17.74
C PHE C 158 -5.56 -3.55 -18.56
N GLY C 159 -6.01 -3.94 -19.73
CA GLY C 159 -5.15 -4.73 -20.59
C GLY C 159 -5.91 -5.79 -21.37
N GLY C 160 -5.39 -7.02 -21.39
CA GLY C 160 -6.00 -8.11 -22.11
C GLY C 160 -6.87 -8.98 -21.21
N ALA C 161 -7.26 -10.14 -21.75
CA ALA C 161 -8.14 -11.06 -21.03
C ALA C 161 -7.57 -11.47 -19.67
N LEU C 162 -6.24 -11.54 -19.53
CA LEU C 162 -5.66 -11.95 -18.26
C LEU C 162 -5.70 -10.82 -17.22
N ASN C 163 -5.58 -9.57 -17.65
CA ASN C 163 -5.76 -8.44 -16.75
C ASN C 163 -7.19 -8.36 -16.25
N VAL C 164 -8.16 -8.62 -17.14
CA VAL C 164 -9.57 -8.73 -16.75
C VAL C 164 -9.75 -9.80 -15.69
N TYR C 165 -9.21 -10.99 -15.94
CA TYR C 165 -9.35 -12.11 -15.00
C TYR C 165 -8.87 -11.71 -13.61
N GLU C 166 -7.67 -11.13 -13.53
CA GLU C 166 -7.09 -10.79 -12.22
C GLU C 166 -7.88 -9.68 -11.53
N LEU C 167 -8.37 -8.68 -12.28
CA LEU C 167 -9.19 -7.64 -11.65
C LEU C 167 -10.47 -8.23 -11.08
N GLN C 168 -11.16 -9.08 -11.85
CA GLN C 168 -12.37 -9.70 -11.34
C GLN C 168 -12.08 -10.54 -10.09
N LYS C 169 -11.00 -11.33 -10.11
CA LYS C 169 -10.62 -12.13 -8.95
C LYS C 169 -10.38 -11.25 -7.72
N ALA C 170 -9.70 -10.12 -7.91
CA ALA C 170 -9.40 -9.23 -6.80
C ALA C 170 -10.67 -8.54 -6.29
N LEU C 171 -11.56 -8.12 -7.21
CA LEU C 171 -12.83 -7.55 -6.77
C LEU C 171 -13.61 -8.55 -5.90
N ILE C 172 -13.59 -9.82 -6.30
CA ILE C 172 -14.30 -10.86 -5.55
C ILE C 172 -13.65 -11.08 -4.18
N ALA C 173 -12.32 -11.15 -4.15
CA ALA C 173 -11.63 -11.30 -2.87
C ALA C 173 -11.99 -10.18 -1.90
N ALA C 174 -12.24 -8.98 -2.42
CA ALA C 174 -12.60 -7.83 -1.61
C ALA C 174 -14.07 -7.80 -1.19
N GLY C 175 -14.91 -8.65 -1.80
CA GLY C 175 -16.31 -8.74 -1.45
C GLY C 175 -17.30 -8.08 -2.39
N VAL C 176 -16.95 -7.93 -3.68
CA VAL C 176 -17.86 -7.28 -4.61
C VAL C 176 -19.04 -8.19 -4.90
N ALA C 177 -20.20 -7.57 -5.18
CA ALA C 177 -21.40 -8.28 -5.60
C ALA C 177 -21.58 -8.32 -7.10
N GLY C 178 -21.17 -7.26 -7.81
CA GLY C 178 -21.27 -7.23 -9.26
C GLY C 178 -20.17 -6.36 -9.83
N SER C 179 -19.87 -6.55 -11.11
CA SER C 179 -18.83 -5.75 -11.73
C SER C 179 -19.21 -5.46 -13.18
N HIS C 180 -18.76 -4.30 -13.70
CA HIS C 180 -19.10 -3.96 -15.07
C HIS C 180 -17.85 -3.72 -15.91
N TRP C 181 -17.98 -4.00 -17.22
CA TRP C 181 -16.88 -4.11 -18.17
C TRP C 181 -17.30 -3.46 -19.49
N GLU C 182 -16.48 -2.55 -20.02
CA GLU C 182 -16.88 -1.74 -21.18
C GLU C 182 -16.03 -2.05 -22.42
N ASP C 183 -16.63 -1.85 -23.59
CA ASP C 183 -16.00 -2.29 -24.84
C ASP C 183 -15.06 -1.24 -25.42
N GLN C 184 -14.24 -0.62 -24.58
CA GLN C 184 -13.26 0.37 -25.00
C GLN C 184 -11.86 -0.23 -25.00
N LEU C 185 -10.98 0.35 -25.82
CA LEU C 185 -9.57 0.03 -25.77
C LEU C 185 -8.96 0.54 -24.46
N ALA C 186 -8.37 -0.37 -23.66
CA ALA C 186 -7.92 0.03 -22.32
C ALA C 186 -6.89 1.15 -22.39
N SER C 187 -5.97 1.09 -23.34
CA SER C 187 -4.90 2.10 -23.42
C SER C 187 -5.42 3.49 -23.79
N GLU C 188 -6.66 3.60 -24.26
CA GLU C 188 -7.27 4.88 -24.59
C GLU C 188 -8.60 5.10 -23.85
N LYS C 189 -8.80 4.42 -22.71
CA LYS C 189 -10.08 4.48 -22.00
C LYS C 189 -10.51 5.91 -21.68
N LYS C 190 -11.81 6.16 -21.77
CA LYS C 190 -12.41 7.45 -21.43
C LYS C 190 -13.66 7.24 -20.60
N CYS C 191 -13.97 8.22 -19.75
CA CYS C 191 -15.33 8.37 -19.27
C CYS C 191 -16.26 8.37 -20.48
N GLY C 192 -17.42 7.73 -20.34
CA GLY C 192 -18.34 7.66 -21.46
C GLY C 192 -18.80 9.03 -21.96
N HIS C 193 -18.69 10.06 -21.14
CA HIS C 193 -19.10 11.39 -21.56
C HIS C 193 -17.91 12.30 -21.88
N LEU C 194 -16.74 11.71 -22.07
CA LEU C 194 -15.59 12.37 -22.66
C LEU C 194 -15.48 12.00 -24.14
N GLY C 195 -14.71 12.80 -24.88
CA GLY C 195 -14.40 12.49 -26.25
C GLY C 195 -13.18 11.59 -26.37
N GLY C 196 -12.82 11.28 -27.62
CA GLY C 196 -11.67 10.45 -27.91
C GLY C 196 -11.82 8.99 -27.53
N LYS C 197 -13.03 8.42 -27.63
CA LYS C 197 -13.23 7.03 -27.26
C LYS C 197 -12.91 6.11 -28.44
N VAL C 198 -12.31 4.97 -28.13
CA VAL C 198 -11.97 3.95 -29.12
C VAL C 198 -12.59 2.63 -28.70
N LEU C 199 -13.44 2.06 -29.55
CA LEU C 199 -14.02 0.73 -29.31
C LEU C 199 -13.05 -0.40 -29.67
N ILE C 200 -13.31 -1.57 -29.08
CA ILE C 200 -12.64 -2.80 -29.51
C ILE C 200 -13.66 -3.67 -30.25
N PRO C 201 -13.24 -4.68 -31.02
CA PRO C 201 -14.21 -5.49 -31.76
C PRO C 201 -15.19 -6.18 -30.84
N THR C 202 -16.40 -6.41 -31.37
CA THR C 202 -17.45 -7.11 -30.61
C THR C 202 -16.93 -8.40 -29.98
N GLN C 203 -16.19 -9.23 -30.74
CA GLN C 203 -15.73 -10.50 -30.18
C GLN C 203 -14.72 -10.29 -29.06
N GLN C 204 -13.89 -9.23 -29.13
CA GLN C 204 -12.96 -8.98 -28.04
C GLN C 204 -13.68 -8.65 -26.74
N HIS C 205 -14.83 -7.96 -26.80
CA HIS C 205 -15.56 -7.71 -25.55
C HIS C 205 -16.26 -8.97 -25.04
N ILE C 206 -16.69 -9.84 -25.95
CA ILE C 206 -17.20 -11.14 -25.51
C ILE C 206 -16.12 -11.91 -24.77
N ARG C 207 -14.87 -11.82 -25.25
CA ARG C 207 -13.76 -12.44 -24.56
CA ARG C 207 -13.75 -12.43 -24.56
C ARG C 207 -13.61 -11.87 -23.15
N THR C 208 -13.71 -10.55 -23.00
CA THR C 208 -13.65 -9.92 -21.69
C THR C 208 -14.76 -10.42 -20.77
N LEU C 209 -15.99 -10.47 -21.28
CA LEU C 209 -17.10 -10.94 -20.44
C LEU C 209 -16.93 -12.40 -20.08
N THR C 210 -16.38 -13.19 -21.00
CA THR C 210 -16.11 -14.60 -20.71
C THR C 210 -15.05 -14.75 -19.64
N SER C 211 -14.01 -13.93 -19.70
CA SER C 211 -12.95 -13.96 -18.68
C SER C 211 -13.50 -13.53 -17.32
N ALA C 212 -14.33 -12.49 -17.27
CA ALA C 212 -14.97 -12.08 -16.01
C ALA C 212 -15.84 -13.20 -15.43
N ARG C 213 -16.64 -13.86 -16.27
CA ARG C 213 -17.44 -14.98 -15.77
C ARG C 213 -16.53 -16.12 -15.30
N LEU C 214 -15.43 -16.38 -16.02
CA LEU C 214 -14.55 -17.47 -15.64
C LEU C 214 -13.89 -17.24 -14.28
N ALA C 215 -13.42 -16.00 -14.03
CA ALA C 215 -12.83 -15.72 -12.73
C ALA C 215 -13.85 -15.93 -11.60
N ALA C 216 -15.11 -15.55 -11.83
CA ALA C 216 -16.11 -15.76 -10.80
C ALA C 216 -16.38 -17.26 -10.59
N ASP C 217 -16.39 -18.06 -11.66
CA ASP C 217 -16.59 -19.50 -11.51
C ASP C 217 -15.42 -20.16 -10.77
N VAL C 218 -14.19 -19.77 -11.11
CA VAL C 218 -13.03 -20.35 -10.41
C VAL C 218 -13.05 -19.97 -8.93
N ALA C 219 -13.48 -18.75 -8.61
CA ALA C 219 -13.64 -18.33 -7.22
C ALA C 219 -14.93 -18.85 -6.59
N ASP C 220 -15.75 -19.58 -7.35
CA ASP C 220 -16.96 -20.26 -6.84
C ASP C 220 -17.99 -19.29 -6.24
N VAL C 221 -18.21 -18.15 -6.89
CA VAL C 221 -19.25 -17.20 -6.46
C VAL C 221 -20.07 -16.75 -7.67
N PRO C 222 -21.36 -16.45 -7.48
CA PRO C 222 -22.25 -16.08 -8.59
C PRO C 222 -22.30 -14.57 -8.86
N THR C 223 -21.12 -13.97 -9.08
CA THR C 223 -21.00 -12.54 -9.29
C THR C 223 -21.87 -12.04 -10.43
N VAL C 224 -22.52 -10.91 -10.22
CA VAL C 224 -23.35 -10.29 -11.26
C VAL C 224 -22.43 -9.58 -12.25
N VAL C 225 -22.57 -9.89 -13.54
CA VAL C 225 -21.67 -9.39 -14.57
C VAL C 225 -22.45 -8.45 -15.50
N ILE C 226 -21.94 -7.23 -15.66
CA ILE C 226 -22.60 -6.17 -16.40
C ILE C 226 -21.75 -5.79 -17.62
N ALA C 227 -22.37 -5.82 -18.80
CA ALA C 227 -21.70 -5.40 -20.03
C ALA C 227 -22.15 -4.00 -20.39
N ARG C 228 -21.17 -3.11 -20.59
CA ARG C 228 -21.41 -1.74 -21.00
C ARG C 228 -20.90 -1.51 -22.42
N THR C 229 -21.67 -0.78 -23.23
CA THR C 229 -21.22 -0.39 -24.55
C THR C 229 -21.08 1.12 -24.65
N ASP C 230 -20.00 1.54 -25.31
CA ASP C 230 -19.70 2.95 -25.50
C ASP C 230 -19.91 3.38 -26.96
N ALA C 231 -20.70 2.61 -27.72
CA ALA C 231 -20.86 2.85 -29.15
C ALA C 231 -21.83 3.98 -29.48
N GLU C 232 -22.54 4.57 -28.51
CA GLU C 232 -23.44 5.68 -28.86
C GLU C 232 -22.66 6.90 -29.33
N ALA C 233 -21.49 7.14 -28.73
CA ALA C 233 -20.70 8.33 -29.04
C ALA C 233 -19.36 8.04 -29.69
N ALA C 234 -18.77 6.87 -29.45
CA ALA C 234 -17.46 6.55 -30.00
C ALA C 234 -17.51 6.51 -31.53
N THR C 235 -16.55 7.18 -32.17
CA THR C 235 -16.43 7.11 -33.63
C THR C 235 -15.14 6.45 -34.07
N LEU C 236 -14.43 5.75 -33.17
CA LEU C 236 -13.22 5.02 -33.55
C LEU C 236 -13.33 3.58 -33.05
N ILE C 237 -12.66 2.67 -33.77
CA ILE C 237 -12.54 1.27 -33.37
C ILE C 237 -11.16 0.78 -33.81
N THR C 238 -10.61 -0.17 -33.05
CA THR C 238 -9.23 -0.61 -33.31
C THR C 238 -9.11 -1.37 -34.62
N SER C 239 -10.17 -2.04 -35.06
CA SER C 239 -10.03 -2.98 -36.17
C SER C 239 -11.40 -3.23 -36.79
N ASP C 240 -11.39 -3.61 -38.07
CA ASP C 240 -12.60 -4.01 -38.77
C ASP C 240 -12.70 -5.53 -38.90
N VAL C 241 -12.02 -6.29 -38.05
CA VAL C 241 -11.91 -7.74 -38.24
C VAL C 241 -13.24 -8.44 -37.99
N ASP C 242 -14.12 -7.86 -37.17
CA ASP C 242 -15.36 -8.54 -36.78
C ASP C 242 -16.47 -8.18 -37.74
N GLU C 243 -17.08 -9.20 -38.37
CA GLU C 243 -18.11 -8.94 -39.36
C GLU C 243 -19.32 -8.22 -38.77
N ARG C 244 -19.57 -8.35 -37.46
CA ARG C 244 -20.67 -7.63 -36.84
C ARG C 244 -20.40 -6.12 -36.74
N ASP C 245 -19.12 -5.72 -36.77
CA ASP C 245 -18.76 -4.31 -36.72
C ASP C 245 -18.60 -3.68 -38.09
N GLN C 246 -18.40 -4.51 -39.11
CA GLN C 246 -18.16 -3.96 -40.45
C GLN C 246 -19.30 -3.11 -41.02
N PRO C 247 -20.57 -3.34 -40.71
CA PRO C 247 -21.60 -2.44 -41.25
C PRO C 247 -21.42 -0.97 -40.89
N PHE C 248 -20.73 -0.66 -39.79
CA PHE C 248 -20.59 0.72 -39.35
C PHE C 248 -19.23 1.33 -39.70
N ILE C 249 -18.30 0.53 -40.20
CA ILE C 249 -16.98 1.01 -40.58
C ILE C 249 -17.10 1.90 -41.81
N THR C 250 -16.54 3.12 -41.73
CA THR C 250 -16.66 4.06 -42.84
C THR C 250 -15.55 3.91 -43.87
N GLY C 251 -14.48 3.20 -43.55
CA GLY C 251 -13.33 3.06 -44.41
C GLY C 251 -12.21 4.04 -44.12
N GLU C 252 -12.51 5.16 -43.45
CA GLU C 252 -11.51 6.18 -43.14
C GLU C 252 -10.64 5.75 -41.97
N ARG C 253 -9.39 6.23 -41.97
CA ARG C 253 -8.35 5.80 -41.04
C ARG C 253 -7.65 6.99 -40.41
N THR C 254 -7.17 6.83 -39.17
CA THR C 254 -6.36 7.84 -38.52
C THR C 254 -4.87 7.50 -38.63
N ARG C 255 -4.03 8.47 -38.24
CA ARG C 255 -2.57 8.26 -38.30
C ARG C 255 -2.12 7.17 -37.35
N GLU C 256 -2.83 6.97 -36.24
CA GLU C 256 -2.52 5.89 -35.31
C GLU C 256 -2.91 4.52 -35.86
N GLY C 257 -3.73 4.47 -36.89
CA GLY C 257 -4.23 3.23 -37.43
C GLY C 257 -5.65 2.86 -37.04
N PHE C 258 -6.33 3.73 -36.29
CA PHE C 258 -7.70 3.41 -35.91
C PHE C 258 -8.62 3.55 -37.12
N TYR C 259 -9.81 2.95 -37.01
CA TYR C 259 -10.87 3.01 -38.00
C TYR C 259 -12.00 3.91 -37.53
N ARG C 260 -12.43 4.84 -38.38
CA ARG C 260 -13.65 5.58 -38.06
C ARG C 260 -14.87 4.67 -38.21
N THR C 261 -15.88 4.90 -37.37
CA THR C 261 -17.08 4.08 -37.38
C THR C 261 -18.28 4.96 -37.06
N LYS C 262 -19.45 4.58 -37.57
CA LYS C 262 -20.68 5.34 -37.38
C LYS C 262 -21.27 5.04 -36.02
N ASN C 263 -21.41 6.08 -35.19
CA ASN C 263 -21.92 5.91 -33.84
C ASN C 263 -23.44 6.05 -33.84
N GLY C 264 -24.04 5.80 -32.67
CA GLY C 264 -25.45 6.02 -32.45
C GLY C 264 -26.10 4.81 -31.80
N ILE C 265 -27.43 4.84 -31.77
CA ILE C 265 -28.15 3.77 -31.09
C ILE C 265 -28.03 2.45 -31.85
N GLU C 266 -27.83 2.50 -33.17
CA GLU C 266 -27.82 1.26 -33.95
C GLU C 266 -26.66 0.32 -33.59
N PRO C 267 -25.40 0.76 -33.52
CA PRO C 267 -24.36 -0.17 -33.07
C PRO C 267 -24.48 -0.56 -31.61
N CYS C 268 -25.13 0.26 -30.78
CA CYS C 268 -25.38 -0.14 -29.39
C CYS C 268 -26.35 -1.31 -29.30
N ILE C 269 -27.44 -1.24 -30.06
CA ILE C 269 -28.40 -2.34 -30.08
C ILE C 269 -27.74 -3.61 -30.59
N ALA C 270 -26.95 -3.50 -31.66
CA ALA C 270 -26.26 -4.65 -32.22
C ALA C 270 -25.32 -5.28 -31.18
N ARG C 271 -24.48 -4.45 -30.56
CA ARG C 271 -23.54 -4.96 -29.57
C ARG C 271 -24.27 -5.50 -28.33
N ALA C 272 -25.34 -4.82 -27.89
CA ALA C 272 -26.13 -5.33 -26.77
C ALA C 272 -26.62 -6.75 -27.04
N LYS C 273 -27.13 -7.02 -28.25
CA LYS C 273 -27.62 -8.36 -28.57
C LYS C 273 -26.49 -9.37 -28.57
N ALA C 274 -25.31 -8.99 -29.08
CA ALA C 274 -24.17 -9.89 -29.08
C ALA C 274 -23.67 -10.16 -27.67
N TYR C 275 -23.75 -9.18 -26.77
CA TYR C 275 -23.29 -9.36 -25.39
C TYR C 275 -24.30 -10.06 -24.51
N ALA C 276 -25.59 -10.07 -24.90
CA ALA C 276 -26.63 -10.53 -23.99
C ALA C 276 -26.41 -11.94 -23.43
N PRO C 277 -25.95 -12.92 -24.21
CA PRO C 277 -25.72 -14.26 -23.63
C PRO C 277 -24.61 -14.29 -22.61
N PHE C 278 -23.81 -13.23 -22.51
CA PHE C 278 -22.63 -13.20 -21.66
C PHE C 278 -22.75 -12.17 -20.54
N ALA C 279 -23.92 -11.60 -20.33
CA ALA C 279 -24.05 -10.52 -19.35
C ALA C 279 -25.37 -10.64 -18.60
N ASP C 280 -25.31 -10.44 -17.28
CA ASP C 280 -26.53 -10.42 -16.48
C ASP C 280 -27.31 -9.12 -16.66
N LEU C 281 -26.62 -8.00 -16.93
CA LEU C 281 -27.25 -6.73 -17.25
C LEU C 281 -26.47 -6.07 -18.39
N ILE C 282 -27.16 -5.26 -19.18
CA ILE C 282 -26.55 -4.52 -20.28
C ILE C 282 -26.78 -3.03 -20.08
N TRP C 283 -25.75 -2.24 -20.35
CA TRP C 283 -25.74 -0.81 -20.06
C TRP C 283 -25.23 -0.08 -21.30
N MET C 284 -26.04 0.86 -21.79
CA MET C 284 -25.65 1.70 -22.92
C MET C 284 -25.39 3.12 -22.42
N GLU C 285 -24.18 3.63 -22.61
CA GLU C 285 -23.92 5.04 -22.29
C GLU C 285 -24.63 5.93 -23.30
N THR C 286 -25.15 7.07 -22.82
CA THR C 286 -25.88 8.01 -23.66
C THR C 286 -25.37 9.42 -23.43
N GLY C 287 -25.69 10.29 -24.38
CA GLY C 287 -25.19 11.66 -24.37
C GLY C 287 -26.11 12.66 -23.69
N THR C 288 -27.36 12.27 -23.49
CA THR C 288 -28.37 13.08 -22.82
C THR C 288 -29.27 12.16 -22.00
N PRO C 289 -29.92 12.69 -20.97
CA PRO C 289 -30.94 11.88 -20.27
C PRO C 289 -32.25 11.93 -21.04
N ASP C 290 -32.60 10.84 -21.72
CA ASP C 290 -33.65 10.87 -22.74
C ASP C 290 -34.48 9.59 -22.61
N LEU C 291 -35.72 9.72 -22.12
CA LEU C 291 -36.55 8.53 -21.91
C LEU C 291 -36.97 7.89 -23.23
N GLU C 292 -37.19 8.70 -24.27
CA GLU C 292 -37.52 8.17 -25.59
C GLU C 292 -36.40 7.28 -26.11
N ALA C 293 -35.16 7.76 -26.06
CA ALA C 293 -34.02 7.00 -26.53
C ALA C 293 -33.82 5.73 -25.73
N ALA C 294 -34.01 5.80 -24.40
CA ALA C 294 -33.93 4.60 -23.58
C ALA C 294 -35.00 3.58 -23.96
N ARG C 295 -36.22 4.06 -24.26
CA ARG C 295 -37.27 3.14 -24.67
C ARG C 295 -36.93 2.45 -25.97
N GLN C 296 -36.35 3.18 -26.93
CA GLN C 296 -35.99 2.60 -28.22
C GLN C 296 -34.92 1.52 -28.05
N PHE C 297 -33.94 1.77 -27.19
CA PHE C 297 -32.89 0.78 -26.91
C PHE C 297 -33.48 -0.45 -26.23
N SER C 298 -34.30 -0.23 -25.19
CA SER C 298 -34.85 -1.34 -24.41
C SER C 298 -35.75 -2.22 -25.27
N GLU C 299 -36.63 -1.62 -26.06
CA GLU C 299 -37.54 -2.40 -26.88
C GLU C 299 -36.81 -3.20 -27.93
N ALA C 300 -35.74 -2.63 -28.50
CA ALA C 300 -35.00 -3.35 -29.54
C ALA C 300 -34.24 -4.54 -28.95
N VAL C 301 -33.70 -4.40 -27.74
CA VAL C 301 -32.99 -5.51 -27.11
C VAL C 301 -33.99 -6.57 -26.66
N LYS C 302 -35.09 -6.15 -26.02
CA LYS C 302 -36.07 -7.10 -25.52
C LYS C 302 -36.87 -7.75 -26.63
N ALA C 303 -36.85 -7.18 -27.84
CA ALA C 303 -37.48 -7.86 -28.96
C ALA C 303 -36.82 -9.20 -29.24
N GLU C 304 -35.52 -9.30 -28.98
CA GLU C 304 -34.79 -10.57 -29.10
C GLU C 304 -34.63 -11.29 -27.77
N TYR C 305 -34.38 -10.57 -26.68
CA TYR C 305 -34.16 -11.17 -25.36
C TYR C 305 -35.13 -10.53 -24.38
N PRO C 306 -36.39 -10.98 -24.34
CA PRO C 306 -37.41 -10.29 -23.54
C PRO C 306 -37.06 -10.17 -22.06
N ASP C 307 -36.30 -11.10 -21.50
CA ASP C 307 -36.04 -11.11 -20.07
C ASP C 307 -34.74 -10.40 -19.68
N GLN C 308 -34.05 -9.78 -20.64
CA GLN C 308 -32.74 -9.20 -20.38
C GLN C 308 -32.90 -7.90 -19.58
N MET C 309 -32.33 -7.87 -18.37
CA MET C 309 -32.33 -6.67 -17.55
C MET C 309 -31.27 -5.68 -18.04
N LEU C 310 -31.54 -4.39 -17.82
CA LEU C 310 -30.70 -3.31 -18.30
C LEU C 310 -30.28 -2.43 -17.13
N ALA C 311 -29.23 -1.65 -17.35
CA ALA C 311 -28.73 -0.70 -16.36
C ALA C 311 -28.60 0.67 -17.01
N TYR C 312 -28.76 1.72 -16.20
CA TYR C 312 -28.77 3.10 -16.71
C TYR C 312 -27.98 4.04 -15.81
N ASN C 313 -27.09 4.82 -16.41
CA ASN C 313 -26.27 5.81 -15.71
C ASN C 313 -27.00 7.15 -15.69
N CYS C 314 -27.53 7.54 -14.52
CA CYS C 314 -28.08 8.89 -14.35
C CYS C 314 -26.92 9.83 -14.02
N SER C 315 -26.28 10.30 -15.07
CA SER C 315 -24.93 10.85 -14.97
C SER C 315 -24.93 12.31 -14.53
N PRO C 316 -24.07 12.70 -13.57
CA PRO C 316 -23.86 14.14 -13.33
C PRO C 316 -23.14 14.86 -14.46
N SER C 317 -22.64 14.13 -15.47
CA SER C 317 -22.12 14.78 -16.66
C SER C 317 -23.22 15.36 -17.53
N PHE C 318 -24.49 15.11 -17.19
CA PHE C 318 -25.62 15.79 -17.83
C PHE C 318 -25.95 17.07 -17.05
N ASN C 319 -26.31 18.10 -17.80
CA ASN C 319 -26.95 19.29 -17.22
C ASN C 319 -28.45 19.01 -17.20
N TRP C 320 -28.96 18.59 -16.03
CA TRP C 320 -30.27 17.94 -15.99
C TRP C 320 -31.41 18.91 -16.31
N LYS C 321 -31.44 20.08 -15.66
CA LYS C 321 -32.52 21.01 -15.95
C LYS C 321 -32.39 21.67 -17.32
N LYS C 322 -31.23 21.59 -17.96
CA LYS C 322 -31.10 22.08 -19.33
C LYS C 322 -31.88 21.19 -20.31
N HIS C 323 -32.11 19.93 -19.95
CA HIS C 323 -32.77 18.98 -20.84
C HIS C 323 -34.19 18.65 -20.45
N LEU C 324 -34.51 18.69 -19.16
CA LEU C 324 -35.75 18.13 -18.65
C LEU C 324 -36.44 19.09 -17.71
N ASP C 325 -37.77 19.08 -17.70
CA ASP C 325 -38.51 19.85 -16.73
C ASP C 325 -38.60 19.08 -15.41
N ASP C 326 -39.11 19.77 -14.38
CA ASP C 326 -39.12 19.17 -13.05
C ASP C 326 -40.00 17.93 -12.98
N ALA C 327 -41.08 17.88 -13.76
CA ALA C 327 -41.97 16.72 -13.72
C ALA C 327 -41.28 15.48 -14.30
N THR C 328 -40.57 15.66 -15.42
CA THR C 328 -39.85 14.53 -16.02
C THR C 328 -38.72 14.05 -15.11
N ILE C 329 -37.97 14.98 -14.52
CA ILE C 329 -36.92 14.61 -13.57
C ILE C 329 -37.51 13.79 -12.43
N ALA C 330 -38.69 14.17 -11.94
CA ALA C 330 -39.28 13.49 -10.80
C ALA C 330 -39.65 12.04 -11.12
N LYS C 331 -40.07 11.75 -12.35
CA LYS C 331 -40.50 10.41 -12.73
C LYS C 331 -39.46 9.65 -13.53
N PHE C 332 -38.26 10.21 -13.68
CA PHE C 332 -37.26 9.67 -14.60
C PHE C 332 -36.90 8.22 -14.26
N GLN C 333 -36.49 7.95 -13.01
CA GLN C 333 -36.08 6.58 -12.67
C GLN C 333 -37.27 5.63 -12.71
N LYS C 334 -38.45 6.08 -12.28
CA LYS C 334 -39.60 5.19 -12.29
C LYS C 334 -39.96 4.76 -13.70
N GLU C 335 -39.90 5.69 -14.65
CA GLU C 335 -40.21 5.33 -16.03
C GLU C 335 -39.17 4.38 -16.61
N LEU C 336 -37.89 4.59 -16.30
CA LEU C 336 -36.85 3.68 -16.77
C LEU C 336 -37.07 2.28 -16.23
N ALA C 337 -37.48 2.17 -14.96
CA ALA C 337 -37.69 0.86 -14.35
C ALA C 337 -38.76 0.06 -15.08
N ALA C 338 -39.79 0.75 -15.57
CA ALA C 338 -40.84 0.07 -16.33
C ALA C 338 -40.37 -0.41 -17.70
N MET C 339 -39.28 0.15 -18.22
CA MET C 339 -38.70 -0.33 -19.47
C MET C 339 -37.70 -1.46 -19.26
N GLY C 340 -37.45 -1.86 -18.02
CA GLY C 340 -36.50 -2.92 -17.73
C GLY C 340 -35.14 -2.47 -17.23
N PHE C 341 -34.96 -1.18 -16.94
CA PHE C 341 -33.69 -0.69 -16.36
C PHE C 341 -33.77 -0.94 -14.86
N LYS C 342 -33.26 -2.10 -14.42
CA LYS C 342 -33.41 -2.55 -13.05
C LYS C 342 -32.26 -2.14 -12.14
N PHE C 343 -31.16 -1.64 -12.68
CA PHE C 343 -30.08 -1.07 -11.87
C PHE C 343 -29.80 0.33 -12.39
N GLN C 344 -29.96 1.34 -11.53
CA GLN C 344 -29.80 2.73 -11.92
C GLN C 344 -28.95 3.43 -10.87
N PHE C 345 -28.07 4.32 -11.32
CA PHE C 345 -27.04 4.81 -10.40
C PHE C 345 -26.57 6.19 -10.84
N ILE C 346 -26.26 7.04 -9.86
CA ILE C 346 -25.63 8.34 -10.11
C ILE C 346 -24.13 8.17 -9.85
N THR C 347 -23.35 8.04 -10.92
CA THR C 347 -21.93 7.67 -10.82
C THR C 347 -21.14 8.60 -9.89
N LEU C 348 -21.22 9.90 -10.11
CA LEU C 348 -20.31 10.87 -9.47
C LEU C 348 -20.97 11.59 -8.30
N ALA C 349 -21.96 10.96 -7.66
CA ALA C 349 -22.67 11.62 -6.56
C ALA C 349 -21.74 11.91 -5.39
N GLY C 350 -20.81 10.98 -5.10
CA GLY C 350 -19.87 11.20 -4.01
C GLY C 350 -18.92 12.37 -4.27
N PHE C 351 -18.36 12.45 -5.49
CA PHE C 351 -17.48 13.56 -5.84
C PHE C 351 -18.18 14.90 -5.63
N HIS C 352 -19.42 15.01 -6.09
CA HIS C 352 -20.09 16.29 -6.04
C HIS C 352 -20.56 16.64 -4.63
N ALA C 353 -21.03 15.66 -3.87
CA ALA C 353 -21.39 15.93 -2.48
C ALA C 353 -20.17 16.38 -1.68
N LEU C 354 -19.04 15.67 -1.84
CA LEU C 354 -17.84 15.98 -1.08
C LEU C 354 -17.29 17.35 -1.47
N ASN C 355 -17.17 17.61 -2.77
CA ASN C 355 -16.55 18.86 -3.20
C ASN C 355 -17.43 20.06 -2.90
N TYR C 356 -18.74 19.94 -3.12
CA TYR C 356 -19.61 21.09 -2.85
C TYR C 356 -19.70 21.36 -1.36
N SER C 357 -19.85 20.31 -0.54
CA SER C 357 -20.05 20.54 0.89
C SER C 357 -18.80 21.15 1.54
N MET C 358 -17.61 20.77 1.09
CA MET C 358 -16.42 21.39 1.70
C MET C 358 -16.20 22.80 1.16
N PHE C 359 -16.49 23.05 -0.12
CA PHE C 359 -16.38 24.42 -0.59
C PHE C 359 -17.33 25.34 0.17
N ASP C 360 -18.56 24.89 0.36
CA ASP C 360 -19.56 25.70 1.06
C ASP C 360 -19.13 25.98 2.49
N LEU C 361 -18.68 24.95 3.20
CA LEU C 361 -18.21 25.14 4.57
C LEU C 361 -17.00 26.06 4.62
N ALA C 362 -16.00 25.79 3.76
CA ALA C 362 -14.77 26.56 3.86
C ALA C 362 -14.96 28.01 3.43
N TYR C 363 -15.86 28.26 2.46
CA TYR C 363 -16.14 29.64 2.07
C TYR C 363 -16.73 30.41 3.23
N GLY C 364 -17.72 29.82 3.91
CA GLY C 364 -18.32 30.50 5.07
C GLY C 364 -17.36 30.64 6.23
N TYR C 365 -16.50 29.64 6.44
CA TYR C 365 -15.47 29.72 7.48
C TYR C 365 -14.48 30.83 7.19
N ALA C 366 -14.09 30.99 5.92
CA ALA C 366 -13.15 32.04 5.56
C ALA C 366 -13.72 33.42 5.89
N GLN C 367 -15.05 33.59 5.74
CA GLN C 367 -15.66 34.88 6.02
C GLN C 367 -15.98 35.05 7.50
N ASN C 368 -16.60 34.04 8.13
CA ASN C 368 -17.23 34.19 9.44
C ASN C 368 -16.76 33.22 10.50
N GLN C 369 -15.77 32.37 10.21
CA GLN C 369 -15.13 31.48 11.19
C GLN C 369 -16.19 30.60 11.83
N MET C 370 -16.35 30.60 13.17
CA MET C 370 -17.11 29.52 13.81
C MET C 370 -18.59 29.54 13.45
N SER C 371 -19.12 30.71 13.09
CA SER C 371 -20.54 30.80 12.73
C SER C 371 -20.87 29.85 11.59
N ALA C 372 -19.96 29.72 10.61
CA ALA C 372 -20.20 28.80 9.49
C ALA C 372 -20.23 27.35 9.95
N TYR C 373 -19.32 26.95 10.85
CA TYR C 373 -19.36 25.55 11.29
C TYR C 373 -20.59 25.28 12.14
N VAL C 374 -20.97 26.23 13.00
CA VAL C 374 -22.12 25.98 13.85
C VAL C 374 -23.38 25.77 13.01
N GLU C 375 -23.48 26.44 11.86
CA GLU C 375 -24.64 26.23 11.00
C GLU C 375 -24.70 24.80 10.49
N LEU C 376 -23.54 24.21 10.16
CA LEU C 376 -23.50 22.79 9.80
C LEU C 376 -23.88 21.92 10.99
N GLN C 377 -23.30 22.20 12.17
CA GLN C 377 -23.59 21.37 13.34
C GLN C 377 -25.08 21.40 13.66
N GLU C 378 -25.72 22.56 13.49
CA GLU C 378 -27.15 22.63 13.77
C GLU C 378 -27.96 21.86 12.72
N ARG C 379 -27.53 21.87 11.46
CA ARG C 379 -28.20 21.05 10.45
C ARG C 379 -28.04 19.57 10.75
N GLU C 380 -26.87 19.17 11.28
CA GLU C 380 -26.68 17.77 11.66
C GLU C 380 -27.63 17.37 12.79
N PHE C 381 -27.70 18.20 13.84
CA PHE C 381 -28.67 17.95 14.91
C PHE C 381 -30.08 17.80 14.35
N ALA C 382 -30.45 18.66 13.41
CA ALA C 382 -31.78 18.62 12.82
C ALA C 382 -32.02 17.34 12.04
N ALA C 383 -30.96 16.77 11.45
CA ALA C 383 -31.09 15.57 10.65
C ALA C 383 -31.28 14.31 11.49
N GLU C 384 -31.04 14.36 12.80
CA GLU C 384 -31.25 13.16 13.60
C GLU C 384 -32.70 12.70 13.55
N GLU C 385 -33.56 13.58 13.05
CA GLU C 385 -34.97 13.34 12.88
C GLU C 385 -35.29 12.49 11.66
N ARG C 386 -34.37 12.40 10.72
CA ARG C 386 -34.46 11.49 9.59
C ARG C 386 -33.63 10.23 9.81
N GLY C 387 -33.05 10.07 10.99
CA GLY C 387 -32.23 8.91 11.31
C GLY C 387 -30.72 9.12 11.29
N TYR C 388 -30.25 10.34 11.06
CA TYR C 388 -28.81 10.62 11.03
C TYR C 388 -28.19 10.40 12.40
N THR C 389 -27.04 9.72 12.44
CA THR C 389 -26.40 9.41 13.70
C THR C 389 -24.98 9.96 13.84
N ALA C 390 -24.40 10.54 12.79
CA ALA C 390 -22.99 10.87 12.83
C ALA C 390 -22.68 12.14 13.63
N THR C 391 -23.71 12.85 14.12
CA THR C 391 -23.47 13.92 15.08
C THR C 391 -22.70 13.40 16.29
N LYS C 392 -23.05 12.20 16.76
CA LYS C 392 -22.31 11.51 17.81
C LYS C 392 -21.16 10.76 17.12
N HIS C 393 -20.09 11.50 16.81
CA HIS C 393 -19.06 10.96 15.92
C HIS C 393 -18.22 9.87 16.59
N GLN C 394 -18.06 9.91 17.92
CA GLN C 394 -17.25 8.87 18.55
C GLN C 394 -17.91 7.50 18.39
N ARG C 395 -19.20 7.39 18.72
CA ARG C 395 -19.84 6.09 18.56
C ARG C 395 -19.95 5.71 17.09
N GLU C 396 -20.07 6.69 16.20
CA GLU C 396 -20.23 6.42 14.77
C GLU C 396 -19.03 5.65 14.20
N VAL C 397 -17.82 5.93 14.68
CA VAL C 397 -16.64 5.25 14.17
C VAL C 397 -16.22 4.11 15.09
N GLY C 398 -17.05 3.76 16.07
CA GLY C 398 -16.87 2.53 16.82
C GLY C 398 -16.24 2.66 18.20
N ALA C 399 -16.28 3.84 18.82
CA ALA C 399 -15.71 3.96 20.17
C ALA C 399 -16.39 3.01 21.15
N GLY C 400 -17.72 2.87 21.05
CA GLY C 400 -18.45 1.98 21.94
C GLY C 400 -18.18 0.50 21.64
N TYR C 401 -17.98 0.18 20.37
CA TYR C 401 -17.63 -1.19 19.99
C TYR C 401 -16.26 -1.59 20.52
N PHE C 402 -15.26 -0.72 20.39
CA PHE C 402 -13.95 -1.05 20.94
C PHE C 402 -13.94 -1.02 22.47
N ASP C 403 -14.79 -0.18 23.09
CA ASP C 403 -14.99 -0.29 24.53
C ASP C 403 -15.49 -1.68 24.92
N ARG C 404 -16.42 -2.22 24.14
CA ARG C 404 -16.92 -3.57 24.44
C ARG C 404 -15.82 -4.61 24.26
N ILE C 405 -14.94 -4.44 23.27
CA ILE C 405 -13.82 -5.37 23.16
C ILE C 405 -12.92 -5.26 24.40
N ALA C 406 -12.62 -4.02 24.80
CA ALA C 406 -11.70 -3.81 25.92
C ALA C 406 -12.25 -4.42 27.20
N THR C 407 -13.56 -4.25 27.45
CA THR C 407 -14.14 -4.81 28.68
C THR C 407 -14.44 -6.29 28.58
N THR C 408 -14.42 -6.87 27.36
CA THR C 408 -14.45 -8.33 27.26
C THR C 408 -13.11 -8.93 27.66
N VAL C 409 -12.01 -8.30 27.22
CA VAL C 409 -10.68 -8.75 27.61
C VAL C 409 -10.42 -8.51 29.10
N ASP C 410 -10.82 -7.34 29.59
CA ASP C 410 -10.54 -6.94 30.97
C ASP C 410 -11.70 -6.09 31.46
N PRO C 411 -12.71 -6.70 32.08
CA PRO C 411 -13.90 -5.92 32.49
C PRO C 411 -13.60 -4.84 33.50
N ASN C 412 -12.45 -4.89 34.18
CA ASN C 412 -12.12 -3.88 35.19
C ASN C 412 -11.15 -2.82 34.67
N SER C 413 -11.03 -2.67 33.35
CA SER C 413 -10.09 -1.74 32.75
C SER C 413 -10.37 -0.29 33.16
N SER C 414 -9.30 0.42 33.51
CA SER C 414 -9.37 1.84 33.87
C SER C 414 -9.29 2.77 32.67
N THR C 415 -9.13 2.26 31.45
CA THR C 415 -8.80 3.13 30.32
C THR C 415 -9.76 2.94 29.15
N THR C 416 -11.05 2.72 29.42
CA THR C 416 -12.05 2.71 28.36
C THR C 416 -12.40 4.15 27.95
N ALA C 417 -13.05 4.28 26.78
CA ALA C 417 -13.10 5.56 26.05
C ALA C 417 -14.37 6.37 26.28
N LEU C 418 -15.55 5.76 26.19
CA LEU C 418 -16.77 6.57 26.16
C LEU C 418 -17.10 7.17 27.52
N THR C 419 -16.79 6.46 28.61
CA THR C 419 -17.05 6.98 29.95
C THR C 419 -16.18 8.21 30.21
N GLY C 420 -16.82 9.35 30.51
CA GLY C 420 -16.09 10.58 30.75
C GLY C 420 -15.80 11.41 29.50
N SER C 421 -16.27 10.98 28.33
CA SER C 421 -16.10 11.72 27.10
C SER C 421 -17.02 12.94 27.06
N THR C 422 -16.65 13.94 26.24
CA THR C 422 -17.57 15.05 26.01
C THR C 422 -18.78 14.64 25.19
N GLU C 423 -18.68 13.56 24.40
CA GLU C 423 -19.87 13.05 23.73
C GLU C 423 -20.90 12.55 24.74
N GLU C 424 -20.45 11.84 25.78
CA GLU C 424 -21.35 11.38 26.83
C GLU C 424 -21.89 12.55 27.66
N GLY C 425 -21.09 13.61 27.83
CA GLY C 425 -21.51 14.72 28.67
C GLY C 425 -22.26 15.83 27.98
N GLN C 426 -22.16 15.94 26.65
CA GLN C 426 -22.74 17.07 25.92
C GLN C 426 -23.70 16.70 24.79
N PHE C 427 -23.87 15.42 24.47
CA PHE C 427 -24.66 15.05 23.30
C PHE C 427 -25.83 14.12 23.67
N MET D 1 30.30 10.07 -6.79
CA MET D 1 31.28 11.03 -7.30
C MET D 1 30.62 12.34 -7.78
N SER D 2 29.53 12.72 -7.10
CA SER D 2 28.70 13.85 -7.46
C SER D 2 28.65 14.82 -6.28
N VAL D 3 28.32 16.09 -6.57
CA VAL D 3 28.09 17.06 -5.51
C VAL D 3 26.61 17.24 -5.20
N VAL D 4 25.72 16.54 -5.92
CA VAL D 4 24.28 16.64 -5.70
C VAL D 4 23.93 16.13 -4.31
N GLY D 5 23.20 16.95 -3.54
CA GLY D 5 22.85 16.54 -2.19
C GLY D 5 23.96 16.51 -1.17
N THR D 6 25.07 17.22 -1.42
CA THR D 6 26.16 17.23 -0.44
C THR D 6 25.68 17.84 0.88
N PRO D 7 25.90 17.19 2.02
CA PRO D 7 25.45 17.78 3.29
C PRO D 7 26.23 19.03 3.64
N LYS D 8 25.61 19.86 4.46
CA LYS D 8 26.30 21.02 5.04
C LYS D 8 27.31 20.57 6.08
N SER D 9 28.30 21.42 6.34
CA SER D 9 29.20 21.17 7.44
C SER D 9 28.51 21.49 8.76
N ALA D 10 29.04 20.92 9.84
CA ALA D 10 28.53 21.23 11.18
C ALA D 10 28.65 22.73 11.46
N GLU D 11 29.72 23.37 10.98
CA GLU D 11 29.89 24.81 11.19
C GLU D 11 28.76 25.60 10.53
N GLN D 12 28.35 25.22 9.32
CA GLN D 12 27.26 25.91 8.63
C GLN D 12 25.95 25.77 9.39
N ILE D 13 25.64 24.55 9.83
CA ILE D 13 24.42 24.31 10.60
C ILE D 13 24.44 25.14 11.89
N GLN D 14 25.57 25.11 12.60
CA GLN D 14 25.67 25.83 13.86
C GLN D 14 25.45 27.32 13.66
N GLN D 15 26.02 27.88 12.60
CA GLN D 15 25.87 29.31 12.34
CA GLN D 15 25.85 29.31 12.44
C GLN D 15 24.43 29.67 12.02
N GLU D 16 23.69 28.77 11.36
CA GLU D 16 22.28 29.05 11.14
C GLU D 16 21.49 28.98 12.45
N TRP D 17 21.74 27.97 13.29
CA TRP D 17 21.07 27.91 14.58
C TRP D 17 21.38 29.14 15.43
N ASP D 18 22.63 29.62 15.38
CA ASP D 18 23.06 30.73 16.23
C ASP D 18 22.51 32.07 15.77
N THR D 19 22.25 32.24 14.48
CA THR D 19 21.95 33.58 13.95
C THR D 19 20.59 33.71 13.25
N ASN D 20 20.00 32.63 12.75
CA ASN D 20 18.72 32.76 12.04
C ASN D 20 17.59 33.00 13.03
N PRO D 21 16.77 34.05 12.84
CA PRO D 21 15.70 34.34 13.81
C PRO D 21 14.65 33.24 13.90
N ARG D 22 14.59 32.35 12.91
CA ARG D 22 13.70 31.19 13.01
C ARG D 22 13.99 30.38 14.28
N TRP D 23 15.25 30.37 14.74
CA TRP D 23 15.64 29.54 15.87
C TRP D 23 15.81 30.34 17.17
N LYS D 24 15.33 31.57 17.21
CA LYS D 24 15.32 32.33 18.47
C LYS D 24 14.53 31.56 19.52
N ASP D 25 15.14 31.36 20.69
CA ASP D 25 14.50 30.66 21.81
C ASP D 25 14.06 29.25 21.47
N VAL D 26 14.84 28.56 20.64
CA VAL D 26 14.65 27.14 20.36
C VAL D 26 15.81 26.39 21.00
N THR D 27 15.50 25.53 21.96
CA THR D 27 16.54 24.74 22.63
C THR D 27 16.75 23.42 21.88
N ARG D 28 18.01 23.16 21.54
CA ARG D 28 18.44 21.86 21.04
C ARG D 28 19.46 21.30 22.03
N THR D 29 19.14 20.14 22.63
CA THR D 29 20.04 19.54 23.61
C THR D 29 21.10 18.64 22.98
N TYR D 30 21.09 18.48 21.67
CA TYR D 30 22.12 17.78 20.91
C TYR D 30 22.92 18.82 20.10
N SER D 31 23.97 18.36 19.43
CA SER D 31 24.92 19.25 18.77
C SER D 31 24.76 19.23 17.25
N ALA D 32 25.29 20.27 16.60
CA ALA D 32 25.36 20.30 15.15
C ALA D 32 26.11 19.09 14.60
N GLU D 33 27.17 18.69 15.30
CA GLU D 33 27.94 17.53 14.88
C GLU D 33 27.11 16.27 14.98
N ASP D 34 26.24 16.18 15.99
CA ASP D 34 25.34 15.03 16.13
C ASP D 34 24.44 14.91 14.91
N VAL D 35 23.97 16.04 14.38
CA VAL D 35 23.10 16.03 13.21
C VAL D 35 23.86 15.54 11.98
N VAL D 36 25.04 16.10 11.73
CA VAL D 36 25.83 15.69 10.57
C VAL D 36 26.15 14.20 10.62
N ALA D 37 26.41 13.67 11.82
CA ALA D 37 26.78 12.26 11.94
C ALA D 37 25.67 11.33 11.48
N LEU D 38 24.42 11.79 11.56
CA LEU D 38 23.27 10.98 11.18
C LEU D 38 22.84 11.16 9.72
N GLN D 39 23.50 12.04 8.95
CA GLN D 39 23.03 12.37 7.61
C GLN D 39 23.64 11.52 6.49
N GLY D 40 24.54 10.58 6.80
CA GLY D 40 25.08 9.86 5.63
C GLY D 40 25.89 10.80 4.72
N SER D 41 26.01 10.39 3.45
CA SER D 41 26.80 11.14 2.48
CA SER D 41 26.80 11.17 2.50
C SER D 41 25.95 11.99 1.54
N VAL D 42 24.64 11.77 1.50
CA VAL D 42 23.75 12.49 0.60
C VAL D 42 22.49 12.85 1.39
N VAL D 43 22.07 14.11 1.30
CA VAL D 43 20.85 14.58 1.94
C VAL D 43 19.82 14.86 0.85
N GLU D 44 18.69 14.15 0.90
CA GLU D 44 17.62 14.41 -0.06
C GLU D 44 17.00 15.76 0.21
N GLU D 45 16.76 16.53 -0.85
CA GLU D 45 15.98 17.75 -0.71
C GLU D 45 14.49 17.43 -0.59
N HIS D 46 13.82 18.12 0.33
CA HIS D 46 12.38 17.93 0.55
C HIS D 46 11.69 19.26 0.24
N THR D 47 11.44 19.50 -1.05
CA THR D 47 10.97 20.81 -1.52
C THR D 47 9.68 21.24 -0.84
N LEU D 48 8.66 20.38 -0.86
CA LEU D 48 7.36 20.80 -0.33
C LEU D 48 7.40 20.97 1.19
N ALA D 49 8.18 20.15 1.89
CA ALA D 49 8.29 20.33 3.34
C ALA D 49 9.01 21.64 3.67
N ARG D 50 10.05 21.97 2.90
CA ARG D 50 10.77 23.23 3.13
C ARG D 50 9.88 24.43 2.83
N ARG D 51 9.26 24.43 1.64
CA ARG D 51 8.42 25.56 1.25
C ARG D 51 7.22 25.70 2.17
N GLY D 52 6.59 24.58 2.53
CA GLY D 52 5.44 24.64 3.41
C GLY D 52 5.80 25.17 4.79
N ALA D 53 6.89 24.66 5.37
CA ALA D 53 7.28 25.14 6.69
C ALA D 53 7.67 26.62 6.66
N GLU D 54 8.32 27.05 5.59
CA GLU D 54 8.69 28.47 5.48
C GLU D 54 7.46 29.34 5.34
N VAL D 55 6.50 28.94 4.50
CA VAL D 55 5.27 29.72 4.33
C VAL D 55 4.46 29.75 5.63
N LEU D 56 4.37 28.61 6.33
CA LEU D 56 3.62 28.59 7.59
C LEU D 56 4.23 29.54 8.62
N TRP D 57 5.55 29.54 8.75
CA TRP D 57 6.21 30.38 9.74
C TRP D 57 5.98 31.86 9.43
N GLU D 58 6.08 32.24 8.15
CA GLU D 58 5.85 33.65 7.82
C GLU D 58 4.38 34.04 7.99
N GLN D 59 3.45 33.11 7.67
CA GLN D 59 2.03 33.41 7.83
C GLN D 59 1.67 33.61 9.29
N LEU D 60 2.26 32.81 10.18
CA LEU D 60 1.98 32.93 11.61
C LEU D 60 2.39 34.27 12.17
N HIS D 61 3.33 34.96 11.53
CA HIS D 61 3.80 36.27 11.96
C HIS D 61 3.15 37.41 11.20
N ASP D 62 2.66 37.17 9.99
CA ASP D 62 2.10 38.21 9.13
C ASP D 62 0.59 38.31 9.28
N LEU D 63 -0.11 37.19 9.37
CA LEU D 63 -1.56 37.23 9.45
C LEU D 63 -2.02 37.45 10.90
N GLU D 64 -3.23 37.98 11.05
CA GLU D 64 -3.79 38.14 12.39
C GLU D 64 -3.94 36.79 13.09
N TRP D 65 -4.33 35.76 12.33
CA TRP D 65 -4.13 34.38 12.74
C TRP D 65 -4.27 33.50 11.50
N VAL D 66 -3.87 32.24 11.65
CA VAL D 66 -3.98 31.25 10.59
C VAL D 66 -5.05 30.24 11.00
N ASN D 67 -6.08 30.06 10.18
CA ASN D 67 -7.08 29.06 10.53
C ASN D 67 -7.24 28.01 9.43
N ALA D 68 -7.76 26.85 9.83
CA ALA D 68 -7.77 25.68 8.96
C ALA D 68 -8.93 24.79 9.34
N LEU D 69 -9.25 23.87 8.42
CA LEU D 69 -10.26 22.84 8.61
C LEU D 69 -9.63 21.49 8.34
N GLY D 70 -10.05 20.47 9.10
CA GLY D 70 -9.59 19.11 8.87
C GLY D 70 -9.92 18.59 7.47
N ALA D 71 -8.92 18.03 6.79
CA ALA D 71 -9.12 17.45 5.46
C ALA D 71 -8.68 15.99 5.49
N LEU D 72 -9.50 15.09 4.94
CA LEU D 72 -9.13 13.69 4.84
C LEU D 72 -9.05 13.17 3.40
N THR D 73 -9.40 13.98 2.40
CA THR D 73 -9.12 13.61 1.00
C THR D 73 -8.45 14.78 0.30
N GLY D 74 -7.84 14.46 -0.84
CA GLY D 74 -7.17 15.49 -1.62
C GLY D 74 -8.13 16.55 -2.12
N ASN D 75 -9.28 16.12 -2.67
CA ASN D 75 -10.27 17.08 -3.15
C ASN D 75 -10.74 18.01 -2.03
N MET D 76 -10.86 17.50 -0.80
CA MET D 76 -11.23 18.35 0.33
C MET D 76 -10.26 19.50 0.50
N ALA D 77 -8.97 19.21 0.46
CA ALA D 77 -7.98 20.26 0.63
C ALA D 77 -8.04 21.26 -0.52
N VAL D 78 -8.25 20.78 -1.74
CA VAL D 78 -8.38 21.68 -2.89
C VAL D 78 -9.53 22.68 -2.67
N GLN D 79 -10.69 22.19 -2.20
CA GLN D 79 -11.83 23.10 -1.98
C GLN D 79 -11.52 24.10 -0.87
N GLN D 80 -10.80 23.68 0.18
CA GLN D 80 -10.45 24.59 1.26
C GLN D 80 -9.59 25.75 0.76
N VAL D 81 -8.61 25.45 -0.09
CA VAL D 81 -7.75 26.50 -0.64
C VAL D 81 -8.52 27.34 -1.65
N ARG D 82 -9.32 26.70 -2.51
CA ARG D 82 -10.12 27.46 -3.46
C ARG D 82 -11.02 28.46 -2.74
N ALA D 83 -11.56 28.08 -1.58
CA ALA D 83 -12.43 28.93 -0.80
C ALA D 83 -11.70 30.02 -0.03
N GLY D 84 -10.36 30.01 -0.03
CA GLY D 84 -9.59 31.11 0.54
C GLY D 84 -8.78 30.79 1.77
N LEU D 85 -8.76 29.55 2.22
CA LEU D 85 -8.03 29.19 3.43
C LEU D 85 -6.54 29.05 3.13
N LYS D 86 -5.71 29.31 4.15
CA LYS D 86 -4.26 29.47 3.98
C LYS D 86 -3.47 28.33 4.61
N ALA D 87 -4.13 27.30 5.11
CA ALA D 87 -3.45 26.15 5.70
C ALA D 87 -4.43 24.99 5.70
N ILE D 88 -3.88 23.77 5.74
CA ILE D 88 -4.66 22.53 5.81
C ILE D 88 -4.37 21.87 7.16
N TYR D 89 -5.41 21.36 7.82
CA TYR D 89 -5.22 20.61 9.05
C TYR D 89 -5.48 19.13 8.78
N LEU D 90 -4.54 18.26 9.14
CA LEU D 90 -4.65 16.82 8.84
C LEU D 90 -4.88 16.09 10.16
N SER D 91 -6.15 15.77 10.42
CA SER D 91 -6.59 15.16 11.67
C SER D 91 -6.29 13.66 11.71
N GLY D 92 -5.66 13.21 12.80
CA GLY D 92 -5.52 11.77 12.98
C GLY D 92 -6.84 11.08 13.27
N TRP D 93 -7.75 11.75 13.97
CA TRP D 93 -9.09 11.24 14.21
C TRP D 93 -9.78 10.87 12.89
N GLN D 94 -9.74 11.79 11.92
CA GLN D 94 -10.40 11.54 10.64
C GLN D 94 -9.73 10.40 9.88
N VAL D 95 -8.41 10.31 9.96
CA VAL D 95 -7.69 9.21 9.33
C VAL D 95 -8.09 7.88 9.95
N ALA D 96 -8.17 7.83 11.28
CA ALA D 96 -8.70 6.68 11.99
C ALA D 96 -10.10 6.30 11.51
N GLY D 97 -10.98 7.30 11.36
CA GLY D 97 -12.38 7.00 11.04
C GLY D 97 -12.64 6.64 9.59
N ASP D 98 -11.83 7.14 8.65
CA ASP D 98 -12.20 6.99 7.25
C ASP D 98 -11.07 7.12 6.23
N ALA D 99 -9.78 7.15 6.64
CA ALA D 99 -8.72 7.31 5.64
C ALA D 99 -7.38 6.72 6.09
N ASN D 100 -7.36 5.48 6.57
CA ASN D 100 -6.12 4.88 7.03
C ASN D 100 -5.80 3.57 6.31
N LEU D 101 -4.54 3.15 6.40
CA LEU D 101 -4.01 2.11 5.53
C LEU D 101 -4.41 0.69 5.93
N SER D 102 -5.11 0.52 7.06
CA SER D 102 -5.69 -0.78 7.38
C SER D 102 -6.98 -1.05 6.62
N GLY D 103 -7.61 0.00 6.09
CA GLY D 103 -8.92 -0.13 5.48
C GLY D 103 -10.08 -0.17 6.44
N HIS D 104 -9.82 -0.09 7.74
CA HIS D 104 -10.88 -0.24 8.74
C HIS D 104 -11.30 1.10 9.31
N THR D 105 -12.54 1.12 9.82
CA THR D 105 -13.06 2.27 10.56
C THR D 105 -12.63 2.11 12.02
N TYR D 106 -11.96 3.12 12.56
CA TYR D 106 -11.45 3.03 13.92
C TYR D 106 -11.81 4.26 14.73
N PRO D 107 -12.06 4.08 16.03
CA PRO D 107 -12.03 5.23 16.94
C PRO D 107 -10.61 5.74 17.14
N ASP D 108 -10.51 6.88 17.80
CA ASP D 108 -9.28 7.68 17.85
C ASP D 108 -8.37 7.20 18.99
N GLN D 109 -7.74 6.04 18.76
CA GLN D 109 -6.98 5.34 19.80
C GLN D 109 -5.64 4.80 19.28
N SER D 110 -5.06 5.46 18.29
CA SER D 110 -3.80 5.03 17.67
C SER D 110 -3.82 3.56 17.28
N LEU D 111 -4.90 3.17 16.60
CA LEU D 111 -5.07 1.80 16.15
C LEU D 111 -4.55 1.54 14.74
N TYR D 112 -4.42 2.58 13.92
CA TYR D 112 -4.11 2.40 12.50
C TYR D 112 -2.61 2.35 12.26
N PRO D 113 -2.17 1.86 11.09
CA PRO D 113 -0.73 1.77 10.82
C PRO D 113 -0.07 3.14 10.83
N ALA D 114 1.13 3.20 11.44
CA ALA D 114 1.79 4.47 11.73
C ALA D 114 2.19 5.27 10.49
N ASN D 115 2.23 4.66 9.31
CA ASN D 115 2.50 5.48 8.12
C ASN D 115 1.23 6.04 7.46
N SER D 116 0.06 5.97 8.12
CA SER D 116 -1.17 6.40 7.48
C SER D 116 -1.23 7.92 7.29
N VAL D 117 -0.90 8.70 8.32
CA VAL D 117 -0.94 10.16 8.16
C VAL D 117 0.06 10.63 7.11
N PRO D 118 1.32 10.16 7.07
CA PRO D 118 2.20 10.55 5.95
C PRO D 118 1.62 10.29 4.58
N GLN D 119 0.89 9.17 4.39
CA GLN D 119 0.31 8.90 3.08
C GLN D 119 -0.75 9.95 2.72
N VAL D 120 -1.53 10.40 3.71
CA VAL D 120 -2.53 11.43 3.42
C VAL D 120 -1.86 12.79 3.17
N VAL D 121 -0.75 13.07 3.88
CA VAL D 121 0.03 14.27 3.57
C VAL D 121 0.43 14.29 2.10
N ARG D 122 1.02 13.19 1.63
CA ARG D 122 1.46 13.12 0.24
C ARG D 122 0.28 13.31 -0.71
N ARG D 123 -0.86 12.69 -0.37
CA ARG D 123 -2.08 12.78 -1.18
C ARG D 123 -2.57 14.22 -1.27
N ILE D 124 -2.65 14.90 -0.14
CA ILE D 124 -3.11 16.29 -0.17
C ILE D 124 -2.17 17.15 -1.02
N ASN D 125 -0.86 16.99 -0.84
CA ASN D 125 0.09 17.75 -1.66
C ASN D 125 -0.07 17.41 -3.15
N ASN D 126 -0.26 16.14 -3.48
CA ASN D 126 -0.50 15.76 -4.88
C ASN D 126 -1.74 16.47 -5.43
N ALA D 127 -2.81 16.54 -4.63
CA ALA D 127 -4.05 17.15 -5.10
C ALA D 127 -3.89 18.66 -5.26
N LEU D 128 -3.17 19.30 -4.34
CA LEU D 128 -2.91 20.74 -4.48
C LEU D 128 -2.01 21.02 -5.68
N GLN D 129 -1.04 20.15 -5.93
CA GLN D 129 -0.19 20.30 -7.12
C GLN D 129 -1.00 20.20 -8.41
N ARG D 130 -2.00 19.30 -8.45
CA ARG D 130 -2.83 19.19 -9.66
C ARG D 130 -3.65 20.46 -9.85
N ALA D 131 -4.24 20.98 -8.78
CA ALA D 131 -5.04 22.20 -8.91
C ALA D 131 -4.16 23.36 -9.40
N ASP D 132 -2.90 23.39 -8.95
CA ASP D 132 -1.92 24.39 -9.39
C ASP D 132 -1.61 24.24 -10.87
N GLN D 133 -1.38 23.00 -11.33
CA GLN D 133 -1.09 22.75 -12.74
C GLN D 133 -2.26 23.15 -13.62
N ILE D 134 -3.48 22.80 -13.20
CA ILE D 134 -4.67 23.18 -13.95
C ILE D 134 -4.80 24.69 -14.02
N ALA D 135 -4.65 25.35 -12.87
CA ALA D 135 -4.76 26.81 -12.83
C ALA D 135 -3.79 27.47 -13.80
N LYS D 136 -2.56 26.94 -13.89
CA LYS D 136 -1.55 27.55 -14.75
C LYS D 136 -1.97 27.48 -16.22
N ILE D 137 -2.39 26.30 -16.69
CA ILE D 137 -2.77 26.21 -18.11
C ILE D 137 -4.06 26.96 -18.40
N GLU D 138 -4.94 27.12 -17.39
CA GLU D 138 -6.19 27.88 -17.58
C GLU D 138 -6.00 29.39 -17.42
N GLY D 139 -4.82 29.86 -17.02
CA GLY D 139 -4.64 31.27 -16.74
C GLY D 139 -5.38 31.76 -15.52
N ASP D 140 -5.63 30.87 -14.55
CA ASP D 140 -6.42 31.19 -13.36
C ASP D 140 -5.48 31.74 -12.30
N THR D 141 -5.64 33.04 -11.98
CA THR D 141 -4.80 33.72 -11.01
C THR D 141 -5.52 33.97 -9.69
N SER D 142 -6.69 33.37 -9.50
CA SER D 142 -7.55 33.69 -8.35
C SER D 142 -6.99 33.17 -7.03
N VAL D 143 -6.13 32.16 -7.05
CA VAL D 143 -5.51 31.63 -5.84
C VAL D 143 -4.01 31.93 -5.89
N GLU D 144 -3.53 32.67 -4.87
CA GLU D 144 -2.12 33.06 -4.87
C GLU D 144 -1.20 31.89 -4.55
N ASN D 145 -1.58 31.03 -3.59
CA ASN D 145 -0.73 29.91 -3.19
C ASN D 145 -1.58 28.64 -3.10
N TRP D 146 -1.49 27.79 -4.14
CA TRP D 146 -2.19 26.51 -4.07
C TRP D 146 -1.57 25.58 -3.04
N LEU D 147 -0.24 25.64 -2.87
CA LEU D 147 0.46 24.74 -1.95
C LEU D 147 0.42 25.31 -0.53
N ALA D 148 -0.79 25.32 0.03
CA ALA D 148 -0.96 25.79 1.40
C ALA D 148 -0.24 24.85 2.36
N PRO D 149 0.35 25.36 3.44
CA PRO D 149 1.04 24.49 4.41
C PRO D 149 0.09 23.52 5.09
N ILE D 150 0.56 22.28 5.26
CA ILE D 150 -0.19 21.20 5.93
C ILE D 150 0.35 21.03 7.35
N VAL D 151 -0.54 21.09 8.35
CA VAL D 151 -0.19 20.78 9.75
C VAL D 151 -0.80 19.42 10.08
N ALA D 152 0.03 18.44 10.46
CA ALA D 152 -0.42 17.06 10.56
C ALA D 152 -0.26 16.49 11.97
N ASP D 153 -1.08 15.48 12.25
CA ASP D 153 -1.21 14.86 13.56
C ASP D 153 -0.17 13.75 13.75
N GLY D 154 0.75 13.94 14.69
CA GLY D 154 1.71 12.93 15.09
C GLY D 154 1.25 12.03 16.23
N GLU D 155 0.06 12.29 16.76
CA GLU D 155 -0.56 11.55 17.87
C GLU D 155 0.45 11.48 19.02
N ALA D 156 0.64 10.32 19.64
CA ALA D 156 1.58 10.13 20.72
C ALA D 156 2.85 9.44 20.27
N GLY D 157 3.12 9.45 18.96
CA GLY D 157 4.35 8.91 18.41
C GLY D 157 4.33 7.45 18.02
N PHE D 158 3.27 6.71 18.36
CA PHE D 158 3.16 5.28 18.04
C PHE D 158 4.29 4.47 18.66
N GLY D 159 4.71 4.84 19.87
CA GLY D 159 5.74 4.06 20.54
C GLY D 159 6.71 4.95 21.28
N GLY D 160 8.01 4.68 21.09
CA GLY D 160 9.06 5.40 21.78
C GLY D 160 9.65 6.51 20.92
N ALA D 161 10.76 7.07 21.42
CA ALA D 161 11.40 8.19 20.72
C ALA D 161 11.78 7.84 19.29
N LEU D 162 12.10 6.57 19.03
CA LEU D 162 12.47 6.18 17.67
C LEU D 162 11.26 6.09 16.74
N ASN D 163 10.10 5.68 17.27
CA ASN D 163 8.88 5.74 16.48
C ASN D 163 8.50 7.18 16.15
N VAL D 164 8.65 8.09 17.14
CA VAL D 164 8.46 9.52 16.89
C VAL D 164 9.37 9.97 15.75
N TYR D 165 10.65 9.62 15.84
CA TYR D 165 11.62 10.06 14.84
C TYR D 165 11.19 9.63 13.44
N GLU D 166 10.81 8.36 13.29
CA GLU D 166 10.46 7.83 11.97
C GLU D 166 9.18 8.45 11.45
N LEU D 167 8.21 8.73 12.32
CA LEU D 167 6.97 9.36 11.85
C LEU D 167 7.23 10.79 11.37
N GLN D 168 8.01 11.56 12.12
CA GLN D 168 8.38 12.91 11.67
C GLN D 168 9.12 12.86 10.32
N LYS D 169 10.10 11.96 10.19
CA LYS D 169 10.82 11.83 8.92
C LYS D 169 9.86 11.51 7.78
N ALA D 170 8.88 10.64 8.01
CA ALA D 170 7.94 10.28 6.94
C ALA D 170 7.00 11.43 6.61
N LEU D 171 6.57 12.19 7.62
CA LEU D 171 5.72 13.36 7.34
C LEU D 171 6.47 14.37 6.48
N ILE D 172 7.75 14.57 6.79
CA ILE D 172 8.57 15.50 6.03
C ILE D 172 8.75 15.00 4.59
N ALA D 173 9.06 13.71 4.43
CA ALA D 173 9.22 13.15 3.09
C ALA D 173 7.98 13.40 2.25
N ALA D 174 6.80 13.34 2.89
CA ALA D 174 5.51 13.56 2.22
C ALA D 174 5.21 15.03 1.98
N GLY D 175 5.97 15.94 2.58
CA GLY D 175 5.78 17.36 2.35
C GLY D 175 5.05 18.13 3.43
N VAL D 176 5.11 17.69 4.68
CA VAL D 176 4.38 18.37 5.74
C VAL D 176 5.07 19.69 6.08
N ALA D 177 4.29 20.64 6.60
CA ALA D 177 4.82 21.93 7.05
C ALA D 177 5.01 21.99 8.56
N GLY D 178 4.16 21.29 9.30
CA GLY D 178 4.23 21.26 10.75
C GLY D 178 3.56 19.99 11.27
N SER D 179 3.91 19.61 12.49
CA SER D 179 3.38 18.40 13.10
C SER D 179 3.18 18.61 14.58
N HIS D 180 2.17 17.94 15.16
CA HIS D 180 1.90 18.08 16.58
C HIS D 180 1.98 16.74 17.30
N TRP D 181 2.36 16.83 18.58
CA TRP D 181 2.77 15.71 19.39
C TRP D 181 2.20 15.88 20.79
N GLU D 182 1.55 14.85 21.34
CA GLU D 182 0.81 14.98 22.59
C GLU D 182 1.40 14.10 23.69
N ASP D 183 1.21 14.54 24.94
CA ASP D 183 1.86 13.89 26.09
C ASP D 183 1.04 12.74 26.66
N GLN D 184 0.44 11.91 25.82
CA GLN D 184 -0.29 10.71 26.22
C GLN D 184 0.55 9.45 26.06
N LEU D 185 0.16 8.41 26.79
CA LEU D 185 0.77 7.09 26.60
C LEU D 185 0.30 6.50 25.28
N ALA D 186 1.23 6.14 24.39
CA ALA D 186 0.83 5.69 23.06
C ALA D 186 -0.06 4.46 23.12
N SER D 187 0.24 3.51 24.00
CA SER D 187 -0.58 2.30 24.05
C SER D 187 -2.00 2.55 24.54
N GLU D 188 -2.30 3.72 25.11
CA GLU D 188 -3.63 4.02 25.62
C GLU D 188 -4.15 5.34 25.06
N LYS D 189 -3.66 5.73 23.88
CA LYS D 189 -3.98 7.04 23.32
C LYS D 189 -5.49 7.20 23.12
N LYS D 190 -5.98 8.40 23.40
CA LYS D 190 -7.38 8.76 23.18
C LYS D 190 -7.46 10.10 22.47
N CYS D 191 -8.55 10.29 21.72
CA CYS D 191 -8.98 11.64 21.40
C CYS D 191 -9.04 12.47 22.68
N GLY D 192 -8.66 13.74 22.58
CA GLY D 192 -8.62 14.58 23.78
C GLY D 192 -9.95 14.70 24.49
N HIS D 193 -11.05 14.39 23.79
CA HIS D 193 -12.39 14.53 24.35
C HIS D 193 -13.05 13.20 24.62
N LEU D 194 -12.28 12.11 24.62
CA LEU D 194 -12.70 10.82 25.15
C LEU D 194 -12.14 10.67 26.57
N GLY D 195 -12.70 9.70 27.31
CA GLY D 195 -12.19 9.35 28.61
C GLY D 195 -11.08 8.31 28.53
N GLY D 196 -10.55 7.96 29.70
CA GLY D 196 -9.51 6.93 29.76
C GLY D 196 -8.14 7.39 29.34
N LYS D 197 -7.81 8.67 29.50
CA LYS D 197 -6.53 9.21 29.05
C LYS D 197 -5.46 8.99 30.11
N VAL D 198 -4.26 8.66 29.66
CA VAL D 198 -3.10 8.46 30.53
C VAL D 198 -1.98 9.37 30.07
N LEU D 199 -1.49 10.23 30.97
CA LEU D 199 -0.35 11.08 30.64
C LEU D 199 0.97 10.33 30.80
N ILE D 200 2.01 10.82 30.10
CA ILE D 200 3.37 10.37 30.38
C ILE D 200 4.10 11.47 31.15
N PRO D 201 5.26 11.19 31.74
CA PRO D 201 5.95 12.23 32.52
C PRO D 201 6.39 13.39 31.64
N THR D 202 6.47 14.57 32.25
CA THR D 202 6.86 15.78 31.52
C THR D 202 8.15 15.57 30.72
N GLN D 203 9.17 14.96 31.34
CA GLN D 203 10.44 14.82 30.63
C GLN D 203 10.32 13.85 29.46
N GLN D 204 9.44 12.85 29.56
CA GLN D 204 9.24 11.95 28.43
C GLN D 204 8.70 12.70 27.23
N HIS D 205 7.81 13.69 27.45
CA HIS D 205 7.33 14.44 26.30
C HIS D 205 8.39 15.40 25.76
N ILE D 206 9.23 15.95 26.63
CA ILE D 206 10.36 16.73 26.10
C ILE D 206 11.23 15.86 25.19
N ARG D 207 11.40 14.59 25.55
CA ARG D 207 12.15 13.66 24.68
CA ARG D 207 12.15 13.67 24.67
C ARG D 207 11.47 13.53 23.32
N THR D 208 10.14 13.37 23.32
CA THR D 208 9.37 13.31 22.07
C THR D 208 9.62 14.54 21.22
N LEU D 209 9.48 15.74 21.81
CA LEU D 209 9.68 16.97 21.06
C LEU D 209 11.11 17.10 20.56
N THR D 210 12.09 16.62 21.35
CA THR D 210 13.48 16.66 20.93
C THR D 210 13.71 15.73 19.74
N SER D 211 13.08 14.56 19.78
CA SER D 211 13.19 13.61 18.68
C SER D 211 12.55 14.16 17.41
N ALA D 212 11.40 14.83 17.55
CA ALA D 212 10.76 15.46 16.40
C ALA D 212 11.62 16.57 15.80
N ARG D 213 12.27 17.37 16.65
CA ARG D 213 13.17 18.40 16.12
C ARG D 213 14.39 17.76 15.47
N LEU D 214 14.94 16.71 16.08
CA LEU D 214 16.11 16.05 15.52
C LEU D 214 15.83 15.50 14.12
N ALA D 215 14.68 14.84 13.94
CA ALA D 215 14.35 14.30 12.61
C ALA D 215 14.25 15.41 11.57
N ALA D 216 13.67 16.55 11.95
CA ALA D 216 13.61 17.69 11.03
C ALA D 216 15.00 18.23 10.71
N ASP D 217 15.89 18.31 11.72
CA ASP D 217 17.25 18.79 11.46
C ASP D 217 18.02 17.84 10.55
N VAL D 218 17.90 16.52 10.79
CA VAL D 218 18.60 15.57 9.94
C VAL D 218 18.07 15.62 8.51
N ALA D 219 16.78 15.88 8.35
CA ALA D 219 16.18 16.06 7.03
C ALA D 219 16.39 17.47 6.47
N ASP D 220 17.03 18.37 7.25
CA ASP D 220 17.44 19.71 6.78
C ASP D 220 16.23 20.57 6.38
N VAL D 221 15.15 20.49 7.16
CA VAL D 221 14.00 21.35 6.88
C VAL D 221 13.53 21.99 8.19
N PRO D 222 13.00 23.22 8.17
CA PRO D 222 12.62 23.95 9.40
C PRO D 222 11.17 23.70 9.83
N THR D 223 10.80 22.43 9.94
CA THR D 223 9.43 22.02 10.28
C THR D 223 8.93 22.71 11.54
N VAL D 224 7.68 23.13 11.51
CA VAL D 224 7.03 23.74 12.67
C VAL D 224 6.61 22.62 13.62
N VAL D 225 7.08 22.67 14.87
CA VAL D 225 6.84 21.62 15.86
C VAL D 225 5.85 22.14 16.89
N ILE D 226 4.76 21.40 17.09
CA ILE D 226 3.67 21.79 17.98
C ILE D 226 3.58 20.79 19.12
N ALA D 227 3.55 21.29 20.36
CA ALA D 227 3.37 20.46 21.54
C ALA D 227 1.96 20.60 22.07
N ARG D 228 1.30 19.47 22.30
CA ARG D 228 -0.06 19.41 22.81
C ARG D 228 -0.04 18.77 24.19
N THR D 229 -0.78 19.35 25.15
CA THR D 229 -0.94 18.71 26.45
C THR D 229 -2.41 18.31 26.67
N ASP D 230 -2.59 17.11 27.24
CA ASP D 230 -3.88 16.54 27.56
C ASP D 230 -4.15 16.54 29.06
N ALA D 231 -3.46 17.40 29.82
CA ALA D 231 -3.57 17.35 31.27
C ALA D 231 -4.83 18.01 31.81
N GLU D 232 -5.62 18.70 30.98
CA GLU D 232 -6.83 19.34 31.49
C GLU D 232 -7.82 18.32 32.02
N ALA D 233 -7.96 17.20 31.32
CA ALA D 233 -8.95 16.17 31.65
C ALA D 233 -8.34 14.86 32.14
N ALA D 234 -7.10 14.54 31.81
CA ALA D 234 -6.53 13.26 32.20
C ALA D 234 -6.40 13.15 33.72
N THR D 235 -6.84 12.03 34.30
CA THR D 235 -6.66 11.78 35.73
C THR D 235 -5.68 10.65 36.00
N LEU D 236 -4.92 10.23 35.00
CA LEU D 236 -3.94 9.15 35.15
C LEU D 236 -2.61 9.57 34.54
N ILE D 237 -1.52 9.08 35.13
CA ILE D 237 -0.17 9.27 34.60
C ILE D 237 0.62 7.99 34.83
N THR D 238 1.53 7.67 33.89
CA THR D 238 2.23 6.39 33.94
C THR D 238 3.15 6.26 35.16
N SER D 239 3.73 7.37 35.62
CA SER D 239 4.73 7.29 36.68
C SER D 239 4.86 8.65 37.36
N ASP D 240 5.31 8.64 38.61
CA ASP D 240 5.55 9.86 39.38
C ASP D 240 7.03 10.26 39.40
N VAL D 241 7.84 9.72 38.48
CA VAL D 241 9.29 9.91 38.54
C VAL D 241 9.68 11.38 38.39
N ASP D 242 8.91 12.18 37.65
CA ASP D 242 9.32 13.54 37.31
C ASP D 242 8.83 14.49 38.41
N GLU D 243 9.75 15.25 39.00
CA GLU D 243 9.37 16.13 40.11
C GLU D 243 8.43 17.24 39.68
N ARG D 244 8.41 17.62 38.40
CA ARG D 244 7.44 18.60 37.94
C ARG D 244 6.02 18.05 37.93
N ASP D 245 5.86 16.73 37.86
CA ASP D 245 4.54 16.13 37.89
C ASP D 245 4.07 15.79 39.30
N GLN D 246 5.01 15.65 40.25
CA GLN D 246 4.66 15.19 41.60
C GLN D 246 3.67 16.07 42.35
N PRO D 247 3.62 17.40 42.18
CA PRO D 247 2.60 18.18 42.90
C PRO D 247 1.16 17.74 42.65
N PHE D 248 0.88 17.08 41.53
CA PHE D 248 -0.48 16.71 41.18
C PHE D 248 -0.79 15.25 41.48
N ILE D 249 0.21 14.45 41.85
CA ILE D 249 -0.01 13.06 42.20
C ILE D 249 -0.75 12.98 43.52
N THR D 250 -1.67 12.02 43.63
CA THR D 250 -2.36 11.77 44.89
C THR D 250 -1.72 10.67 45.72
N GLY D 251 -0.96 9.76 45.10
CA GLY D 251 -0.39 8.60 45.75
C GLY D 251 -1.07 7.29 45.41
N GLU D 252 -2.37 7.33 45.12
CA GLU D 252 -3.11 6.14 44.74
C GLU D 252 -2.61 5.61 43.39
N ARG D 253 -2.71 4.28 43.22
CA ARG D 253 -2.37 3.63 41.97
C ARG D 253 -3.50 2.71 41.54
N THR D 254 -3.73 2.61 40.23
CA THR D 254 -4.74 1.69 39.73
C THR D 254 -4.19 0.27 39.70
N ARG D 255 -5.08 -0.68 39.36
CA ARG D 255 -4.68 -2.09 39.28
C ARG D 255 -3.65 -2.32 38.17
N GLU D 256 -3.63 -1.47 37.13
CA GLU D 256 -2.63 -1.61 36.08
C GLU D 256 -1.31 -0.97 36.42
N GLY D 257 -1.24 -0.18 37.50
CA GLY D 257 -0.01 0.47 37.88
C GLY D 257 0.06 1.95 37.54
N PHE D 258 -1.03 2.53 37.02
CA PHE D 258 -1.06 3.96 36.74
C PHE D 258 -1.22 4.74 38.03
N TYR D 259 -0.67 5.95 38.05
CA TYR D 259 -0.83 6.88 39.15
C TYR D 259 -2.03 7.80 38.89
N ARG D 260 -2.82 8.05 39.93
CA ARG D 260 -3.88 9.05 39.82
C ARG D 260 -3.30 10.45 39.97
N THR D 261 -3.88 11.41 39.24
CA THR D 261 -3.34 12.76 39.20
C THR D 261 -4.48 13.78 39.10
N LYS D 262 -4.23 14.97 39.65
CA LYS D 262 -5.23 16.04 39.70
C LYS D 262 -5.20 16.82 38.40
N ASN D 263 -6.28 16.74 37.64
CA ASN D 263 -6.38 17.37 36.33
C ASN D 263 -6.82 18.83 36.45
N GLY D 264 -6.61 19.58 35.38
CA GLY D 264 -7.12 20.94 35.29
C GLY D 264 -6.16 21.85 34.57
N ILE D 265 -6.45 23.15 34.67
CA ILE D 265 -5.63 24.13 33.97
C ILE D 265 -4.25 24.26 34.60
N GLU D 266 -4.12 23.97 35.90
CA GLU D 266 -2.81 24.17 36.55
C GLU D 266 -1.74 23.23 35.99
N PRO D 267 -1.94 21.92 35.87
CA PRO D 267 -0.89 21.09 35.24
C PRO D 267 -0.68 21.41 33.76
N CYS D 268 -1.70 21.94 33.07
CA CYS D 268 -1.50 22.35 31.68
C CYS D 268 -0.54 23.52 31.59
N ILE D 269 -0.67 24.49 32.48
CA ILE D 269 0.23 25.64 32.48
C ILE D 269 1.65 25.19 32.83
N ALA D 270 1.78 24.31 33.82
CA ALA D 270 3.10 23.79 34.17
C ALA D 270 3.75 23.09 32.98
N ARG D 271 3.00 22.22 32.31
CA ARG D 271 3.57 21.46 31.21
C ARG D 271 3.89 22.35 30.02
N ALA D 272 3.01 23.33 29.74
CA ALA D 272 3.29 24.27 28.65
C ALA D 272 4.59 25.00 28.88
N LYS D 273 4.84 25.46 30.10
CA LYS D 273 6.08 26.18 30.37
C LYS D 273 7.29 25.27 30.19
N ALA D 274 7.16 23.99 30.60
CA ALA D 274 8.27 23.06 30.41
C ALA D 274 8.48 22.72 28.93
N TYR D 275 7.41 22.71 28.14
CA TYR D 275 7.52 22.39 26.72
C TYR D 275 7.96 23.57 25.86
N ALA D 276 7.81 24.80 26.36
CA ALA D 276 7.98 25.96 25.49
C ALA D 276 9.35 26.05 24.81
N PRO D 277 10.48 25.75 25.47
CA PRO D 277 11.77 25.81 24.75
C PRO D 277 11.89 24.79 23.64
N PHE D 278 10.97 23.82 23.57
CA PHE D 278 11.04 22.71 22.62
C PHE D 278 9.89 22.72 21.61
N ALA D 279 9.10 23.79 21.55
CA ALA D 279 7.94 23.83 20.69
C ALA D 279 7.75 25.21 20.07
N ASP D 280 7.45 25.24 18.77
CA ASP D 280 7.11 26.49 18.09
C ASP D 280 5.69 26.97 18.43
N LEU D 281 4.76 26.06 18.71
CA LEU D 281 3.42 26.40 19.20
C LEU D 281 3.01 25.44 20.31
N ILE D 282 2.18 25.92 21.25
CA ILE D 282 1.70 25.09 22.34
C ILE D 282 0.17 25.07 22.32
N TRP D 283 -0.38 23.89 22.57
CA TRP D 283 -1.80 23.60 22.45
C TRP D 283 -2.27 22.88 23.70
N MET D 284 -3.30 23.43 24.36
CA MET D 284 -3.95 22.78 25.50
C MET D 284 -5.34 22.30 25.07
N GLU D 285 -5.59 21.00 25.18
CA GLU D 285 -6.94 20.49 24.95
C GLU D 285 -7.86 20.93 26.09
N THR D 286 -9.11 21.28 25.76
CA THR D 286 -10.06 21.76 26.75
C THR D 286 -11.39 21.02 26.62
N GLY D 287 -12.18 21.06 27.70
CA GLY D 287 -13.45 20.34 27.75
C GLY D 287 -14.63 21.11 27.21
N THR D 288 -14.48 22.42 27.05
CA THR D 288 -15.53 23.33 26.58
C THR D 288 -14.87 24.44 25.80
N PRO D 289 -15.60 25.10 24.89
CA PRO D 289 -15.04 26.29 24.23
C PRO D 289 -15.21 27.52 25.09
N ASP D 290 -14.18 27.87 25.87
CA ASP D 290 -14.28 28.84 26.97
C ASP D 290 -13.22 29.92 26.78
N LEU D 291 -13.65 31.11 26.37
CA LEU D 291 -12.68 32.18 26.08
C LEU D 291 -11.93 32.64 27.33
N GLU D 292 -12.56 32.58 28.51
CA GLU D 292 -11.83 33.02 29.71
C GLU D 292 -10.85 31.96 30.19
N ALA D 293 -11.16 30.68 30.00
CA ALA D 293 -10.16 29.65 30.28
C ALA D 293 -8.98 29.75 29.33
N ALA D 294 -9.23 30.11 28.07
CA ALA D 294 -8.13 30.29 27.13
C ALA D 294 -7.28 31.50 27.51
N ARG D 295 -7.93 32.56 28.01
CA ARG D 295 -7.14 33.73 28.42
C ARG D 295 -6.29 33.42 29.63
N GLN D 296 -6.81 32.64 30.58
CA GLN D 296 -6.03 32.24 31.74
C GLN D 296 -4.78 31.45 31.33
N PHE D 297 -4.94 30.52 30.38
CA PHE D 297 -3.80 29.73 29.91
C PHE D 297 -2.81 30.61 29.14
N SER D 298 -3.31 31.42 28.21
CA SER D 298 -2.42 32.24 27.39
CA SER D 298 -2.42 32.24 27.39
C SER D 298 -1.65 33.25 28.24
N GLU D 299 -2.32 33.88 29.22
CA GLU D 299 -1.62 34.88 30.02
C GLU D 299 -0.59 34.24 30.93
N ALA D 300 -0.86 33.04 31.44
CA ALA D 300 0.10 32.36 32.30
C ALA D 300 1.36 31.95 31.52
N VAL D 301 1.18 31.40 30.32
CA VAL D 301 2.34 30.99 29.51
C VAL D 301 3.14 32.20 29.06
N LYS D 302 2.44 33.23 28.55
CA LYS D 302 3.13 34.37 27.99
C LYS D 302 3.76 35.26 29.07
N ALA D 303 3.34 35.15 30.32
CA ALA D 303 4.02 35.92 31.37
C ALA D 303 5.49 35.53 31.44
N GLU D 304 5.79 34.24 31.26
CA GLU D 304 7.16 33.74 31.25
C GLU D 304 7.77 33.75 29.84
N TYR D 305 6.98 33.39 28.82
CA TYR D 305 7.46 33.35 27.43
C TYR D 305 6.61 34.28 26.59
N PRO D 306 6.93 35.58 26.59
CA PRO D 306 6.03 36.57 25.97
C PRO D 306 5.75 36.32 24.51
N ASP D 307 6.72 35.82 23.74
CA ASP D 307 6.55 35.62 22.31
C ASP D 307 6.04 34.23 21.93
N GLN D 308 5.72 33.36 22.91
CA GLN D 308 5.27 32.01 22.60
C GLN D 308 3.91 31.99 21.90
N MET D 309 3.87 31.47 20.67
CA MET D 309 2.60 31.33 19.95
C MET D 309 1.86 30.09 20.42
N LEU D 310 0.53 30.15 20.35
CA LEU D 310 -0.32 29.07 20.83
C LEU D 310 -1.27 28.61 19.73
N ALA D 311 -1.83 27.42 19.92
CA ALA D 311 -2.80 26.85 18.98
C ALA D 311 -4.05 26.42 19.74
N TYR D 312 -5.20 26.42 19.04
CA TYR D 312 -6.48 26.13 19.68
C TYR D 312 -7.34 25.24 18.80
N ASN D 313 -7.87 24.15 19.38
CA ASN D 313 -8.77 23.22 18.70
C ASN D 313 -10.22 23.69 18.90
N CYS D 314 -10.83 24.20 17.83
CA CYS D 314 -12.26 24.57 17.81
C CYS D 314 -13.06 23.32 17.50
N SER D 315 -13.26 22.50 18.52
CA SER D 315 -13.54 21.07 18.31
C SER D 315 -15.03 20.83 18.02
N PRO D 316 -15.36 19.98 17.03
CA PRO D 316 -16.77 19.55 16.89
C PRO D 316 -17.24 18.63 18.01
N SER D 317 -16.34 18.17 18.88
CA SER D 317 -16.75 17.41 20.06
C SER D 317 -17.46 18.28 21.09
N PHE D 318 -17.46 19.60 20.89
CA PHE D 318 -18.25 20.52 21.70
C PHE D 318 -19.63 20.71 21.07
N ASN D 319 -20.66 20.76 21.89
CA ASN D 319 -22.00 21.17 21.45
C ASN D 319 -22.02 22.68 21.55
N TRP D 320 -21.77 23.36 20.43
CA TRP D 320 -21.39 24.78 20.49
C TRP D 320 -22.53 25.63 21.05
N LYS D 321 -23.75 25.47 20.54
CA LYS D 321 -24.81 26.39 20.94
C LYS D 321 -25.40 26.06 22.30
N LYS D 322 -25.12 24.91 22.89
CA LYS D 322 -25.49 24.74 24.28
C LYS D 322 -24.46 25.34 25.24
N HIS D 323 -23.34 25.84 24.72
CA HIS D 323 -22.34 26.51 25.55
C HIS D 323 -22.25 28.01 25.34
N LEU D 324 -22.50 28.51 24.13
CA LEU D 324 -22.24 29.91 23.79
C LEU D 324 -23.38 30.49 22.98
N ASP D 325 -23.57 31.81 23.09
CA ASP D 325 -24.56 32.48 22.24
C ASP D 325 -23.96 32.81 20.88
N ASP D 326 -24.81 33.28 19.97
CA ASP D 326 -24.40 33.52 18.60
C ASP D 326 -23.34 34.62 18.51
N ALA D 327 -23.48 35.67 19.33
CA ALA D 327 -22.51 36.75 19.29
C ALA D 327 -21.12 36.28 19.71
N THR D 328 -21.05 35.40 20.72
CA THR D 328 -19.75 34.92 21.18
C THR D 328 -19.15 33.95 20.17
N ILE D 329 -19.98 33.07 19.60
CA ILE D 329 -19.51 32.19 18.52
C ILE D 329 -18.89 33.01 17.40
N ALA D 330 -19.54 34.12 17.04
CA ALA D 330 -19.07 34.92 15.90
C ALA D 330 -17.72 35.59 16.17
N LYS D 331 -17.40 35.93 17.42
CA LYS D 331 -16.15 36.59 17.71
C LYS D 331 -15.08 35.64 18.24
N PHE D 332 -15.40 34.34 18.37
CA PHE D 332 -14.55 33.39 19.08
C PHE D 332 -13.11 33.37 18.57
N GLN D 333 -12.92 33.14 17.26
CA GLN D 333 -11.56 33.03 16.74
C GLN D 333 -10.83 34.37 16.79
N LYS D 334 -11.54 35.47 16.54
CA LYS D 334 -10.89 36.78 16.58
C LYS D 334 -10.39 37.09 17.99
N GLU D 335 -11.17 36.73 19.02
CA GLU D 335 -10.75 36.98 20.40
C GLU D 335 -9.56 36.10 20.77
N LEU D 336 -9.60 34.82 20.38
CA LEU D 336 -8.47 33.92 20.63
C LEU D 336 -7.20 34.45 19.98
N ALA D 337 -7.32 34.99 18.76
CA ALA D 337 -6.16 35.49 18.06
C ALA D 337 -5.50 36.62 18.83
N ALA D 338 -6.32 37.50 19.43
CA ALA D 338 -5.75 38.60 20.20
C ALA D 338 -5.00 38.11 21.44
N MET D 339 -5.32 36.92 21.94
CA MET D 339 -4.61 36.31 23.07
C MET D 339 -3.33 35.59 22.68
N GLY D 340 -3.05 35.44 21.39
CA GLY D 340 -1.85 34.74 20.96
C GLY D 340 -2.08 33.36 20.38
N PHE D 341 -3.33 32.94 20.17
CA PHE D 341 -3.62 31.66 19.53
C PHE D 341 -3.58 31.91 18.04
N LYS D 342 -2.40 31.66 17.44
CA LYS D 342 -2.16 32.04 16.05
C LYS D 342 -2.47 30.92 15.05
N PHE D 343 -2.73 29.70 15.52
CA PHE D 343 -3.18 28.61 14.65
C PHE D 343 -4.43 28.01 15.27
N GLN D 344 -5.54 28.08 14.55
CA GLN D 344 -6.82 27.61 15.05
C GLN D 344 -7.46 26.73 14.00
N PHE D 345 -8.12 25.66 14.42
CA PHE D 345 -8.51 24.64 13.45
C PHE D 345 -9.73 23.88 13.96
N ILE D 346 -10.60 23.49 13.02
CA ILE D 346 -11.73 22.62 13.33
C ILE D 346 -11.32 21.22 12.89
N THR D 347 -10.98 20.38 13.88
CA THR D 347 -10.38 19.08 13.61
C THR D 347 -11.24 18.21 12.70
N LEU D 348 -12.53 18.05 13.04
CA LEU D 348 -13.36 17.05 12.40
C LEU D 348 -14.30 17.64 11.36
N ALA D 349 -13.95 18.80 10.79
CA ALA D 349 -14.79 19.45 9.79
C ALA D 349 -15.02 18.54 8.58
N GLY D 350 -13.99 17.83 8.13
CA GLY D 350 -14.12 16.98 6.96
C GLY D 350 -15.05 15.81 7.20
N PHE D 351 -14.90 15.12 8.34
CA PHE D 351 -15.80 14.02 8.68
C PHE D 351 -17.24 14.48 8.68
N HIS D 352 -17.51 15.65 9.26
CA HIS D 352 -18.90 16.07 9.38
C HIS D 352 -19.46 16.56 8.05
N ALA D 353 -18.68 17.30 7.26
CA ALA D 353 -19.17 17.74 5.96
C ALA D 353 -19.42 16.53 5.05
N LEU D 354 -18.52 15.55 5.09
CA LEU D 354 -18.68 14.35 4.25
C LEU D 354 -19.88 13.52 4.68
N ASN D 355 -19.98 13.20 5.97
CA ASN D 355 -21.06 12.33 6.43
C ASN D 355 -22.42 13.01 6.28
N TYR D 356 -22.51 14.29 6.65
CA TYR D 356 -23.80 14.96 6.54
C TYR D 356 -24.23 15.10 5.08
N SER D 357 -23.30 15.52 4.20
CA SER D 357 -23.72 15.81 2.82
C SER D 357 -24.19 14.54 2.10
N MET D 358 -23.53 13.41 2.35
CA MET D 358 -23.97 12.17 1.70
C MET D 358 -25.26 11.66 2.33
N PHE D 359 -25.43 11.80 3.65
CA PHE D 359 -26.71 11.39 4.23
C PHE D 359 -27.85 12.21 3.66
N ASP D 360 -27.64 13.52 3.54
CA ASP D 360 -28.71 14.40 3.06
C ASP D 360 -29.07 14.08 1.63
N LEU D 361 -28.07 13.90 0.77
CA LEU D 361 -28.33 13.52 -0.61
C LEU D 361 -29.01 12.15 -0.68
N ALA D 362 -28.46 11.17 0.03
CA ALA D 362 -28.98 9.80 -0.11
C ALA D 362 -30.40 9.68 0.43
N TYR D 363 -30.71 10.43 1.50
CA TYR D 363 -32.08 10.39 2.03
C TYR D 363 -33.06 10.93 1.00
N GLY D 364 -32.76 12.09 0.43
CA GLY D 364 -33.62 12.64 -0.62
C GLY D 364 -33.73 11.73 -1.82
N TYR D 365 -32.60 11.11 -2.22
CA TYR D 365 -32.60 10.17 -3.34
C TYR D 365 -33.49 8.97 -3.07
N ALA D 366 -33.45 8.43 -1.85
CA ALA D 366 -34.28 7.28 -1.52
C ALA D 366 -35.77 7.62 -1.67
N GLN D 367 -36.17 8.86 -1.36
CA GLN D 367 -37.57 9.28 -1.47
C GLN D 367 -37.94 9.73 -2.88
N ASN D 368 -37.09 10.56 -3.49
CA ASN D 368 -37.48 11.33 -4.67
C ASN D 368 -36.57 11.10 -5.87
N GLN D 369 -35.62 10.17 -5.77
CA GLN D 369 -34.70 9.86 -6.87
C GLN D 369 -34.06 11.11 -7.48
N MET D 370 -34.20 11.35 -8.78
CA MET D 370 -33.36 12.36 -9.44
C MET D 370 -33.65 13.78 -8.98
N SER D 371 -34.83 14.06 -8.44
CA SER D 371 -35.10 15.41 -7.95
C SER D 371 -34.11 15.82 -6.87
N ALA D 372 -33.73 14.87 -6.00
CA ALA D 372 -32.79 15.20 -4.93
C ALA D 372 -31.41 15.52 -5.47
N TYR D 373 -30.96 14.79 -6.50
CA TYR D 373 -29.65 15.11 -7.06
C TYR D 373 -29.68 16.45 -7.79
N VAL D 374 -30.75 16.72 -8.54
CA VAL D 374 -30.82 17.98 -9.27
C VAL D 374 -30.77 19.17 -8.33
N GLU D 375 -31.31 19.03 -7.11
CA GLU D 375 -31.20 20.11 -6.14
C GLU D 375 -29.75 20.40 -5.81
N LEU D 376 -28.93 19.36 -5.66
CA LEU D 376 -27.50 19.57 -5.39
C LEU D 376 -26.81 20.20 -6.60
N GLN D 377 -27.02 19.65 -7.80
CA GLN D 377 -26.40 20.22 -8.99
C GLN D 377 -26.73 21.70 -9.16
N GLU D 378 -27.98 22.08 -8.87
CA GLU D 378 -28.34 23.49 -8.99
C GLU D 378 -27.67 24.33 -7.92
N ARG D 379 -27.47 23.79 -6.71
CA ARG D 379 -26.69 24.52 -5.72
C ARG D 379 -25.24 24.70 -6.17
N GLU D 380 -24.70 23.72 -6.91
CA GLU D 380 -23.34 23.87 -7.42
C GLU D 380 -23.26 24.96 -8.48
N PHE D 381 -24.21 24.98 -9.43
CA PHE D 381 -24.22 26.06 -10.43
C PHE D 381 -24.29 27.43 -9.75
N ALA D 382 -25.12 27.55 -8.71
CA ALA D 382 -25.26 28.82 -8.01
C ALA D 382 -23.99 29.22 -7.28
N ALA D 383 -23.19 28.25 -6.82
CA ALA D 383 -21.98 28.56 -6.09
C ALA D 383 -20.84 29.02 -6.99
N GLU D 384 -20.98 28.90 -8.31
CA GLU D 384 -19.95 29.41 -9.20
C GLU D 384 -19.78 30.92 -9.07
N GLU D 385 -20.81 31.64 -8.64
CA GLU D 385 -20.67 33.07 -8.34
C GLU D 385 -19.60 33.30 -7.28
N ARG D 386 -19.53 32.41 -6.29
CA ARG D 386 -18.56 32.51 -5.19
C ARG D 386 -17.19 31.95 -5.54
N GLY D 387 -17.01 31.37 -6.73
CA GLY D 387 -15.72 30.83 -7.14
C GLY D 387 -15.65 29.31 -7.23
N TYR D 388 -16.75 28.61 -6.95
CA TYR D 388 -16.77 27.15 -7.08
C TYR D 388 -16.55 26.74 -8.53
N THR D 389 -15.70 25.71 -8.74
CA THR D 389 -15.38 25.26 -10.10
C THR D 389 -15.65 23.78 -10.33
N ALA D 390 -15.97 23.00 -9.30
CA ALA D 390 -16.03 21.55 -9.48
C ALA D 390 -17.30 21.07 -10.18
N THR D 391 -18.27 21.94 -10.46
CA THR D 391 -19.37 21.52 -11.32
C THR D 391 -18.86 20.99 -12.65
N LYS D 392 -17.78 21.59 -13.16
CA LYS D 392 -17.10 21.10 -14.36
C LYS D 392 -16.08 20.06 -13.91
N HIS D 393 -16.57 18.85 -13.66
CA HIS D 393 -15.77 17.87 -12.95
C HIS D 393 -14.65 17.30 -13.80
N GLN D 394 -14.77 17.29 -15.13
CA GLN D 394 -13.69 16.74 -15.94
C GLN D 394 -12.44 17.63 -15.85
N ARG D 395 -12.59 18.93 -16.08
CA ARG D 395 -11.42 19.79 -15.94
C ARG D 395 -10.93 19.85 -14.50
N GLU D 396 -11.84 19.68 -13.53
CA GLU D 396 -11.47 19.80 -12.12
C GLU D 396 -10.44 18.75 -11.72
N VAL D 397 -10.49 17.56 -12.30
CA VAL D 397 -9.54 16.49 -11.98
C VAL D 397 -8.44 16.36 -13.04
N GLY D 398 -8.36 17.29 -13.98
CA GLY D 398 -7.22 17.38 -14.87
C GLY D 398 -7.39 16.83 -16.28
N ALA D 399 -8.62 16.64 -16.76
CA ALA D 399 -8.77 16.20 -18.14
C ALA D 399 -8.13 17.19 -19.13
N GLY D 400 -8.23 18.49 -18.85
CA GLY D 400 -7.57 19.46 -19.70
C GLY D 400 -6.05 19.41 -19.61
N TYR D 401 -5.53 19.16 -18.40
CA TYR D 401 -4.09 19.07 -18.19
C TYR D 401 -3.50 17.87 -18.93
N PHE D 402 -4.14 16.71 -18.82
CA PHE D 402 -3.62 15.53 -19.52
C PHE D 402 -3.85 15.62 -21.03
N ASP D 403 -4.88 16.34 -21.47
CA ASP D 403 -5.00 16.68 -22.90
C ASP D 403 -3.76 17.42 -23.36
N ARG D 404 -3.25 18.32 -22.52
CA ARG D 404 -2.09 19.11 -22.89
C ARG D 404 -0.84 18.26 -22.95
N ILE D 405 -0.69 17.33 -22.00
CA ILE D 405 0.40 16.36 -22.10
C ILE D 405 0.30 15.59 -23.42
N ALA D 406 -0.91 15.13 -23.74
CA ALA D 406 -1.09 14.26 -24.91
C ALA D 406 -0.77 14.99 -26.21
N THR D 407 -1.19 16.25 -26.34
CA THR D 407 -0.87 16.99 -27.56
C THR D 407 0.56 17.51 -27.57
N THR D 408 1.21 17.62 -26.40
CA THR D 408 2.64 17.89 -26.40
C THR D 408 3.41 16.69 -26.96
N VAL D 409 2.99 15.48 -26.60
CA VAL D 409 3.63 14.29 -27.13
C VAL D 409 3.29 14.09 -28.61
N ASP D 410 2.02 14.32 -28.98
CA ASP D 410 1.55 14.06 -30.34
C ASP D 410 0.46 15.07 -30.68
N PRO D 411 0.83 16.18 -31.32
CA PRO D 411 -0.17 17.23 -31.60
C PRO D 411 -1.34 16.75 -32.45
N ASN D 412 -1.20 15.66 -33.20
CA ASN D 412 -2.28 15.17 -34.07
C ASN D 412 -3.08 14.03 -33.45
N SER D 413 -2.95 13.79 -32.14
CA SER D 413 -3.67 12.72 -31.49
C SER D 413 -5.16 12.79 -31.79
N SER D 414 -5.74 11.64 -32.18
CA SER D 414 -7.18 11.49 -32.38
C SER D 414 -7.95 11.22 -31.09
N THR D 415 -7.27 11.09 -29.95
CA THR D 415 -7.92 10.51 -28.77
C THR D 415 -7.81 11.42 -27.55
N THR D 416 -7.80 12.74 -27.74
CA THR D 416 -7.90 13.64 -26.60
C THR D 416 -9.34 13.66 -26.07
N ALA D 417 -9.51 14.16 -24.85
CA ALA D 417 -10.71 13.89 -24.05
C ALA D 417 -11.73 15.02 -24.04
N LEU D 418 -11.32 16.28 -23.90
CA LEU D 418 -12.32 17.31 -23.64
C LEU D 418 -13.11 17.64 -24.90
N THR D 419 -12.47 17.63 -26.06
CA THR D 419 -13.18 17.88 -27.32
C THR D 419 -14.18 16.75 -27.57
N GLY D 420 -15.45 17.10 -27.74
CA GLY D 420 -16.51 16.12 -27.90
C GLY D 420 -17.14 15.66 -26.60
N SER D 421 -16.70 16.18 -25.45
CA SER D 421 -17.28 15.82 -24.16
C SER D 421 -18.64 16.50 -23.95
N THR D 422 -19.48 15.88 -23.11
CA THR D 422 -20.72 16.52 -22.72
C THR D 422 -20.46 17.72 -21.81
N GLU D 423 -19.30 17.78 -21.16
CA GLU D 423 -18.94 18.96 -20.38
C GLU D 423 -18.79 20.18 -21.28
N GLU D 424 -18.04 20.04 -22.37
CA GLU D 424 -17.92 21.12 -23.35
C GLU D 424 -19.26 21.43 -24.03
N GLY D 425 -20.14 20.45 -24.16
CA GLY D 425 -21.41 20.65 -24.85
C GLY D 425 -22.56 21.17 -24.01
N GLN D 426 -22.60 20.82 -22.72
CA GLN D 426 -23.73 21.17 -21.86
C GLN D 426 -23.36 22.05 -20.68
N PHE D 427 -22.08 22.36 -20.48
CA PHE D 427 -21.66 23.20 -19.37
C PHE D 427 -20.95 24.43 -19.90
#